data_7S9A
#
_entry.id   7S9A
#
_cell.length_a   1.00
_cell.length_b   1.00
_cell.length_c   1.00
_cell.angle_alpha   90.00
_cell.angle_beta   90.00
_cell.angle_gamma   90.00
#
_symmetry.space_group_name_H-M   'P 1'
#
loop_
_entity.id
_entity.type
_entity.pdbx_description
1 polymer Prestin
2 non-polymer '2-HYDROXYBENZOIC ACID'
#
_entity_poly.entity_id   1
_entity_poly.type   'polypeptide(L)'
_entity_poly.pdbx_seq_one_letter_code
;MDHVEETEILAATQRYYVERPIFSHPVLQERLHKKDKISESIGDKLKQAFTCTPKKIRNIIYMFLPITKWLPAYRFKEYV
LGDIVSGISTGVLQLPQGLAFAMLAAVPPVFGLYSSFYPVIMYCFFGTSRHISIGPFAVISLMIGGVAVRLVPDDIVIPG
GVNATNSTEARDALRVKVAMSVTLLTGIIQFCLGVCRFGFVAIYLTEPLVRGFTTAAAVHVFTSMLKYLFGVKTKRYSGI
FSVVYSTVAVLQNVKNLNVCSLGVGLMVFGLLLGGKEFNERFKEKLPAPIPLEFFAVVMGTGISAGFSLHESYNVDVVGT
LPLGLLPPANPDTSLFHLVYVDAIAIAIVGFSVTISMAKTLANKHGYQVDGNQELIALGLCNSTGSLFQTFAISCSLSRS
LVQEGTGGKTQLAGCLASLMILLVILATGFLFESLPQAVLSAIVIVNLKGMFMQFSDLPFFWRTSKIELTIWLTTFVSSL
FLGLDYGLITAVIIALMTVIYRTQSPSYIVLGQLPDTDVYIDIDAYEEVKEVPGIKIFQINAPIYYANSDLYSSALKRKT
GVNPAFILGARRKAMKKYAKEVGNANMANATVVKVDAEVDAEDGTKPEEEEDEIKYPPIVTKSTLPEELQRFMPPGDNVH
TIILDFTQVNFMDSVGVKTLAGIVKEYGDVGIYVYLAGCSAQVVSDLTQNQFFENPALLDLLFHSIHDAVLGSQVREALA
EQEATAAPPQEDSEPNATPEA
;
_entity_poly.pdbx_strand_id   A,B
#
loop_
_chem_comp.id
_chem_comp.type
_chem_comp.name
_chem_comp.formula
SAL non-polymer '2-HYDROXYBENZOIC ACID' 'C7 H6 O3'
#
# COMPACT_ATOMS: atom_id res chain seq x y z
N THR A 13 42.92 22.38 -11.10
CA THR A 13 42.75 23.38 -10.04
C THR A 13 42.65 24.77 -10.63
N GLN A 14 41.97 24.89 -11.77
CA GLN A 14 41.85 26.15 -12.48
C GLN A 14 40.44 26.70 -12.50
N ARG A 15 39.43 25.84 -12.61
CA ARG A 15 38.04 26.27 -12.66
C ARG A 15 37.40 26.18 -11.27
N TYR A 16 36.10 26.49 -11.22
CA TYR A 16 35.30 26.40 -10.01
C TYR A 16 35.87 27.29 -8.90
N TYR A 17 35.81 28.59 -9.15
CA TYR A 17 36.14 29.61 -8.18
C TYR A 17 34.85 30.22 -7.66
N VAL A 18 34.67 30.23 -6.33
CA VAL A 18 33.41 30.65 -5.72
C VAL A 18 33.57 31.95 -4.92
N GLU A 19 34.34 31.92 -3.84
CA GLU A 19 34.57 33.09 -2.98
C GLU A 19 33.25 33.77 -2.62
N ARG A 20 32.44 33.05 -1.83
CA ARG A 20 31.12 33.51 -1.45
C ARG A 20 30.97 33.47 0.07
N PRO A 21 30.25 34.43 0.66
CA PRO A 21 30.09 34.43 2.12
C PRO A 21 29.22 33.27 2.59
N ILE A 22 29.31 33.01 3.91
CA ILE A 22 28.56 31.92 4.51
C ILE A 22 27.07 32.22 4.45
N PHE A 23 26.29 31.24 3.98
CA PHE A 23 24.85 31.40 3.81
C PHE A 23 24.16 30.42 4.77
N SER A 24 23.96 30.86 6.02
CA SER A 24 23.26 30.02 6.98
C SER A 24 21.81 29.79 6.56
N HIS A 25 21.00 30.84 6.59
CA HIS A 25 19.60 30.82 6.14
C HIS A 25 18.96 32.19 6.36
N PRO A 26 19.03 32.80 7.56
CA PRO A 26 18.57 34.19 7.67
C PRO A 26 19.36 35.14 6.79
N VAL A 27 20.66 34.88 6.62
CA VAL A 27 21.47 35.70 5.72
C VAL A 27 20.96 35.59 4.29
N LEU A 28 20.72 34.35 3.84
CA LEU A 28 20.17 34.17 2.51
C LEU A 28 18.76 34.72 2.41
N GLN A 29 17.98 34.64 3.48
CA GLN A 29 16.62 35.17 3.45
C GLN A 29 16.62 36.68 3.28
N GLU A 30 17.48 37.39 4.01
CA GLU A 30 17.55 38.84 3.86
C GLU A 30 18.27 39.24 2.58
N ARG A 31 19.07 38.35 2.01
CA ARG A 31 19.71 38.63 0.73
C ARG A 31 18.73 38.63 -0.43
N LEU A 32 17.61 37.93 -0.30
CA LEU A 32 16.66 37.73 -1.38
C LEU A 32 15.39 38.54 -1.15
N HIS A 33 14.44 38.38 -2.07
CA HIS A 33 13.15 39.04 -2.01
C HIS A 33 12.10 38.02 -2.44
N LYS A 34 10.88 38.49 -2.72
CA LYS A 34 9.77 37.61 -3.04
C LYS A 34 9.04 38.09 -4.28
N LYS A 35 8.40 37.13 -4.96
CA LYS A 35 7.50 37.38 -6.06
C LYS A 35 6.10 36.88 -5.68
N ASP A 36 5.11 37.22 -6.49
CA ASP A 36 3.73 36.84 -6.22
C ASP A 36 3.19 35.86 -7.25
N LYS A 37 3.18 36.23 -8.52
CA LYS A 37 2.65 35.42 -9.61
C LYS A 37 1.32 34.77 -9.22
N ILE A 38 0.37 35.62 -8.82
CA ILE A 38 -0.91 35.17 -8.31
C ILE A 38 -1.88 35.01 -9.48
N SER A 39 -2.47 33.82 -9.59
CA SER A 39 -3.49 33.58 -10.60
C SER A 39 -4.81 34.19 -10.17
N GLU A 40 -5.66 34.46 -11.16
CA GLU A 40 -6.98 35.04 -10.93
C GLU A 40 -8.06 34.08 -11.43
N SER A 41 -9.26 34.23 -10.87
CA SER A 41 -10.41 33.40 -11.22
C SER A 41 -10.11 31.92 -10.96
N ILE A 42 -9.67 31.64 -9.74
CA ILE A 42 -9.34 30.28 -9.34
C ILE A 42 -10.61 29.44 -9.30
N GLY A 43 -10.54 28.24 -9.88
CA GLY A 43 -11.68 27.36 -9.94
C GLY A 43 -12.69 27.68 -11.02
N ASP A 44 -12.43 28.71 -11.83
CA ASP A 44 -13.35 29.10 -12.90
C ASP A 44 -12.64 29.18 -14.25
N LYS A 45 -11.45 28.57 -14.37
CA LYS A 45 -10.72 28.58 -15.62
C LYS A 45 -11.44 27.78 -16.72
N LEU A 46 -12.29 26.83 -16.34
CA LEU A 46 -13.01 26.02 -17.30
C LEU A 46 -14.34 26.63 -17.69
N LYS A 47 -14.72 27.76 -17.10
CA LYS A 47 -15.96 28.44 -17.49
C LYS A 47 -15.88 29.08 -18.87
N GLN A 48 -14.68 29.22 -19.43
CA GLN A 48 -14.51 29.73 -20.78
C GLN A 48 -14.56 28.62 -21.83
N ALA A 49 -14.75 27.37 -21.42
CA ALA A 49 -14.81 26.25 -22.34
C ALA A 49 -16.22 26.12 -22.91
N PHE A 50 -16.45 25.07 -23.70
CA PHE A 50 -17.73 24.83 -24.37
C PHE A 50 -18.13 26.04 -25.22
N THR A 51 -17.16 26.62 -25.91
CA THR A 51 -17.36 27.78 -26.75
C THR A 51 -17.52 27.33 -28.20
N CYS A 52 -17.70 28.31 -29.09
CA CYS A 52 -17.90 28.06 -30.51
C CYS A 52 -16.59 28.03 -31.29
N THR A 53 -15.48 27.72 -30.64
CA THR A 53 -14.20 27.67 -31.33
C THR A 53 -14.16 26.47 -32.26
N PRO A 54 -13.93 26.67 -33.56
CA PRO A 54 -13.86 25.50 -34.47
C PRO A 54 -12.72 24.55 -34.14
N LYS A 55 -11.59 25.09 -33.69
CA LYS A 55 -10.44 24.23 -33.36
C LYS A 55 -10.76 23.31 -32.19
N LYS A 56 -11.41 23.86 -31.15
CA LYS A 56 -11.74 23.04 -29.98
C LYS A 56 -12.73 21.94 -30.33
N ILE A 57 -13.76 22.27 -31.12
CA ILE A 57 -14.74 21.28 -31.51
C ILE A 57 -14.10 20.21 -32.39
N ARG A 58 -13.23 20.63 -33.31
CA ARG A 58 -12.51 19.67 -34.15
C ARG A 58 -11.66 18.74 -33.31
N ASN A 59 -10.96 19.28 -32.32
CA ASN A 59 -10.12 18.45 -31.45
C ASN A 59 -10.97 17.48 -30.64
N ILE A 60 -12.12 17.93 -30.14
CA ILE A 60 -12.98 17.04 -29.36
C ILE A 60 -13.50 15.90 -30.24
N ILE A 61 -13.94 16.23 -31.46
CA ILE A 61 -14.42 15.19 -32.36
C ILE A 61 -13.31 14.22 -32.72
N TYR A 62 -12.09 14.73 -32.93
CA TYR A 62 -10.96 13.85 -33.19
C TYR A 62 -10.68 12.94 -32.01
N MET A 63 -10.76 13.48 -30.79
CA MET A 63 -10.50 12.68 -29.60
C MET A 63 -11.52 11.57 -29.43
N PHE A 64 -12.80 11.88 -29.62
CA PHE A 64 -13.85 10.89 -29.40
C PHE A 64 -14.11 10.00 -30.60
N LEU A 65 -13.62 10.37 -31.78
CA LEU A 65 -13.74 9.53 -32.99
C LEU A 65 -12.36 9.37 -33.61
N PRO A 66 -11.54 8.44 -33.10
CA PRO A 66 -10.20 8.23 -33.67
C PRO A 66 -10.19 7.96 -35.16
N ILE A 67 -11.27 7.39 -35.71
CA ILE A 67 -11.25 6.96 -37.11
C ILE A 67 -11.12 8.15 -38.06
N THR A 68 -11.53 9.34 -37.63
CA THR A 68 -11.48 10.49 -38.52
C THR A 68 -10.05 10.97 -38.74
N LYS A 69 -9.25 11.06 -37.66
CA LYS A 69 -7.90 11.61 -37.78
C LYS A 69 -7.00 10.70 -38.61
N TRP A 70 -6.96 9.41 -38.27
CA TRP A 70 -6.06 8.45 -38.92
C TRP A 70 -6.83 7.77 -40.04
N LEU A 71 -6.83 8.39 -41.22
CA LEU A 71 -7.54 7.87 -42.38
C LEU A 71 -7.05 8.50 -43.68
N PRO A 72 -6.91 9.84 -43.76
CA PRO A 72 -6.39 10.42 -45.01
C PRO A 72 -5.00 9.91 -45.39
N ALA A 73 -4.15 9.64 -44.41
CA ALA A 73 -2.80 9.13 -44.68
C ALA A 73 -2.92 7.72 -45.26
N TYR A 74 -2.69 7.59 -46.56
CA TYR A 74 -2.96 6.33 -47.26
C TYR A 74 -1.99 6.22 -48.44
N ARG A 75 -0.88 5.52 -48.22
CA ARG A 75 0.09 5.25 -49.27
C ARG A 75 -0.13 3.85 -49.84
N PHE A 76 0.56 3.56 -50.95
CA PHE A 76 0.25 2.40 -51.77
C PHE A 76 1.41 1.48 -52.06
N LYS A 77 2.66 1.90 -51.83
CA LYS A 77 3.81 1.09 -52.21
C LYS A 77 3.83 -0.23 -51.45
N GLU A 78 3.98 -0.17 -50.13
CA GLU A 78 4.03 -1.36 -49.29
C GLU A 78 2.95 -1.40 -48.22
N TYR A 79 2.23 -0.29 -48.01
CA TYR A 79 1.17 -0.26 -47.01
C TYR A 79 0.06 -1.25 -47.35
N VAL A 80 -0.39 -1.25 -48.59
CA VAL A 80 -1.53 -2.09 -48.97
C VAL A 80 -1.16 -3.57 -48.85
N LEU A 81 0.01 -3.95 -49.36
CA LEU A 81 0.42 -5.34 -49.30
C LEU A 81 0.60 -5.81 -47.87
N GLY A 82 1.26 -5.01 -47.05
CA GLY A 82 1.45 -5.38 -45.65
C GLY A 82 0.14 -5.50 -44.90
N ASP A 83 -0.76 -4.54 -45.10
CA ASP A 83 -2.06 -4.60 -44.44
C ASP A 83 -2.85 -5.82 -44.89
N ILE A 84 -2.82 -6.14 -46.18
CA ILE A 84 -3.56 -7.27 -46.69
C ILE A 84 -3.02 -8.58 -46.12
N VAL A 85 -1.69 -8.74 -46.11
CA VAL A 85 -1.13 -9.99 -45.61
C VAL A 85 -1.35 -10.11 -44.11
N SER A 86 -1.28 -8.98 -43.38
CA SER A 86 -1.57 -9.01 -41.95
C SER A 86 -3.02 -9.42 -41.70
N GLY A 87 -3.95 -8.90 -42.50
CA GLY A 87 -5.34 -9.30 -42.37
C GLY A 87 -5.56 -10.77 -42.66
N ILE A 88 -4.92 -11.28 -43.71
CA ILE A 88 -5.03 -12.70 -44.04
C ILE A 88 -4.55 -13.54 -42.86
N SER A 89 -3.35 -13.23 -42.35
CA SER A 89 -2.78 -14.01 -41.26
C SER A 89 -3.62 -13.93 -40.00
N THR A 90 -4.10 -12.73 -39.66
CA THR A 90 -4.85 -12.59 -38.42
C THR A 90 -6.21 -13.25 -38.52
N GLY A 91 -6.84 -13.25 -39.70
CA GLY A 91 -8.10 -13.96 -39.84
C GLY A 91 -7.94 -15.46 -39.75
N VAL A 92 -6.93 -16.01 -40.44
CA VAL A 92 -6.73 -17.45 -40.41
C VAL A 92 -6.23 -17.90 -39.04
N LEU A 93 -5.65 -17.00 -38.24
CA LEU A 93 -5.32 -17.33 -36.87
C LEU A 93 -6.51 -17.19 -35.94
N GLN A 94 -7.40 -16.23 -36.21
CA GLN A 94 -8.53 -15.97 -35.32
C GLN A 94 -9.60 -17.03 -35.44
N LEU A 95 -9.78 -17.61 -36.63
CA LEU A 95 -10.87 -18.59 -36.79
C LEU A 95 -10.73 -19.80 -35.87
N PRO A 96 -9.65 -20.59 -35.92
CA PRO A 96 -9.65 -21.84 -35.15
C PRO A 96 -9.59 -21.63 -33.64
N GLN A 97 -8.70 -20.75 -33.17
CA GLN A 97 -8.66 -20.50 -31.74
C GLN A 97 -9.86 -19.70 -31.26
N GLY A 98 -10.54 -18.97 -32.14
CA GLY A 98 -11.83 -18.41 -31.79
C GLY A 98 -12.86 -19.50 -31.52
N LEU A 99 -12.90 -20.51 -32.40
CA LEU A 99 -13.77 -21.66 -32.15
C LEU A 99 -13.40 -22.34 -30.83
N ALA A 100 -12.11 -22.51 -30.59
CA ALA A 100 -11.66 -23.17 -29.36
C ALA A 100 -12.07 -22.38 -28.12
N PHE A 101 -11.95 -21.05 -28.17
CA PHE A 101 -12.32 -20.23 -27.03
C PHE A 101 -13.82 -20.27 -26.80
N ALA A 102 -14.62 -20.29 -27.86
CA ALA A 102 -16.06 -20.46 -27.70
C ALA A 102 -16.37 -21.80 -27.07
N MET A 103 -15.68 -22.85 -27.52
CA MET A 103 -15.90 -24.20 -27.00
C MET A 103 -15.48 -24.32 -25.53
N LEU A 104 -14.49 -23.55 -25.10
CA LEU A 104 -14.06 -23.60 -23.70
C LEU A 104 -15.09 -23.02 -22.74
N ALA A 105 -16.07 -22.25 -23.23
CA ALA A 105 -17.03 -21.56 -22.37
C ALA A 105 -18.37 -22.28 -22.31
N ALA A 106 -18.43 -23.55 -22.70
CA ALA A 106 -19.67 -24.32 -22.73
C ALA A 106 -20.72 -23.63 -23.60
N VAL A 107 -20.27 -23.06 -24.71
CA VAL A 107 -21.14 -22.35 -25.65
C VAL A 107 -20.81 -22.85 -27.05
N PRO A 108 -21.79 -23.01 -27.93
CA PRO A 108 -21.48 -23.49 -29.27
C PRO A 108 -20.57 -22.52 -30.00
N PRO A 109 -19.74 -23.01 -30.92
CA PRO A 109 -18.74 -22.15 -31.58
C PRO A 109 -19.33 -21.04 -32.45
N VAL A 110 -20.62 -21.10 -32.78
CA VAL A 110 -21.24 -20.03 -33.56
C VAL A 110 -21.12 -18.70 -32.83
N PHE A 111 -21.27 -18.73 -31.51
CA PHE A 111 -21.06 -17.52 -30.72
C PHE A 111 -19.62 -17.07 -30.75
N GLY A 112 -18.68 -18.01 -30.89
CA GLY A 112 -17.29 -17.63 -31.10
C GLY A 112 -17.09 -16.91 -32.41
N LEU A 113 -17.74 -17.38 -33.47
CA LEU A 113 -17.69 -16.66 -34.75
C LEU A 113 -18.30 -15.27 -34.61
N TYR A 114 -19.41 -15.16 -33.89
CA TYR A 114 -20.03 -13.86 -33.65
C TYR A 114 -19.08 -12.93 -32.90
N SER A 115 -18.37 -13.46 -31.90
CA SER A 115 -17.41 -12.65 -31.15
C SER A 115 -16.23 -12.25 -32.02
N SER A 116 -15.84 -13.11 -32.96
CA SER A 116 -14.78 -12.76 -33.88
C SER A 116 -15.21 -11.68 -34.86
N PHE A 117 -16.49 -11.65 -35.22
CA PHE A 117 -16.95 -10.74 -36.27
C PHE A 117 -17.43 -9.39 -35.73
N TYR A 118 -18.41 -9.39 -34.83
CA TYR A 118 -19.11 -8.16 -34.47
C TYR A 118 -18.20 -7.09 -33.88
N PRO A 119 -17.55 -7.30 -32.72
CA PRO A 119 -16.91 -6.17 -32.04
C PRO A 119 -15.67 -5.64 -32.74
N VAL A 120 -15.05 -6.41 -33.64
CA VAL A 120 -13.86 -5.92 -34.34
C VAL A 120 -14.21 -4.72 -35.21
N ILE A 121 -15.36 -4.78 -35.90
CA ILE A 121 -15.78 -3.68 -36.75
C ILE A 121 -15.95 -2.41 -35.93
N MET A 122 -16.59 -2.52 -34.77
CA MET A 122 -16.81 -1.34 -33.95
C MET A 122 -15.52 -0.81 -33.33
N TYR A 123 -14.61 -1.71 -32.94
CA TYR A 123 -13.33 -1.24 -32.43
C TYR A 123 -12.51 -0.57 -33.52
N CYS A 124 -12.76 -0.94 -34.78
CA CYS A 124 -12.14 -0.19 -35.88
C CYS A 124 -12.59 1.26 -35.88
N PHE A 125 -13.87 1.51 -35.63
CA PHE A 125 -14.38 2.87 -35.58
C PHE A 125 -14.01 3.60 -34.29
N PHE A 126 -13.69 2.86 -33.23
CA PHE A 126 -13.32 3.45 -31.94
C PHE A 126 -12.07 2.72 -31.44
N GLY A 127 -10.91 3.34 -31.63
CA GLY A 127 -9.68 2.73 -31.18
C GLY A 127 -8.46 3.59 -31.42
N THR A 128 -7.62 3.74 -30.39
CA THR A 128 -6.42 4.55 -30.50
C THR A 128 -5.23 3.75 -31.01
N SER A 129 -5.01 2.56 -30.47
CA SER A 129 -3.90 1.73 -30.92
C SER A 129 -4.15 1.25 -32.34
N ARG A 130 -3.07 1.20 -33.13
CA ARG A 130 -3.15 0.83 -34.54
C ARG A 130 -2.48 -0.51 -34.83
N HIS A 131 -2.13 -1.28 -33.80
CA HIS A 131 -1.50 -2.58 -34.00
C HIS A 131 -2.05 -3.63 -33.05
N ILE A 132 -3.28 -3.48 -32.58
CA ILE A 132 -3.87 -4.36 -31.57
C ILE A 132 -4.94 -5.21 -32.23
N SER A 133 -4.97 -6.49 -31.87
CA SER A 133 -5.97 -7.42 -32.36
C SER A 133 -7.10 -7.55 -31.35
N ILE A 134 -8.29 -7.84 -31.84
CA ILE A 134 -9.49 -7.94 -31.02
C ILE A 134 -10.14 -9.29 -31.27
N GLY A 135 -10.51 -9.99 -30.19
CA GLY A 135 -11.14 -11.27 -30.30
C GLY A 135 -11.62 -11.82 -28.97
N PRO A 136 -12.03 -13.12 -28.87
CA PRO A 136 -12.63 -13.63 -27.63
C PRO A 136 -11.66 -13.72 -26.44
N PHE A 137 -10.37 -13.97 -26.71
CA PHE A 137 -9.35 -14.12 -25.64
C PHE A 137 -9.57 -15.45 -24.88
N ALA A 138 -8.64 -15.80 -23.99
CA ALA A 138 -8.68 -17.07 -23.30
C ALA A 138 -9.19 -16.98 -21.87
N VAL A 139 -8.54 -16.13 -21.06
CA VAL A 139 -8.92 -15.97 -19.63
C VAL A 139 -10.39 -15.56 -19.55
N ILE A 140 -10.79 -14.59 -20.38
CA ILE A 140 -12.21 -14.12 -20.41
C ILE A 140 -13.12 -15.32 -20.65
N SER A 141 -12.84 -16.11 -21.70
CA SER A 141 -13.67 -17.26 -22.03
C SER A 141 -13.76 -18.24 -20.87
N LEU A 142 -12.64 -18.48 -20.18
CA LEU A 142 -12.65 -19.36 -19.03
C LEU A 142 -13.58 -18.85 -17.94
N MET A 143 -13.51 -17.55 -17.63
CA MET A 143 -14.35 -17.00 -16.58
C MET A 143 -15.82 -17.02 -16.97
N ILE A 144 -16.12 -16.73 -18.23
CA ILE A 144 -17.51 -16.80 -18.70
C ILE A 144 -18.03 -18.23 -18.58
N GLY A 145 -17.23 -19.20 -18.99
CA GLY A 145 -17.66 -20.59 -18.89
C GLY A 145 -17.87 -21.03 -17.46
N GLY A 146 -16.97 -20.64 -16.56
CA GLY A 146 -17.13 -20.97 -15.16
C GLY A 146 -18.40 -20.39 -14.57
N VAL A 147 -18.68 -19.13 -14.89
CA VAL A 147 -19.91 -18.49 -14.39
C VAL A 147 -21.13 -19.20 -14.93
N ALA A 148 -21.13 -19.51 -16.24
CA ALA A 148 -22.29 -20.17 -16.85
C ALA A 148 -22.51 -21.55 -16.25
N VAL A 149 -21.44 -22.31 -16.01
CA VAL A 149 -21.58 -23.63 -15.44
C VAL A 149 -22.08 -23.54 -14.01
N ARG A 150 -21.52 -22.63 -13.21
CA ARG A 150 -21.94 -22.51 -11.81
C ARG A 150 -23.39 -22.08 -11.68
N LEU A 151 -23.82 -21.10 -12.48
CA LEU A 151 -25.17 -20.58 -12.32
C LEU A 151 -26.20 -21.54 -12.90
N VAL A 152 -25.87 -22.20 -13.99
CA VAL A 152 -26.75 -23.20 -14.62
C VAL A 152 -26.03 -24.54 -14.59
N PRO A 153 -26.34 -25.41 -13.64
CA PRO A 153 -25.66 -26.71 -13.57
C PRO A 153 -26.13 -27.64 -14.68
N ASP A 154 -25.39 -28.73 -14.84
CA ASP A 154 -25.66 -29.72 -15.87
C ASP A 154 -26.64 -30.81 -15.42
N ASP A 155 -27.08 -30.78 -14.16
CA ASP A 155 -27.98 -31.80 -13.65
C ASP A 155 -29.42 -31.33 -13.53
N ILE A 156 -29.64 -30.02 -13.40
CA ILE A 156 -30.99 -29.47 -13.22
C ILE A 156 -31.65 -29.38 -14.60
N VAL A 157 -32.69 -30.16 -14.81
CA VAL A 157 -33.46 -30.14 -16.05
C VAL A 157 -34.94 -30.02 -15.69
N ILE A 158 -35.64 -29.11 -16.37
CA ILE A 158 -37.07 -28.93 -16.17
C ILE A 158 -37.78 -30.12 -16.82
N PRO A 159 -38.59 -30.88 -16.07
CA PRO A 159 -39.24 -32.06 -16.66
C PRO A 159 -40.30 -31.71 -17.71
N GLY A 160 -40.78 -30.47 -17.75
CA GLY A 160 -41.80 -30.10 -18.70
C GLY A 160 -41.25 -29.76 -20.08
N GLY A 161 -40.46 -30.67 -20.64
CA GLY A 161 -39.89 -30.45 -21.96
C GLY A 161 -40.19 -31.56 -22.94
N VAL A 162 -39.14 -32.12 -23.55
CA VAL A 162 -39.30 -33.20 -24.52
C VAL A 162 -39.49 -34.56 -23.85
N ASN A 163 -39.17 -34.68 -22.56
CA ASN A 163 -39.31 -35.95 -21.83
C ASN A 163 -38.56 -37.08 -22.52
N ALA A 164 -37.38 -36.77 -23.05
CA ALA A 164 -36.52 -37.75 -23.69
C ALA A 164 -35.49 -38.26 -22.69
N THR A 165 -34.66 -39.21 -23.14
CA THR A 165 -33.60 -39.73 -22.29
C THR A 165 -32.57 -38.65 -21.96
N ASN A 166 -32.21 -37.84 -22.95
CA ASN A 166 -31.25 -36.77 -22.76
C ASN A 166 -31.69 -35.54 -23.53
N SER A 167 -31.54 -34.37 -22.90
CA SER A 167 -31.86 -33.10 -23.53
C SER A 167 -30.78 -32.08 -23.14
N THR A 168 -30.12 -31.52 -24.15
CA THR A 168 -29.04 -30.56 -23.94
C THR A 168 -29.30 -29.27 -24.71
N GLU A 169 -30.57 -28.85 -24.76
CA GLU A 169 -30.96 -27.66 -25.50
C GLU A 169 -31.36 -26.50 -24.61
N ALA A 170 -32.25 -26.74 -23.64
CA ALA A 170 -32.63 -25.66 -22.72
C ALA A 170 -31.45 -25.21 -21.89
N ARG A 171 -30.59 -26.16 -21.49
CA ARG A 171 -29.39 -25.79 -20.74
C ARG A 171 -28.48 -24.87 -21.55
N ASP A 172 -28.33 -25.15 -22.84
CA ASP A 172 -27.53 -24.28 -23.69
C ASP A 172 -28.12 -22.89 -23.78
N ALA A 173 -29.45 -22.80 -23.91
CA ALA A 173 -30.09 -21.49 -23.96
C ALA A 173 -29.89 -20.72 -22.65
N LEU A 174 -30.00 -21.41 -21.51
CA LEU A 174 -29.76 -20.75 -20.23
C LEU A 174 -28.32 -20.25 -20.13
N ARG A 175 -27.35 -21.07 -20.56
CA ARG A 175 -25.96 -20.64 -20.52
C ARG A 175 -25.73 -19.44 -21.41
N VAL A 176 -26.34 -19.43 -22.60
CA VAL A 176 -26.21 -18.29 -23.50
C VAL A 176 -26.79 -17.04 -22.86
N LYS A 177 -27.97 -17.15 -22.23
CA LYS A 177 -28.58 -16.00 -21.60
C LYS A 177 -27.72 -15.45 -20.47
N VAL A 178 -27.14 -16.36 -19.67
CA VAL A 178 -26.26 -15.93 -18.58
C VAL A 178 -25.03 -15.21 -19.14
N ALA A 179 -24.43 -15.76 -20.20
CA ALA A 179 -23.28 -15.12 -20.81
C ALA A 179 -23.64 -13.74 -21.37
N MET A 180 -24.82 -13.61 -21.98
CA MET A 180 -25.23 -12.32 -22.51
C MET A 180 -25.42 -11.30 -21.41
N SER A 181 -26.04 -11.70 -20.29
CA SER A 181 -26.21 -10.78 -19.18
C SER A 181 -24.86 -10.33 -18.62
N VAL A 182 -23.93 -11.28 -18.47
CA VAL A 182 -22.61 -10.93 -17.94
C VAL A 182 -21.90 -9.98 -18.90
N THR A 183 -21.98 -10.25 -20.20
CA THR A 183 -21.31 -9.40 -21.18
C THR A 183 -21.89 -7.99 -21.18
N LEU A 184 -23.22 -7.87 -21.10
CA LEU A 184 -23.83 -6.54 -21.05
C LEU A 184 -23.40 -5.78 -19.80
N LEU A 185 -23.36 -6.46 -18.65
CA LEU A 185 -22.92 -5.80 -17.43
C LEU A 185 -21.47 -5.34 -17.54
N THR A 186 -20.60 -6.18 -18.11
CA THR A 186 -19.20 -5.80 -18.27
C THR A 186 -19.06 -4.59 -19.19
N GLY A 187 -19.82 -4.57 -20.29
CA GLY A 187 -19.75 -3.43 -21.19
C GLY A 187 -20.21 -2.15 -20.54
N ILE A 188 -21.32 -2.22 -19.78
CA ILE A 188 -21.81 -1.04 -19.09
C ILE A 188 -20.79 -0.54 -18.07
N ILE A 189 -20.19 -1.46 -17.31
CA ILE A 189 -19.21 -1.07 -16.31
C ILE A 189 -17.99 -0.42 -16.98
N GLN A 190 -17.52 -1.01 -18.08
CA GLN A 190 -16.37 -0.45 -18.78
C GLN A 190 -16.66 0.94 -19.31
N PHE A 191 -17.85 1.14 -19.89
CA PHE A 191 -18.21 2.47 -20.39
C PHE A 191 -18.27 3.47 -19.25
N CYS A 192 -18.88 3.09 -18.13
CA CYS A 192 -18.99 4.00 -16.99
C CYS A 192 -17.61 4.37 -16.45
N LEU A 193 -16.70 3.40 -16.37
CA LEU A 193 -15.35 3.69 -15.91
C LEU A 193 -14.62 4.59 -16.88
N GLY A 194 -14.78 4.36 -18.19
CA GLY A 194 -14.09 5.17 -19.18
C GLY A 194 -14.56 6.61 -19.17
N VAL A 195 -15.86 6.82 -19.02
CA VAL A 195 -16.39 8.20 -18.99
C VAL A 195 -15.94 8.92 -17.73
N CYS A 196 -15.89 8.21 -16.60
CA CYS A 196 -15.55 8.80 -15.31
C CYS A 196 -14.04 9.03 -15.14
N ARG A 197 -13.27 8.96 -16.22
CA ARG A 197 -11.83 9.19 -16.21
C ARG A 197 -11.11 8.17 -15.30
N PHE A 198 -11.64 6.97 -15.20
CA PHE A 198 -11.03 5.90 -14.42
C PHE A 198 -9.96 5.15 -15.20
N GLY A 199 -9.74 5.50 -16.47
CA GLY A 199 -8.71 4.84 -17.25
C GLY A 199 -7.30 5.24 -16.91
N PHE A 200 -7.13 6.21 -16.01
CA PHE A 200 -5.80 6.62 -15.58
C PHE A 200 -5.07 5.50 -14.86
N VAL A 201 -5.81 4.62 -14.18
CA VAL A 201 -5.15 3.62 -13.34
C VAL A 201 -4.76 2.43 -14.20
N ALA A 202 -3.66 2.60 -14.92
CA ALA A 202 -2.97 1.50 -15.58
C ALA A 202 -1.46 1.61 -15.42
N ILE A 203 -0.97 2.67 -14.76
CA ILE A 203 0.45 2.84 -14.50
C ILE A 203 0.94 1.95 -13.38
N TYR A 204 0.02 1.35 -12.61
CA TYR A 204 0.39 0.45 -11.52
C TYR A 204 0.69 -0.96 -11.99
N LEU A 205 0.54 -1.24 -13.28
CA LEU A 205 0.83 -2.56 -13.84
C LEU A 205 2.29 -2.58 -14.26
N THR A 206 3.16 -3.00 -13.33
CA THR A 206 4.59 -3.06 -13.60
C THR A 206 4.87 -4.22 -14.57
N GLU A 207 6.01 -4.13 -15.25
CA GLU A 207 6.34 -5.14 -16.25
C GLU A 207 6.46 -6.54 -15.67
N PRO A 208 7.21 -6.79 -14.59
CA PRO A 208 7.22 -8.16 -14.02
C PRO A 208 5.85 -8.63 -13.58
N LEU A 209 5.00 -7.74 -13.07
CA LEU A 209 3.64 -8.12 -12.71
C LEU A 209 2.89 -8.66 -13.91
N VAL A 210 2.95 -7.95 -15.04
CA VAL A 210 2.26 -8.40 -16.25
C VAL A 210 2.86 -9.71 -16.74
N ARG A 211 4.18 -9.84 -16.71
CA ARG A 211 4.82 -11.07 -17.18
C ARG A 211 4.38 -12.27 -16.35
N GLY A 212 4.38 -12.13 -15.03
CA GLY A 212 3.95 -13.23 -14.18
C GLY A 212 2.48 -13.57 -14.36
N PHE A 213 1.63 -12.53 -14.47
CA PHE A 213 0.21 -12.77 -14.68
C PHE A 213 -0.04 -13.52 -15.99
N THR A 214 0.64 -13.12 -17.07
CA THR A 214 0.45 -13.77 -18.35
C THR A 214 0.99 -15.19 -18.34
N THR A 215 2.12 -15.43 -17.65
CA THR A 215 2.62 -16.80 -17.55
C THR A 215 1.65 -17.69 -16.79
N ALA A 216 1.09 -17.19 -15.69
CA ALA A 216 0.09 -17.97 -14.95
C ALA A 216 -1.14 -18.24 -15.81
N ALA A 217 -1.57 -17.25 -16.59
CA ALA A 217 -2.71 -17.46 -17.48
C ALA A 217 -2.39 -18.53 -18.53
N ALA A 218 -1.18 -18.52 -19.08
CA ALA A 218 -0.80 -19.54 -20.05
C ALA A 218 -0.80 -20.93 -19.43
N VAL A 219 -0.30 -21.04 -18.19
CA VAL A 219 -0.31 -22.33 -17.50
C VAL A 219 -1.75 -22.80 -17.30
N HIS A 220 -2.64 -21.88 -16.88
CA HIS A 220 -4.05 -22.23 -16.71
C HIS A 220 -4.65 -22.74 -18.02
N VAL A 221 -4.39 -22.05 -19.13
CA VAL A 221 -4.96 -22.45 -20.41
C VAL A 221 -4.44 -23.82 -20.82
N PHE A 222 -3.15 -24.06 -20.66
CA PHE A 222 -2.58 -25.36 -21.02
C PHE A 222 -3.20 -26.48 -20.19
N THR A 223 -3.31 -26.28 -18.88
CA THR A 223 -3.89 -27.30 -18.02
C THR A 223 -5.35 -27.56 -18.39
N SER A 224 -6.11 -26.49 -18.67
CA SER A 224 -7.50 -26.65 -19.05
C SER A 224 -7.67 -27.40 -20.36
N MET A 225 -6.82 -27.13 -21.35
CA MET A 225 -6.98 -27.72 -22.67
C MET A 225 -6.33 -29.09 -22.79
N LEU A 226 -5.53 -29.50 -21.81
CA LEU A 226 -4.94 -30.84 -21.84
C LEU A 226 -6.02 -31.92 -21.87
N LYS A 227 -7.09 -31.74 -21.09
CA LYS A 227 -8.14 -32.76 -21.03
C LYS A 227 -8.85 -32.91 -22.38
N TYR A 228 -9.05 -31.80 -23.08
CA TYR A 228 -9.62 -31.89 -24.42
C TYR A 228 -8.63 -32.53 -25.38
N LEU A 229 -7.33 -32.29 -25.17
CA LEU A 229 -6.33 -32.93 -26.01
C LEU A 229 -6.38 -34.44 -25.87
N PHE A 230 -6.46 -34.95 -24.64
CA PHE A 230 -6.54 -36.40 -24.44
C PHE A 230 -7.84 -36.96 -24.99
N GLY A 231 -8.95 -36.27 -24.76
CA GLY A 231 -10.25 -36.73 -25.20
C GLY A 231 -11.09 -37.42 -24.13
N VAL A 232 -10.96 -37.02 -22.87
CA VAL A 232 -11.68 -37.64 -21.77
C VAL A 232 -12.57 -36.59 -21.11
N LYS A 233 -13.83 -36.94 -20.90
CA LYS A 233 -14.79 -36.04 -20.29
C LYS A 233 -14.51 -35.91 -18.80
N THR A 234 -14.45 -34.66 -18.31
CA THR A 234 -14.20 -34.39 -16.90
C THR A 234 -15.05 -33.20 -16.47
N LYS A 235 -15.52 -33.25 -15.23
CA LYS A 235 -16.32 -32.16 -14.69
C LYS A 235 -15.47 -30.90 -14.53
N ARG A 236 -16.08 -29.75 -14.78
CA ARG A 236 -15.36 -28.48 -14.70
C ARG A 236 -15.27 -28.00 -13.26
N TYR A 237 -14.08 -27.53 -12.89
CA TYR A 237 -13.83 -26.97 -11.57
C TYR A 237 -13.53 -25.48 -11.71
N SER A 238 -13.99 -24.71 -10.73
CA SER A 238 -13.75 -23.26 -10.72
C SER A 238 -13.66 -22.79 -9.28
N GLY A 239 -12.67 -21.95 -9.00
CA GLY A 239 -12.48 -21.39 -7.69
C GLY A 239 -11.04 -21.56 -7.24
N ILE A 240 -10.86 -21.51 -5.92
CA ILE A 240 -9.52 -21.60 -5.33
C ILE A 240 -8.99 -23.02 -5.54
N PHE A 241 -7.71 -23.12 -5.91
CA PHE A 241 -7.07 -24.39 -6.26
C PHE A 241 -7.80 -25.09 -7.42
N SER A 242 -8.13 -24.31 -8.45
CA SER A 242 -8.80 -24.88 -9.61
C SER A 242 -7.85 -25.71 -10.47
N VAL A 243 -6.63 -25.22 -10.67
CA VAL A 243 -5.70 -25.90 -11.57
C VAL A 243 -5.28 -27.24 -11.01
N VAL A 244 -5.03 -27.33 -9.70
CA VAL A 244 -4.61 -28.59 -9.11
C VAL A 244 -5.74 -29.61 -9.16
N TYR A 245 -6.98 -29.17 -8.91
CA TYR A 245 -8.12 -30.08 -9.01
C TYR A 245 -8.29 -30.58 -10.44
N SER A 246 -8.18 -29.68 -11.42
CA SER A 246 -8.32 -30.11 -12.80
C SER A 246 -7.23 -31.10 -13.20
N THR A 247 -5.99 -30.84 -12.80
CA THR A 247 -4.90 -31.74 -13.21
C THR A 247 -4.99 -33.08 -12.49
N VAL A 248 -5.37 -33.09 -11.22
CA VAL A 248 -5.51 -34.38 -10.54
C VAL A 248 -6.68 -35.16 -11.13
N ALA A 249 -7.75 -34.46 -11.52
CA ALA A 249 -8.89 -35.15 -12.15
C ALA A 249 -8.50 -35.75 -13.49
N VAL A 250 -7.75 -35.01 -14.31
CA VAL A 250 -7.39 -35.54 -15.62
C VAL A 250 -6.37 -36.67 -15.48
N LEU A 251 -5.45 -36.56 -14.52
CA LEU A 251 -4.48 -37.63 -14.33
C LEU A 251 -5.13 -38.87 -13.74
N GLN A 252 -6.18 -38.70 -12.92
CA GLN A 252 -6.88 -39.85 -12.39
C GLN A 252 -7.59 -40.63 -13.47
N ASN A 253 -7.98 -39.97 -14.56
CA ASN A 253 -8.74 -40.58 -15.64
C ASN A 253 -7.92 -40.64 -16.93
N VAL A 254 -6.62 -40.90 -16.82
CA VAL A 254 -5.80 -41.05 -18.03
C VAL A 254 -6.21 -42.31 -18.79
N LYS A 255 -6.65 -43.35 -18.09
CA LYS A 255 -7.06 -44.58 -18.76
C LYS A 255 -8.32 -44.35 -19.57
N ASN A 256 -8.75 -45.40 -20.28
CA ASN A 256 -9.87 -45.38 -21.22
C ASN A 256 -9.87 -44.14 -22.10
N LEU A 257 -8.69 -43.68 -22.51
CA LEU A 257 -8.59 -42.53 -23.39
C LEU A 257 -8.86 -42.93 -24.83
N ASN A 258 -8.88 -41.92 -25.71
CA ASN A 258 -9.09 -42.12 -27.14
C ASN A 258 -7.74 -42.04 -27.84
N VAL A 259 -7.34 -43.14 -28.49
CA VAL A 259 -6.04 -43.18 -29.14
C VAL A 259 -6.01 -42.34 -30.41
N CYS A 260 -7.10 -42.31 -31.17
CA CYS A 260 -7.11 -41.60 -32.45
C CYS A 260 -6.96 -40.09 -32.25
N SER A 261 -7.71 -39.53 -31.32
CA SER A 261 -7.61 -38.10 -31.04
C SER A 261 -6.21 -37.73 -30.57
N LEU A 262 -5.64 -38.55 -29.69
CA LEU A 262 -4.28 -38.29 -29.21
C LEU A 262 -3.29 -38.33 -30.36
N GLY A 263 -3.40 -39.32 -31.22
CA GLY A 263 -2.50 -39.44 -32.35
C GLY A 263 -2.57 -38.25 -33.29
N VAL A 264 -3.79 -37.85 -33.67
CA VAL A 264 -3.92 -36.72 -34.59
C VAL A 264 -3.46 -35.43 -33.92
N GLY A 265 -3.71 -35.29 -32.62
CA GLY A 265 -3.28 -34.12 -31.89
C GLY A 265 -1.78 -33.97 -31.83
N LEU A 266 -1.05 -35.04 -31.49
CA LEU A 266 0.40 -34.97 -31.53
C LEU A 266 0.93 -34.79 -32.95
N MET A 267 0.26 -35.39 -33.95
CA MET A 267 0.70 -35.19 -35.32
C MET A 267 0.66 -33.71 -35.70
N VAL A 268 -0.48 -33.05 -35.47
CA VAL A 268 -0.60 -31.64 -35.84
C VAL A 268 0.29 -30.78 -34.95
N PHE A 269 0.45 -31.16 -33.68
CA PHE A 269 1.33 -30.42 -32.78
C PHE A 269 2.76 -30.42 -33.29
N GLY A 270 3.27 -31.59 -33.64
CA GLY A 270 4.61 -31.67 -34.19
C GLY A 270 4.73 -30.93 -35.51
N LEU A 271 3.71 -31.02 -36.36
CA LEU A 271 3.74 -30.31 -37.63
C LEU A 271 3.84 -28.80 -37.40
N LEU A 272 3.05 -28.27 -36.47
CA LEU A 272 3.08 -26.85 -36.17
C LEU A 272 4.43 -26.42 -35.61
N LEU A 273 4.97 -27.20 -34.66
CA LEU A 273 6.26 -26.83 -34.07
C LEU A 273 7.37 -26.83 -35.13
N GLY A 274 7.42 -27.89 -35.94
CA GLY A 274 8.43 -27.96 -36.98
C GLY A 274 8.28 -26.86 -38.00
N GLY A 275 7.03 -26.56 -38.39
CA GLY A 275 6.81 -25.50 -39.36
C GLY A 275 7.20 -24.13 -38.83
N LYS A 276 6.87 -23.85 -37.57
CA LYS A 276 7.25 -22.57 -37.00
C LYS A 276 8.76 -22.42 -36.89
N GLU A 277 9.46 -23.48 -36.43
CA GLU A 277 10.91 -23.38 -36.36
C GLU A 277 11.54 -23.26 -37.74
N PHE A 278 11.00 -23.99 -38.72
CA PHE A 278 11.51 -23.89 -40.09
C PHE A 278 11.30 -22.49 -40.65
N ASN A 279 10.11 -21.91 -40.44
CA ASN A 279 9.83 -20.57 -40.93
C ASN A 279 10.73 -19.54 -40.26
N GLU A 280 11.00 -19.72 -38.96
CA GLU A 280 11.94 -18.83 -38.28
C GLU A 280 13.33 -18.95 -38.89
N ARG A 281 13.76 -20.17 -39.21
CA ARG A 281 15.03 -20.38 -39.86
C ARG A 281 15.02 -20.05 -41.36
N PHE A 282 13.89 -20.29 -42.05
CA PHE A 282 13.83 -20.11 -43.49
C PHE A 282 13.82 -18.62 -43.83
N LYS A 283 14.41 -18.28 -44.98
CA LYS A 283 14.54 -16.89 -45.43
C LYS A 283 13.22 -16.36 -46.01
N GLU A 284 12.22 -16.26 -45.13
CA GLU A 284 10.91 -15.73 -45.49
C GLU A 284 10.81 -14.22 -45.22
N LYS A 285 11.95 -13.54 -45.22
CA LYS A 285 11.95 -12.10 -45.01
C LYS A 285 11.31 -11.36 -46.18
N LEU A 286 11.75 -11.69 -47.40
CA LEU A 286 11.19 -11.05 -48.62
C LEU A 286 9.79 -11.61 -48.90
N PRO A 287 9.50 -12.93 -48.82
CA PRO A 287 8.13 -13.42 -49.06
C PRO A 287 7.22 -13.18 -47.87
N ALA A 288 6.01 -13.72 -47.91
CA ALA A 288 5.06 -13.60 -46.82
C ALA A 288 4.98 -14.93 -46.10
N PRO A 289 4.97 -14.92 -44.76
CA PRO A 289 4.87 -16.18 -44.00
C PRO A 289 3.59 -16.93 -44.32
N ILE A 290 3.69 -18.25 -44.42
CA ILE A 290 2.53 -19.06 -44.81
C ILE A 290 1.62 -19.26 -43.61
N PRO A 291 0.30 -19.38 -43.81
CA PRO A 291 -0.61 -19.62 -42.68
C PRO A 291 -0.53 -21.04 -42.16
N LEU A 292 0.38 -21.29 -41.21
CA LEU A 292 0.52 -22.64 -40.65
C LEU A 292 -0.80 -23.15 -40.09
N GLU A 293 -1.51 -22.31 -39.33
CA GLU A 293 -2.72 -22.76 -38.66
C GLU A 293 -3.84 -23.08 -39.65
N PHE A 294 -3.95 -22.29 -40.72
CA PHE A 294 -4.95 -22.56 -41.74
C PHE A 294 -4.69 -23.89 -42.41
N PHE A 295 -3.43 -24.15 -42.77
CA PHE A 295 -3.09 -25.45 -43.35
C PHE A 295 -3.37 -26.58 -42.38
N ALA A 296 -3.06 -26.37 -41.10
CA ALA A 296 -3.31 -27.40 -40.09
C ALA A 296 -4.79 -27.75 -40.00
N VAL A 297 -5.64 -26.72 -39.91
CA VAL A 297 -7.07 -26.98 -39.76
C VAL A 297 -7.63 -27.61 -41.04
N VAL A 298 -7.13 -27.18 -42.21
CA VAL A 298 -7.59 -27.79 -43.46
C VAL A 298 -7.22 -29.26 -43.51
N MET A 299 -5.96 -29.58 -43.17
CA MET A 299 -5.53 -30.97 -43.19
C MET A 299 -6.32 -31.80 -42.19
N GLY A 300 -6.54 -31.27 -40.99
CA GLY A 300 -7.28 -31.99 -39.97
C GLY A 300 -8.70 -32.31 -40.40
N THR A 301 -9.41 -31.30 -40.93
CA THR A 301 -10.79 -31.53 -41.35
C THR A 301 -10.83 -32.47 -42.55
N GLY A 302 -9.85 -32.37 -43.46
CA GLY A 302 -9.82 -33.26 -44.60
C GLY A 302 -9.61 -34.71 -44.19
N ILE A 303 -8.68 -34.95 -43.28
CA ILE A 303 -8.42 -36.31 -42.81
C ILE A 303 -9.63 -36.86 -42.07
N SER A 304 -10.24 -36.04 -41.21
CA SER A 304 -11.41 -36.52 -40.46
C SER A 304 -12.57 -36.85 -41.39
N ALA A 305 -12.79 -36.02 -42.41
CA ALA A 305 -13.87 -36.30 -43.36
C ALA A 305 -13.56 -37.55 -44.19
N GLY A 306 -12.31 -37.70 -44.62
CA GLY A 306 -11.95 -38.82 -45.48
C GLY A 306 -11.87 -40.15 -44.76
N PHE A 307 -11.68 -40.14 -43.44
CA PHE A 307 -11.63 -41.39 -42.69
C PHE A 307 -12.87 -41.65 -41.85
N SER A 308 -13.84 -40.72 -41.84
CA SER A 308 -15.08 -40.87 -41.09
C SER A 308 -14.80 -41.19 -39.63
N LEU A 309 -13.93 -40.38 -39.02
CA LEU A 309 -13.45 -40.66 -37.67
C LEU A 309 -14.52 -40.46 -36.60
N HIS A 310 -15.64 -39.83 -36.93
CA HIS A 310 -16.68 -39.62 -35.92
C HIS A 310 -17.28 -40.93 -35.45
N GLU A 311 -17.49 -41.88 -36.38
CA GLU A 311 -18.07 -43.16 -36.03
C GLU A 311 -17.08 -44.31 -36.12
N SER A 312 -16.00 -44.17 -36.89
CA SER A 312 -15.01 -45.24 -36.98
C SER A 312 -14.30 -45.46 -35.64
N TYR A 313 -14.00 -44.38 -34.92
CA TYR A 313 -13.31 -44.47 -33.64
C TYR A 313 -13.96 -43.65 -32.54
N ASN A 314 -15.09 -42.99 -32.81
CA ASN A 314 -15.81 -42.19 -31.82
C ASN A 314 -14.93 -41.09 -31.24
N VAL A 315 -14.48 -40.20 -32.12
CA VAL A 315 -13.70 -39.03 -31.73
C VAL A 315 -14.63 -37.83 -31.62
N ASP A 316 -14.25 -36.88 -30.77
CA ASP A 316 -15.06 -35.68 -30.60
C ASP A 316 -14.94 -34.77 -31.81
N VAL A 317 -16.02 -34.07 -32.12
CA VAL A 317 -16.09 -33.21 -33.29
C VAL A 317 -16.65 -31.86 -32.88
N VAL A 318 -16.41 -30.84 -33.72
CA VAL A 318 -16.90 -29.50 -33.44
C VAL A 318 -18.43 -29.48 -33.42
N GLY A 319 -19.06 -30.27 -34.28
CA GLY A 319 -20.51 -30.36 -34.31
C GLY A 319 -21.12 -29.56 -35.44
N THR A 320 -22.45 -29.54 -35.43
CA THR A 320 -23.19 -28.83 -36.47
C THR A 320 -22.99 -27.33 -36.35
N LEU A 321 -22.85 -26.66 -37.50
CA LEU A 321 -22.60 -25.23 -37.56
C LEU A 321 -23.71 -24.55 -38.36
N PRO A 322 -24.68 -23.92 -37.72
CA PRO A 322 -25.74 -23.23 -38.47
C PRO A 322 -25.18 -22.15 -39.39
N LEU A 323 -25.80 -22.03 -40.55
CA LEU A 323 -25.34 -21.15 -41.62
C LEU A 323 -26.33 -20.00 -41.80
N GLY A 324 -25.91 -18.79 -41.49
CA GLY A 324 -26.75 -17.63 -41.68
C GLY A 324 -26.42 -16.55 -40.65
N LEU A 325 -27.34 -15.60 -40.52
CA LEU A 325 -27.20 -14.47 -39.62
C LEU A 325 -28.46 -14.37 -38.76
N LEU A 326 -28.30 -13.83 -37.55
CA LEU A 326 -29.38 -13.84 -36.59
C LEU A 326 -29.73 -12.41 -36.16
N PRO A 327 -31.01 -12.08 -36.10
CA PRO A 327 -31.43 -10.69 -35.82
C PRO A 327 -31.12 -10.28 -34.40
N PRO A 328 -30.95 -8.99 -34.13
CA PRO A 328 -30.64 -8.55 -32.76
C PRO A 328 -31.75 -8.88 -31.78
N ALA A 329 -31.36 -9.14 -30.54
CA ALA A 329 -32.29 -9.45 -29.47
C ALA A 329 -31.93 -8.66 -28.22
N ASN A 330 -32.94 -8.42 -27.38
CA ASN A 330 -32.75 -7.70 -26.14
C ASN A 330 -32.45 -8.70 -25.03
N PRO A 331 -31.32 -8.57 -24.34
CA PRO A 331 -30.96 -9.56 -23.32
C PRO A 331 -31.67 -9.32 -22.01
N ASP A 332 -31.73 -10.37 -21.19
CA ASP A 332 -32.37 -10.29 -19.89
C ASP A 332 -31.59 -9.36 -18.97
N THR A 333 -32.31 -8.53 -18.23
CA THR A 333 -31.72 -7.60 -17.27
C THR A 333 -32.20 -7.88 -15.86
N SER A 334 -32.64 -9.13 -15.60
CA SER A 334 -33.12 -9.52 -14.28
C SER A 334 -32.14 -10.39 -13.51
N LEU A 335 -31.05 -10.82 -14.14
CA LEU A 335 -30.05 -11.66 -13.47
C LEU A 335 -28.89 -10.85 -12.91
N PHE A 336 -28.94 -9.51 -13.01
CA PHE A 336 -27.80 -8.69 -12.61
C PHE A 336 -27.48 -8.80 -11.13
N HIS A 337 -28.45 -9.19 -10.30
CA HIS A 337 -28.22 -9.30 -8.86
C HIS A 337 -27.59 -10.62 -8.44
N LEU A 338 -26.99 -11.37 -9.39
CA LEU A 338 -26.12 -12.48 -9.07
C LEU A 338 -24.79 -12.45 -9.82
N VAL A 339 -24.65 -11.64 -10.87
CA VAL A 339 -23.48 -11.67 -11.73
C VAL A 339 -22.81 -10.31 -11.78
N TYR A 340 -22.82 -9.59 -10.66
CA TYR A 340 -22.21 -8.26 -10.64
C TYR A 340 -20.73 -8.28 -10.29
N VAL A 341 -20.31 -9.15 -9.37
CA VAL A 341 -18.90 -9.19 -8.96
C VAL A 341 -18.03 -9.73 -10.09
N ASP A 342 -18.45 -10.85 -10.69
CA ASP A 342 -17.66 -11.46 -11.75
C ASP A 342 -17.59 -10.56 -12.98
N ALA A 343 -18.64 -9.77 -13.22
CA ALA A 343 -18.58 -8.79 -14.31
C ALA A 343 -17.50 -7.76 -14.05
N ILE A 344 -17.39 -7.29 -12.80
CA ILE A 344 -16.31 -6.36 -12.44
C ILE A 344 -14.96 -7.01 -12.66
N ALA A 345 -14.81 -8.27 -12.26
CA ALA A 345 -13.55 -8.97 -12.44
C ALA A 345 -13.18 -9.07 -13.93
N ILE A 346 -14.15 -9.43 -14.76
CA ILE A 346 -13.91 -9.55 -16.19
C ILE A 346 -13.50 -8.21 -16.78
N ALA A 347 -14.21 -7.14 -16.42
CA ALA A 347 -13.89 -5.83 -16.96
C ALA A 347 -12.49 -5.40 -16.56
N ILE A 348 -12.13 -5.60 -15.28
CA ILE A 348 -10.81 -5.19 -14.81
C ILE A 348 -9.72 -5.97 -15.53
N VAL A 349 -9.89 -7.30 -15.63
CA VAL A 349 -8.85 -8.13 -16.25
C VAL A 349 -8.69 -7.78 -17.72
N GLY A 350 -9.80 -7.65 -18.44
CA GLY A 350 -9.73 -7.31 -19.84
C GLY A 350 -9.09 -5.97 -20.09
N PHE A 351 -9.48 -4.95 -19.32
CA PHE A 351 -8.88 -3.63 -19.47
C PHE A 351 -7.39 -3.67 -19.20
N SER A 352 -6.98 -4.36 -18.12
CA SER A 352 -5.57 -4.42 -17.78
C SER A 352 -4.77 -5.08 -18.89
N VAL A 353 -5.25 -6.21 -19.40
CA VAL A 353 -4.52 -6.93 -20.44
C VAL A 353 -4.42 -6.08 -21.71
N THR A 354 -5.54 -5.50 -22.14
CA THR A 354 -5.51 -4.75 -23.40
C THR A 354 -4.67 -3.50 -23.27
N ILE A 355 -4.73 -2.80 -22.14
CA ILE A 355 -3.93 -1.59 -21.99
C ILE A 355 -2.45 -1.93 -21.89
N SER A 356 -2.11 -3.05 -21.25
CA SER A 356 -0.71 -3.45 -21.19
C SER A 356 -0.17 -3.75 -22.58
N MET A 357 -0.92 -4.52 -23.36
CA MET A 357 -0.45 -4.85 -24.72
C MET A 357 -0.36 -3.60 -25.58
N ALA A 358 -1.37 -2.72 -25.50
CA ALA A 358 -1.34 -1.51 -26.32
C ALA A 358 -0.18 -0.61 -25.95
N LYS A 359 0.09 -0.45 -24.65
CA LYS A 359 1.19 0.40 -24.23
C LYS A 359 2.54 -0.21 -24.59
N THR A 360 2.67 -1.53 -24.50
CA THR A 360 3.92 -2.18 -24.91
C THR A 360 4.17 -1.99 -26.41
N LEU A 361 3.13 -2.15 -27.23
CA LEU A 361 3.31 -2.02 -28.67
C LEU A 361 3.47 -0.56 -29.10
N ALA A 362 2.86 0.38 -28.36
CA ALA A 362 2.87 1.78 -28.78
C ALA A 362 4.25 2.39 -28.66
N ASN A 363 4.95 2.14 -27.54
CA ASN A 363 6.27 2.70 -27.33
C ASN A 363 7.29 2.21 -28.35
N LYS A 364 6.99 1.14 -29.08
CA LYS A 364 7.96 0.58 -30.01
C LYS A 364 8.14 1.47 -31.24
N HIS A 365 7.08 1.67 -32.01
CA HIS A 365 7.26 2.29 -33.33
C HIS A 365 7.32 3.81 -33.28
N GLY A 366 6.18 4.46 -33.02
CA GLY A 366 6.17 5.90 -33.14
C GLY A 366 5.32 6.77 -32.24
N TYR A 367 4.46 6.20 -31.40
CA TYR A 367 3.39 6.98 -30.83
C TYR A 367 3.03 6.48 -29.44
N GLN A 368 1.98 7.05 -28.87
CA GLN A 368 1.45 6.69 -27.57
C GLN A 368 -0.06 6.57 -27.65
N VAL A 369 -0.64 5.67 -26.86
CA VAL A 369 -2.06 5.39 -26.89
C VAL A 369 -2.73 6.02 -25.68
N ASP A 370 -3.98 6.44 -25.85
CA ASP A 370 -4.77 6.96 -24.74
C ASP A 370 -5.29 5.79 -23.89
N GLY A 371 -5.62 6.11 -22.63
CA GLY A 371 -6.10 5.10 -21.72
C GLY A 371 -7.61 5.04 -21.59
N ASN A 372 -8.23 6.21 -21.42
CA ASN A 372 -9.68 6.24 -21.25
C ASN A 372 -10.41 5.93 -22.56
N GLN A 373 -9.85 6.36 -23.69
CA GLN A 373 -10.50 6.12 -24.96
C GLN A 373 -10.58 4.62 -25.26
N GLU A 374 -9.52 3.88 -24.96
CA GLU A 374 -9.55 2.43 -25.15
C GLU A 374 -10.62 1.79 -24.26
N LEU A 375 -10.73 2.27 -23.02
CA LEU A 375 -11.76 1.73 -22.12
C LEU A 375 -13.16 2.00 -22.66
N ILE A 376 -13.41 3.22 -23.14
CA ILE A 376 -14.73 3.54 -23.68
C ILE A 376 -15.03 2.69 -24.91
N ALA A 377 -14.05 2.55 -25.80
CA ALA A 377 -14.26 1.73 -26.99
C ALA A 377 -14.53 0.27 -26.64
N LEU A 378 -13.78 -0.27 -25.68
CA LEU A 378 -13.99 -1.65 -25.27
C LEU A 378 -15.38 -1.84 -24.65
N GLY A 379 -15.81 -0.87 -23.83
CA GLY A 379 -17.14 -0.96 -23.24
C GLY A 379 -18.24 -0.90 -24.29
N LEU A 380 -18.11 0.00 -25.26
CA LEU A 380 -19.09 0.08 -26.34
C LEU A 380 -19.13 -1.23 -27.12
N CYS A 381 -17.97 -1.78 -27.45
CA CYS A 381 -17.94 -3.03 -28.20
C CYS A 381 -18.58 -4.16 -27.40
N ASN A 382 -18.27 -4.26 -26.11
CA ASN A 382 -18.85 -5.32 -25.29
C ASN A 382 -20.36 -5.19 -25.20
N SER A 383 -20.86 -3.98 -24.95
CA SER A 383 -22.31 -3.80 -24.82
C SER A 383 -23.03 -4.12 -26.12
N THR A 384 -22.53 -3.58 -27.23
CA THR A 384 -23.23 -3.80 -28.50
C THR A 384 -23.13 -5.27 -28.92
N GLY A 385 -22.01 -5.93 -28.62
CA GLY A 385 -21.93 -7.35 -28.88
C GLY A 385 -22.94 -8.14 -28.07
N SER A 386 -23.07 -7.80 -26.77
CA SER A 386 -24.10 -8.42 -25.96
C SER A 386 -25.48 -8.19 -26.54
N LEU A 387 -25.67 -7.06 -27.24
CA LEU A 387 -26.95 -6.83 -27.90
C LEU A 387 -27.15 -7.76 -29.09
N PHE A 388 -26.06 -8.17 -29.76
CA PHE A 388 -26.14 -9.02 -30.94
C PHE A 388 -25.66 -10.45 -30.67
N GLN A 389 -25.91 -10.97 -29.47
CA GLN A 389 -25.56 -12.34 -29.09
C GLN A 389 -24.05 -12.60 -29.24
N THR A 390 -23.29 -11.90 -28.42
CA THR A 390 -21.83 -11.99 -28.40
C THR A 390 -21.33 -11.91 -26.97
N PHE A 391 -20.44 -12.83 -26.60
CA PHE A 391 -19.90 -12.80 -25.25
C PHE A 391 -18.69 -11.85 -25.20
N ALA A 392 -18.09 -11.75 -24.02
CA ALA A 392 -17.09 -10.72 -23.76
C ALA A 392 -15.84 -10.91 -24.61
N ILE A 393 -15.16 -9.80 -24.89
CA ILE A 393 -13.97 -9.79 -25.72
C ILE A 393 -12.85 -9.08 -24.97
N SER A 394 -11.64 -9.22 -25.49
CA SER A 394 -10.47 -8.53 -24.97
C SER A 394 -9.38 -8.57 -26.03
N CYS A 395 -8.18 -8.16 -25.67
CA CYS A 395 -7.02 -8.21 -26.56
C CYS A 395 -6.30 -9.54 -26.40
N SER A 396 -6.04 -10.21 -27.52
CA SER A 396 -5.30 -11.47 -27.52
C SER A 396 -3.85 -11.18 -27.86
N LEU A 397 -2.94 -11.70 -27.03
CA LEU A 397 -1.53 -11.37 -27.18
C LEU A 397 -0.93 -12.00 -28.43
N SER A 398 -1.26 -13.27 -28.69
CA SER A 398 -0.67 -13.96 -29.83
C SER A 398 -1.09 -13.32 -31.15
N ARG A 399 -2.39 -13.02 -31.28
CA ARG A 399 -2.86 -12.38 -32.51
C ARG A 399 -2.24 -10.99 -32.68
N SER A 400 -2.10 -10.24 -31.60
CA SER A 400 -1.50 -8.92 -31.69
C SER A 400 -0.04 -9.02 -32.14
N LEU A 401 0.71 -9.98 -31.59
CA LEU A 401 2.09 -10.15 -32.01
C LEU A 401 2.18 -10.58 -33.47
N VAL A 402 1.27 -11.45 -33.91
CA VAL A 402 1.27 -11.90 -35.31
C VAL A 402 0.98 -10.72 -36.23
N GLN A 403 -0.03 -9.90 -35.88
CA GLN A 403 -0.37 -8.75 -36.70
C GLN A 403 0.77 -7.75 -36.76
N GLU A 404 1.41 -7.48 -35.62
CA GLU A 404 2.56 -6.59 -35.61
C GLU A 404 3.74 -7.19 -36.37
N GLY A 405 3.96 -8.50 -36.21
CA GLY A 405 5.07 -9.18 -36.83
C GLY A 405 4.89 -9.53 -38.29
N THR A 406 3.81 -9.08 -38.91
CA THR A 406 3.55 -9.34 -40.32
C THR A 406 3.63 -8.10 -41.20
N GLY A 407 3.28 -6.93 -40.68
CA GLY A 407 3.36 -5.72 -41.46
C GLY A 407 2.15 -4.82 -41.34
N GLY A 408 1.28 -5.11 -40.39
CA GLY A 408 0.11 -4.27 -40.15
C GLY A 408 0.47 -2.85 -39.78
N LYS A 409 -0.26 -1.88 -40.33
CA LYS A 409 0.02 -0.48 -40.08
C LYS A 409 -1.18 0.29 -39.55
N THR A 410 -2.34 -0.32 -39.44
CA THR A 410 -3.53 0.32 -38.90
C THR A 410 -4.53 -0.77 -38.50
N GLN A 411 -5.76 -0.35 -38.22
CA GLN A 411 -6.82 -1.29 -37.84
C GLN A 411 -7.56 -1.86 -39.04
N LEU A 412 -7.17 -1.51 -40.26
CA LEU A 412 -7.81 -2.09 -41.44
C LEU A 412 -7.57 -3.59 -41.56
N ALA A 413 -6.50 -4.10 -40.95
CA ALA A 413 -6.32 -5.55 -40.89
C ALA A 413 -7.45 -6.20 -40.11
N GLY A 414 -7.93 -5.53 -39.07
CA GLY A 414 -9.11 -6.01 -38.37
C GLY A 414 -10.33 -6.04 -39.26
N CYS A 415 -10.48 -5.03 -40.13
CA CYS A 415 -11.59 -5.03 -41.08
C CYS A 415 -11.47 -6.20 -42.05
N LEU A 416 -10.27 -6.47 -42.55
CA LEU A 416 -10.08 -7.60 -43.45
C LEU A 416 -10.39 -8.92 -42.74
N ALA A 417 -9.99 -9.04 -41.48
CA ALA A 417 -10.32 -10.24 -40.72
C ALA A 417 -11.83 -10.36 -40.53
N SER A 418 -12.52 -9.23 -40.32
CA SER A 418 -13.96 -9.26 -40.20
C SER A 418 -14.62 -9.73 -41.49
N LEU A 419 -14.14 -9.25 -42.64
CA LEU A 419 -14.66 -9.74 -43.91
C LEU A 419 -14.39 -11.23 -44.10
N MET A 420 -13.20 -11.68 -43.69
CA MET A 420 -12.89 -13.10 -43.79
C MET A 420 -13.84 -13.94 -42.94
N ILE A 421 -14.08 -13.52 -41.70
CA ILE A 421 -14.95 -14.31 -40.83
C ILE A 421 -16.39 -14.24 -41.31
N LEU A 422 -16.80 -13.10 -41.89
CA LEU A 422 -18.12 -13.04 -42.52
C LEU A 422 -18.23 -14.03 -43.67
N LEU A 423 -17.18 -14.12 -44.49
CA LEU A 423 -17.19 -15.09 -45.58
C LEU A 423 -17.28 -16.51 -45.03
N VAL A 424 -16.56 -16.78 -43.95
CA VAL A 424 -16.60 -18.12 -43.35
C VAL A 424 -18.01 -18.43 -42.84
N ILE A 425 -18.64 -17.47 -42.16
CA ILE A 425 -19.91 -17.73 -41.49
C ILE A 425 -21.11 -17.63 -42.41
N LEU A 426 -20.97 -17.04 -43.61
CA LEU A 426 -22.05 -17.05 -44.59
C LEU A 426 -21.80 -17.96 -45.79
N ALA A 427 -20.61 -18.53 -45.93
CA ALA A 427 -20.29 -19.28 -47.15
C ALA A 427 -20.00 -20.75 -46.90
N THR A 428 -19.07 -21.08 -46.00
CA THR A 428 -18.65 -22.46 -45.84
C THR A 428 -19.76 -23.30 -45.22
N GLY A 429 -20.14 -22.98 -43.98
CA GLY A 429 -21.28 -23.64 -43.37
C GLY A 429 -21.01 -25.09 -43.04
N PHE A 430 -20.85 -25.92 -44.07
CA PHE A 430 -20.63 -27.34 -43.92
C PHE A 430 -19.17 -27.75 -44.04
N LEU A 431 -18.29 -26.85 -44.50
CA LEU A 431 -16.89 -27.23 -44.72
C LEU A 431 -16.20 -27.58 -43.40
N PHE A 432 -16.37 -26.74 -42.39
CA PHE A 432 -15.76 -26.98 -41.08
C PHE A 432 -16.72 -27.71 -40.14
N GLU A 433 -17.24 -28.85 -40.60
CA GLU A 433 -18.16 -29.67 -39.83
C GLU A 433 -17.49 -30.85 -39.15
N SER A 434 -16.65 -31.58 -39.89
CA SER A 434 -15.93 -32.73 -39.34
C SER A 434 -14.52 -32.26 -38.96
N LEU A 435 -14.44 -31.62 -37.79
CA LEU A 435 -13.18 -31.09 -37.28
C LEU A 435 -12.97 -31.58 -35.85
N PRO A 436 -12.00 -32.45 -35.61
CA PRO A 436 -11.72 -32.89 -34.24
C PRO A 436 -11.21 -31.75 -33.38
N GLN A 437 -11.50 -31.83 -32.09
CA GLN A 437 -11.04 -30.83 -31.15
C GLN A 437 -9.56 -30.98 -30.82
N ALA A 438 -8.95 -32.12 -31.15
CA ALA A 438 -7.54 -32.33 -30.86
C ALA A 438 -6.66 -31.35 -31.62
N VAL A 439 -7.02 -31.04 -32.88
CA VAL A 439 -6.22 -30.10 -33.65
C VAL A 439 -6.33 -28.69 -33.05
N LEU A 440 -7.52 -28.33 -32.56
CA LEU A 440 -7.67 -27.03 -31.90
C LEU A 440 -6.83 -26.98 -30.63
N SER A 441 -6.83 -28.06 -29.85
CA SER A 441 -6.01 -28.09 -28.64
C SER A 441 -4.53 -27.96 -28.97
N ALA A 442 -4.08 -28.67 -30.01
CA ALA A 442 -2.68 -28.58 -30.41
C ALA A 442 -2.35 -27.16 -30.88
N ILE A 443 -3.25 -26.52 -31.63
CA ILE A 443 -2.99 -25.17 -32.11
C ILE A 443 -2.84 -24.21 -30.95
N VAL A 444 -3.74 -24.29 -29.97
CA VAL A 444 -3.65 -23.38 -28.82
C VAL A 444 -2.39 -23.65 -28.02
N ILE A 445 -2.06 -24.93 -27.82
CA ILE A 445 -0.87 -25.28 -27.04
C ILE A 445 0.39 -24.78 -27.73
N VAL A 446 0.45 -24.92 -29.05
CA VAL A 446 1.60 -24.41 -29.80
C VAL A 446 1.68 -22.89 -29.67
N ASN A 447 0.55 -22.20 -29.77
CA ASN A 447 0.55 -20.75 -29.64
C ASN A 447 0.98 -20.30 -28.24
N LEU A 448 0.79 -21.17 -27.24
CA LEU A 448 1.18 -20.82 -25.88
C LEU A 448 2.70 -20.75 -25.68
N LYS A 449 3.50 -21.17 -26.67
CA LYS A 449 4.95 -21.24 -26.49
C LYS A 449 5.56 -19.87 -26.22
N GLY A 450 5.06 -18.82 -26.89
CA GLY A 450 5.62 -17.50 -26.67
C GLY A 450 5.49 -17.05 -25.23
N MET A 451 4.34 -17.29 -24.61
CA MET A 451 4.17 -16.94 -23.21
C MET A 451 4.88 -17.91 -22.28
N PHE A 452 5.05 -19.16 -22.70
CA PHE A 452 5.80 -20.10 -21.87
C PHE A 452 7.28 -19.73 -21.80
N MET A 453 7.83 -19.15 -22.87
CA MET A 453 9.24 -18.78 -22.85
C MET A 453 9.55 -17.60 -21.94
N GLN A 454 8.52 -16.95 -21.37
CA GLN A 454 8.74 -15.81 -20.49
C GLN A 454 9.34 -16.19 -19.15
N PHE A 455 9.66 -17.48 -18.93
CA PHE A 455 10.30 -17.90 -17.68
C PHE A 455 11.75 -17.49 -17.59
N SER A 456 12.34 -16.96 -18.66
CA SER A 456 13.75 -16.58 -18.67
C SER A 456 14.05 -15.37 -17.81
N ASP A 457 13.02 -14.68 -17.29
CA ASP A 457 13.23 -13.51 -16.46
C ASP A 457 13.69 -13.85 -15.04
N LEU A 458 13.62 -15.12 -14.64
CA LEU A 458 14.04 -15.48 -13.27
C LEU A 458 15.52 -15.21 -13.05
N PRO A 459 16.45 -15.73 -13.86
CA PRO A 459 17.87 -15.42 -13.61
C PRO A 459 18.22 -13.96 -13.78
N PHE A 460 17.61 -13.29 -14.77
CA PHE A 460 17.91 -11.88 -14.99
C PHE A 460 17.50 -11.03 -13.78
N PHE A 461 16.31 -11.29 -13.24
CA PHE A 461 15.88 -10.54 -12.07
C PHE A 461 16.64 -10.94 -10.82
N TRP A 462 17.07 -12.21 -10.73
CA TRP A 462 17.91 -12.62 -9.61
C TRP A 462 19.25 -11.88 -9.63
N ARG A 463 19.83 -11.71 -10.83
CA ARG A 463 21.10 -11.01 -10.94
C ARG A 463 20.95 -9.51 -10.75
N THR A 464 19.89 -8.91 -11.30
CA THR A 464 19.78 -7.46 -11.31
C THR A 464 19.29 -6.93 -9.96
N SER A 465 18.09 -7.31 -9.54
CA SER A 465 17.52 -6.79 -8.31
C SER A 465 16.48 -7.76 -7.78
N LYS A 466 16.59 -8.12 -6.50
CA LYS A 466 15.70 -9.10 -5.90
C LYS A 466 14.28 -8.59 -5.71
N ILE A 467 14.07 -7.27 -5.76
CA ILE A 467 12.73 -6.73 -5.59
C ILE A 467 11.83 -7.12 -6.76
N GLU A 468 12.33 -6.95 -7.98
CA GLU A 468 11.57 -7.35 -9.16
C GLU A 468 11.33 -8.85 -9.17
N LEU A 469 12.32 -9.63 -8.75
CA LEU A 469 12.15 -11.07 -8.65
C LEU A 469 11.05 -11.43 -7.65
N THR A 470 11.03 -10.75 -6.50
CA THR A 470 10.00 -11.01 -5.51
C THR A 470 8.62 -10.68 -6.07
N ILE A 471 8.50 -9.55 -6.78
CA ILE A 471 7.21 -9.19 -7.37
C ILE A 471 6.78 -10.25 -8.38
N TRP A 472 7.70 -10.68 -9.24
CA TRP A 472 7.41 -11.70 -10.24
C TRP A 472 6.92 -12.99 -9.59
N LEU A 473 7.68 -13.49 -8.61
CA LEU A 473 7.33 -14.74 -7.95
C LEU A 473 6.00 -14.65 -7.23
N THR A 474 5.78 -13.54 -6.52
CA THR A 474 4.53 -13.39 -5.78
C THR A 474 3.34 -13.34 -6.73
N THR A 475 3.47 -12.61 -7.84
CA THR A 475 2.38 -12.57 -8.82
C THR A 475 2.12 -13.95 -9.40
N PHE A 476 3.17 -14.67 -9.77
CA PHE A 476 3.00 -15.99 -10.36
C PHE A 476 2.32 -16.95 -9.38
N VAL A 477 2.77 -16.95 -8.13
CA VAL A 477 2.20 -17.86 -7.14
C VAL A 477 0.75 -17.51 -6.84
N SER A 478 0.47 -16.22 -6.63
CA SER A 478 -0.87 -15.81 -6.27
C SER A 478 -1.85 -15.91 -7.44
N SER A 479 -1.36 -15.96 -8.67
CA SER A 479 -2.25 -16.11 -9.81
C SER A 479 -2.36 -17.56 -10.29
N LEU A 480 -1.43 -18.43 -9.90
CA LEU A 480 -1.48 -19.81 -10.35
C LEU A 480 -2.33 -20.68 -9.41
N PHE A 481 -1.94 -20.77 -8.15
CA PHE A 481 -2.66 -21.62 -7.21
C PHE A 481 -3.98 -20.99 -6.79
N LEU A 482 -3.96 -19.70 -6.48
CA LEU A 482 -5.17 -19.00 -6.07
C LEU A 482 -5.96 -18.60 -7.32
N GLY A 483 -6.96 -17.75 -7.15
CA GLY A 483 -7.74 -17.30 -8.28
C GLY A 483 -6.97 -16.29 -9.12
N LEU A 484 -7.60 -15.88 -10.21
CA LEU A 484 -7.00 -14.92 -11.13
C LEU A 484 -7.26 -13.49 -10.71
N ASP A 485 -8.52 -13.16 -10.39
CA ASP A 485 -8.84 -11.82 -9.92
C ASP A 485 -8.18 -11.53 -8.58
N TYR A 486 -8.30 -12.47 -7.63
CA TYR A 486 -7.65 -12.31 -6.34
C TYR A 486 -6.14 -12.20 -6.50
N GLY A 487 -5.57 -13.02 -7.38
CA GLY A 487 -4.14 -12.94 -7.63
C GLY A 487 -3.72 -11.58 -8.13
N LEU A 488 -4.45 -11.03 -9.10
CA LEU A 488 -4.12 -9.72 -9.65
C LEU A 488 -4.22 -8.64 -8.58
N ILE A 489 -5.29 -8.65 -7.80
CA ILE A 489 -5.48 -7.59 -6.80
C ILE A 489 -4.40 -7.67 -5.73
N THR A 490 -4.12 -8.89 -5.24
CA THR A 490 -3.09 -9.05 -4.22
C THR A 490 -1.71 -8.68 -4.76
N ALA A 491 -1.44 -9.01 -6.03
CA ALA A 491 -0.16 -8.66 -6.63
C ALA A 491 0.00 -7.14 -6.73
N VAL A 492 -1.07 -6.44 -7.12
CA VAL A 492 -1.01 -4.98 -7.19
C VAL A 492 -0.75 -4.41 -5.80
N ILE A 493 -1.47 -4.91 -4.79
CA ILE A 493 -1.29 -4.39 -3.44
C ILE A 493 0.14 -4.63 -2.94
N ILE A 494 0.66 -5.83 -3.20
CA ILE A 494 2.03 -6.17 -2.71
C ILE A 494 3.05 -5.33 -3.48
N ALA A 495 2.84 -5.12 -4.79
CA ALA A 495 3.74 -4.24 -5.57
C ALA A 495 3.73 -2.83 -4.97
N LEU A 496 2.58 -2.40 -4.43
CA LEU A 496 2.51 -1.08 -3.80
C LEU A 496 3.25 -1.07 -2.47
N MET A 497 3.08 -2.12 -1.66
CA MET A 497 3.71 -2.18 -0.32
C MET A 497 5.23 -2.37 -0.47
N THR A 498 5.70 -2.77 -1.66
CA THR A 498 7.15 -2.92 -1.91
C THR A 498 7.83 -1.56 -1.71
N VAL A 499 7.21 -0.47 -2.20
CA VAL A 499 7.78 0.86 -2.06
C VAL A 499 7.91 1.23 -0.59
N ILE A 500 6.90 0.89 0.22
CA ILE A 500 6.96 1.17 1.65
C ILE A 500 8.11 0.42 2.29
N TYR A 501 8.29 -0.84 1.92
CA TYR A 501 9.44 -1.59 2.43
C TYR A 501 10.74 -0.94 2.02
N ARG A 502 10.84 -0.52 0.75
CA ARG A 502 12.08 0.05 0.24
C ARG A 502 12.44 1.34 0.97
N THR A 503 11.44 2.17 1.26
CA THR A 503 11.70 3.40 2.00
C THR A 503 11.78 3.18 3.50
N GLN A 504 11.46 1.99 3.99
CA GLN A 504 11.58 1.67 5.41
C GLN A 504 12.95 1.16 5.80
N SER A 505 13.80 0.82 4.83
CA SER A 505 15.14 0.31 5.09
C SER A 505 16.16 1.06 4.23
N PRO A 506 16.44 2.32 4.57
CA PRO A 506 17.41 3.09 3.78
C PRO A 506 18.84 2.74 4.14
N SER A 507 19.80 3.45 3.57
CA SER A 507 21.22 3.22 3.82
C SER A 507 21.76 4.41 4.64
N TYR A 508 22.06 4.16 5.91
CA TYR A 508 22.62 5.17 6.79
C TYR A 508 24.14 5.18 6.60
N ILE A 509 24.70 6.35 6.29
CA ILE A 509 26.13 6.48 6.10
C ILE A 509 26.65 7.67 6.90
N VAL A 510 27.93 7.61 7.24
CA VAL A 510 28.65 8.67 7.92
C VAL A 510 29.63 9.28 6.93
N LEU A 511 29.55 10.59 6.74
CA LEU A 511 30.29 11.26 5.69
C LEU A 511 31.67 11.71 6.17
N GLY A 512 32.57 11.88 5.22
CA GLY A 512 33.90 12.40 5.50
C GLY A 512 34.34 13.29 4.36
N GLN A 513 35.19 14.26 4.69
CA GLN A 513 35.56 15.32 3.78
C GLN A 513 36.80 14.94 2.99
N LEU A 514 36.75 15.14 1.68
CA LEU A 514 37.95 15.03 0.85
C LEU A 514 38.91 16.16 1.21
N PRO A 515 40.22 15.91 1.20
CA PRO A 515 41.16 16.96 1.61
C PRO A 515 41.03 18.21 0.76
N ASP A 516 41.19 19.37 1.44
CA ASP A 516 41.20 20.72 0.88
C ASP A 516 40.23 20.94 -0.27
N THR A 517 39.03 20.39 -0.14
CA THR A 517 37.95 20.58 -1.11
C THR A 517 36.64 20.70 -0.34
N ASP A 518 35.53 20.63 -1.07
CA ASP A 518 34.20 20.68 -0.46
C ASP A 518 33.38 19.43 -0.79
N VAL A 519 34.05 18.33 -1.13
CA VAL A 519 33.38 17.08 -1.48
C VAL A 519 33.34 16.18 -0.25
N TYR A 520 32.14 15.77 0.14
CA TYR A 520 31.93 14.88 1.28
C TYR A 520 31.32 13.58 0.78
N ILE A 521 31.98 12.46 1.10
CA ILE A 521 31.60 11.15 0.57
C ILE A 521 31.70 10.12 1.70
N ASP A 522 31.33 8.88 1.38
CA ASP A 522 31.31 7.81 2.38
C ASP A 522 32.70 7.60 2.97
N ILE A 523 32.76 7.49 4.30
CA ILE A 523 34.04 7.44 4.97
C ILE A 523 34.74 6.11 4.72
N ASP A 524 34.03 5.00 4.83
CA ASP A 524 34.63 3.68 4.63
C ASP A 524 34.44 3.17 3.21
N ALA A 525 34.78 3.99 2.22
CA ALA A 525 34.64 3.58 0.83
C ALA A 525 35.82 3.92 -0.07
N TYR A 526 36.66 4.91 0.27
CA TYR A 526 37.67 5.36 -0.69
C TYR A 526 39.06 5.60 -0.11
N GLU A 527 39.26 5.41 1.20
CA GLU A 527 40.58 5.27 1.80
C GLU A 527 41.38 6.57 1.91
N GLU A 528 40.89 7.67 1.35
CA GLU A 528 41.54 8.96 1.52
C GLU A 528 40.53 10.05 1.82
N VAL A 529 39.60 9.77 2.72
CA VAL A 529 38.70 10.77 3.28
C VAL A 529 38.79 10.68 4.79
N LYS A 530 38.86 11.85 5.44
CA LYS A 530 39.09 11.92 6.87
C LYS A 530 37.96 12.69 7.55
N GLU A 531 37.64 12.30 8.78
CA GLU A 531 36.67 13.03 9.56
C GLU A 531 37.20 14.41 9.93
N VAL A 532 36.33 15.41 9.86
CA VAL A 532 36.69 16.73 10.38
C VAL A 532 36.79 16.63 11.90
N PRO A 533 37.88 17.10 12.51
CA PRO A 533 38.06 16.90 13.96
C PRO A 533 36.96 17.57 14.76
N GLY A 534 36.28 16.78 15.57
CA GLY A 534 35.20 17.28 16.41
C GLY A 534 33.85 17.38 15.75
N ILE A 535 33.69 16.86 14.53
CA ILE A 535 32.44 16.96 13.79
C ILE A 535 32.10 15.60 13.22
N LYS A 536 30.83 15.20 13.36
CA LYS A 536 30.31 13.96 12.80
C LYS A 536 29.14 14.28 11.88
N ILE A 537 29.09 13.61 10.73
CA ILE A 537 28.09 13.88 9.70
C ILE A 537 27.31 12.60 9.43
N PHE A 538 25.99 12.71 9.34
CA PHE A 538 25.09 11.59 9.14
C PHE A 538 24.20 11.85 7.94
N GLN A 539 23.95 10.81 7.14
CA GLN A 539 23.13 10.96 5.95
C GLN A 539 22.14 9.82 5.83
N ILE A 540 20.89 10.15 5.51
CA ILE A 540 19.84 9.18 5.25
C ILE A 540 19.17 9.53 3.93
N ASN A 541 19.06 8.55 3.03
CA ASN A 541 18.42 8.76 1.73
C ASN A 541 16.99 8.21 1.73
N ALA A 542 16.14 8.82 2.54
CA ALA A 542 14.75 8.42 2.63
C ALA A 542 13.96 9.52 3.32
N PRO A 543 12.67 9.65 3.02
CA PRO A 543 11.83 10.60 3.77
C PRO A 543 11.70 10.18 5.22
N ILE A 544 11.48 11.15 6.08
CA ILE A 544 11.33 10.94 7.51
C ILE A 544 9.85 11.11 7.85
N TYR A 545 9.12 10.01 7.90
CA TYR A 545 7.70 10.05 8.21
C TYR A 545 7.36 9.03 9.29
N TYR A 546 6.07 8.75 9.50
CA TYR A 546 5.65 7.99 10.67
C TYR A 546 6.23 6.58 10.66
N ALA A 547 6.27 5.92 9.50
CA ALA A 547 6.75 4.55 9.45
C ALA A 547 8.25 4.46 9.62
N ASN A 548 8.99 5.54 9.36
CA ASN A 548 10.44 5.58 9.52
C ASN A 548 10.79 6.82 10.33
N SER A 549 10.65 6.74 11.63
CA SER A 549 11.09 7.82 12.51
C SER A 549 11.93 7.33 13.68
N ASP A 550 11.59 6.18 14.26
CA ASP A 550 12.38 5.62 15.35
C ASP A 550 13.65 4.95 14.82
N LEU A 551 13.57 4.33 13.65
CA LEU A 551 14.75 3.69 13.08
C LEU A 551 15.81 4.72 12.76
N TYR A 552 15.42 5.88 12.25
CA TYR A 552 16.38 6.93 11.96
C TYR A 552 17.08 7.41 13.23
N SER A 553 16.32 7.62 14.30
CA SER A 553 16.92 8.07 15.56
C SER A 553 17.86 7.02 16.12
N SER A 554 17.46 5.74 16.08
CA SER A 554 18.32 4.69 16.58
C SER A 554 19.61 4.59 15.77
N ALA A 555 19.50 4.68 14.45
CA ALA A 555 20.68 4.62 13.60
C ALA A 555 21.60 5.81 13.85
N LEU A 556 21.02 7.00 14.05
CA LEU A 556 21.83 8.17 14.36
C LEU A 556 22.57 8.00 15.67
N LYS A 557 21.90 7.45 16.68
CA LYS A 557 22.53 7.29 17.98
C LYS A 557 23.57 6.16 17.97
N ARG A 558 23.41 5.17 17.12
CA ARG A 558 24.30 4.02 17.12
C ARG A 558 25.50 4.19 16.18
N LYS A 559 25.23 4.52 14.91
CA LYS A 559 26.30 4.55 13.92
C LYS A 559 27.32 5.64 14.23
N THR A 560 26.87 6.82 14.65
CA THR A 560 27.81 7.88 14.99
C THR A 560 28.61 7.55 16.26
N GLY A 561 28.02 6.79 17.17
CA GLY A 561 28.70 6.41 18.38
C GLY A 561 28.56 7.39 19.53
N VAL A 562 27.60 8.31 19.47
CA VAL A 562 27.36 9.29 20.52
C VAL A 562 25.96 9.04 21.05
N ASN A 563 25.85 8.47 22.24
CA ASN A 563 24.56 8.17 22.85
C ASN A 563 24.33 9.09 24.03
N PRO A 564 23.33 9.99 23.97
CA PRO A 564 23.15 10.95 25.07
C PRO A 564 22.84 10.30 26.42
N ALA A 565 22.07 9.21 26.42
CA ALA A 565 21.74 8.54 27.67
C ALA A 565 22.97 7.98 28.35
N PHE A 566 23.88 7.38 27.58
CA PHE A 566 25.11 6.85 28.15
C PHE A 566 25.97 7.96 28.75
N ILE A 567 26.05 9.10 28.05
CA ILE A 567 26.83 10.23 28.56
C ILE A 567 26.23 10.73 29.86
N LEU A 568 24.91 10.87 29.92
CA LEU A 568 24.25 11.34 31.14
C LEU A 568 24.49 10.37 32.29
N GLY A 569 24.36 9.07 32.03
CA GLY A 569 24.58 8.09 33.07
C GLY A 569 26.01 8.10 33.58
N ALA A 570 26.99 8.18 32.66
CA ALA A 570 28.39 8.22 33.07
C ALA A 570 28.69 9.46 33.90
N ARG A 571 28.16 10.62 33.48
CA ARG A 571 28.40 11.84 34.24
C ARG A 571 27.75 11.77 35.62
N ARG A 572 26.53 11.23 35.70
CA ARG A 572 25.88 11.10 37.00
C ARG A 572 26.66 10.17 37.91
N LYS A 573 27.17 9.06 37.36
CA LYS A 573 27.99 8.15 38.15
C LYS A 573 29.26 8.83 38.62
N ALA A 574 29.88 9.65 37.76
CA ALA A 574 31.09 10.36 38.15
C ALA A 574 30.82 11.34 39.29
N MET A 575 29.71 12.09 39.20
CA MET A 575 29.36 13.00 40.29
C MET A 575 29.07 12.24 41.58
N LYS A 576 28.36 11.11 41.49
CA LYS A 576 28.05 10.34 42.67
C LYS A 576 29.30 9.79 43.34
N LYS A 577 30.26 9.30 42.53
CA LYS A 577 31.47 8.71 43.09
C LYS A 577 32.45 9.77 43.59
N TYR A 578 32.45 10.96 43.00
CA TYR A 578 33.38 12.00 43.42
C TYR A 578 33.11 12.44 44.86
N ALA A 579 31.84 12.58 45.23
CA ALA A 579 31.46 13.08 46.55
C ALA A 579 31.71 12.01 47.59
N LYS A 580 32.96 11.92 48.05
CA LYS A 580 33.34 10.95 49.06
C LYS A 580 33.31 11.52 50.47
N GLU A 581 33.45 12.85 50.61
CA GLU A 581 33.43 13.48 51.93
C GLU A 581 32.47 14.67 51.94
N PRO A 618 12.97 34.34 26.82
CA PRO A 618 12.13 33.51 27.69
C PRO A 618 12.40 32.02 27.51
N ILE A 619 13.25 31.67 26.55
CA ILE A 619 13.59 30.29 26.25
C ILE A 619 15.09 30.19 26.06
N VAL A 620 15.69 29.14 26.62
CA VAL A 620 17.12 28.84 26.43
C VAL A 620 17.23 27.48 25.75
N THR A 621 17.98 27.43 24.66
CA THR A 621 18.04 26.23 23.83
C THR A 621 19.29 25.39 24.06
N LYS A 622 20.38 25.97 24.54
CA LYS A 622 21.63 25.26 24.69
C LYS A 622 22.23 25.55 26.06
N SER A 623 22.64 24.49 26.75
CA SER A 623 23.24 24.60 28.08
C SER A 623 24.51 23.77 28.14
N THR A 624 25.56 24.37 28.69
CA THR A 624 26.83 23.68 28.84
C THR A 624 26.77 22.66 29.97
N LEU A 625 27.64 21.65 29.89
CA LEU A 625 27.68 20.59 30.89
C LEU A 625 28.70 20.93 31.96
N PRO A 626 28.29 21.18 33.20
CA PRO A 626 29.28 21.44 34.25
C PRO A 626 30.00 20.17 34.66
N GLU A 627 31.30 20.28 34.83
CA GLU A 627 32.14 19.13 35.16
C GLU A 627 33.39 19.60 35.88
N GLU A 628 33.82 18.81 36.87
CA GLU A 628 35.07 19.11 37.55
C GLU A 628 36.26 18.98 36.60
N LEU A 629 36.24 17.98 35.73
CA LEU A 629 37.19 17.85 34.62
C LEU A 629 38.63 17.72 35.10
N GLN A 630 38.90 16.66 35.86
CA GLN A 630 40.28 16.31 36.20
C GLN A 630 40.70 14.97 35.64
N ARG A 631 40.02 13.88 35.99
CA ARG A 631 40.44 12.57 35.52
C ARG A 631 39.32 11.60 35.21
N PHE A 632 38.05 12.00 35.31
CA PHE A 632 36.94 11.06 35.14
C PHE A 632 36.39 11.03 33.72
N MET A 633 36.94 11.82 32.81
CA MET A 633 36.47 11.79 31.43
C MET A 633 36.92 10.48 30.77
N PRO A 634 36.00 9.71 30.18
CA PRO A 634 36.38 8.45 29.54
C PRO A 634 37.25 8.71 28.32
N PRO A 635 38.22 7.84 28.05
CA PRO A 635 39.06 8.01 26.85
C PRO A 635 38.31 7.67 25.58
N GLY A 636 37.99 8.70 24.78
CA GLY A 636 37.27 8.48 23.55
C GLY A 636 37.26 9.69 22.63
N ASP A 637 36.18 9.86 21.87
CA ASP A 637 36.06 10.98 20.95
C ASP A 637 35.78 12.27 21.70
N ASN A 638 35.89 13.39 20.98
CA ASN A 638 35.66 14.71 21.53
C ASN A 638 34.76 15.52 20.60
N VAL A 639 33.71 14.88 20.09
CA VAL A 639 32.81 15.54 19.16
C VAL A 639 32.03 16.63 19.89
N HIS A 640 31.90 17.79 19.24
CA HIS A 640 31.19 18.92 19.81
C HIS A 640 29.95 19.35 19.04
N THR A 641 29.79 18.92 17.80
CA THR A 641 28.60 19.23 17.03
C THR A 641 28.31 18.10 16.06
N ILE A 642 27.04 17.98 15.67
CA ILE A 642 26.60 16.97 14.73
C ILE A 642 25.85 17.68 13.60
N ILE A 643 26.21 17.33 12.36
CA ILE A 643 25.61 17.92 11.17
C ILE A 643 24.77 16.85 10.50
N LEU A 644 23.50 17.16 10.25
CA LEU A 644 22.59 16.25 9.60
C LEU A 644 22.38 16.66 8.15
N ASP A 645 22.50 15.69 7.24
CA ASP A 645 22.28 15.92 5.82
C ASP A 645 20.80 15.74 5.51
N PHE A 646 20.23 16.72 4.80
CA PHE A 646 18.81 16.71 4.49
C PHE A 646 18.54 16.95 3.01
N THR A 647 19.54 16.76 2.14
CA THR A 647 19.31 16.94 0.72
C THR A 647 18.45 15.82 0.14
N GLN A 648 18.57 14.61 0.67
CA GLN A 648 17.86 13.46 0.15
C GLN A 648 16.46 13.29 0.74
N VAL A 649 16.08 14.11 1.71
CA VAL A 649 14.77 14.00 2.33
C VAL A 649 13.75 14.72 1.47
N ASN A 650 12.68 14.00 1.09
CA ASN A 650 11.68 14.55 0.20
C ASN A 650 10.53 15.23 0.94
N PHE A 651 10.08 14.65 2.04
CA PHE A 651 8.96 15.22 2.80
C PHE A 651 9.05 14.77 4.25
N MET A 652 8.26 15.44 5.09
CA MET A 652 8.18 15.11 6.51
C MET A 652 6.76 15.33 6.99
N ASP A 653 6.40 14.63 8.07
CA ASP A 653 5.09 14.80 8.69
C ASP A 653 5.22 15.10 10.18
N SER A 654 4.10 15.05 10.91
CA SER A 654 4.10 15.45 12.31
C SER A 654 5.04 14.58 13.14
N VAL A 655 5.05 13.27 12.88
CA VAL A 655 5.90 12.37 13.65
C VAL A 655 7.38 12.68 13.42
N GLY A 656 7.75 12.96 12.17
CA GLY A 656 9.13 13.31 11.89
C GLY A 656 9.55 14.61 12.54
N VAL A 657 8.66 15.61 12.53
CA VAL A 657 8.95 16.87 13.19
C VAL A 657 9.12 16.65 14.69
N LYS A 658 8.25 15.82 15.28
CA LYS A 658 8.35 15.53 16.71
C LYS A 658 9.68 14.84 17.04
N THR A 659 10.09 13.88 16.22
CA THR A 659 11.32 13.17 16.52
C THR A 659 12.55 14.04 16.32
N LEU A 660 12.54 14.93 15.32
CA LEU A 660 13.65 15.87 15.18
C LEU A 660 13.70 16.84 16.36
N ALA A 661 12.54 17.32 16.82
CA ALA A 661 12.52 18.19 17.98
C ALA A 661 13.09 17.47 19.20
N GLY A 662 12.72 16.20 19.39
CA GLY A 662 13.26 15.44 20.50
C GLY A 662 14.76 15.25 20.41
N ILE A 663 15.26 14.94 19.19
CA ILE A 663 16.69 14.77 19.01
C ILE A 663 17.44 16.05 19.33
N VAL A 664 16.94 17.18 18.82
CA VAL A 664 17.60 18.46 19.05
C VAL A 664 17.60 18.80 20.53
N LYS A 665 16.45 18.60 21.20
CA LYS A 665 16.37 18.90 22.63
C LYS A 665 17.33 18.04 23.44
N GLU A 666 17.38 16.73 23.15
CA GLU A 666 18.26 15.84 23.89
C GLU A 666 19.72 16.22 23.71
N TYR A 667 20.13 16.45 22.45
CA TYR A 667 21.53 16.76 22.20
C TYR A 667 21.91 18.13 22.74
N GLY A 668 20.99 19.08 22.75
CA GLY A 668 21.25 20.35 23.40
C GLY A 668 21.39 20.21 24.91
N ASP A 669 20.57 19.33 25.50
CA ASP A 669 20.66 19.09 26.94
C ASP A 669 22.00 18.46 27.31
N VAL A 670 22.48 17.52 26.49
CA VAL A 670 23.78 16.90 26.77
C VAL A 670 24.91 17.90 26.58
N GLY A 671 24.82 18.74 25.55
CA GLY A 671 25.86 19.71 25.30
C GLY A 671 26.49 19.63 23.92
N ILE A 672 25.73 19.16 22.94
CA ILE A 672 26.21 19.03 21.56
C ILE A 672 25.28 19.80 20.64
N TYR A 673 25.86 20.66 19.80
CA TYR A 673 25.08 21.38 18.82
C TYR A 673 24.60 20.45 17.70
N VAL A 674 23.46 20.77 17.12
CA VAL A 674 22.89 20.03 16.01
C VAL A 674 22.52 21.00 14.90
N TYR A 675 23.02 20.75 13.70
CA TYR A 675 22.76 21.57 12.54
C TYR A 675 22.11 20.74 11.44
N LEU A 676 21.29 21.39 10.62
CA LEU A 676 20.66 20.77 9.47
C LEU A 676 21.16 21.45 8.21
N ALA A 677 21.58 20.65 7.23
CA ALA A 677 22.20 21.16 6.01
C ALA A 677 21.40 20.70 4.79
N GLY A 678 21.12 21.63 3.89
CA GLY A 678 20.50 21.30 2.62
C GLY A 678 19.00 21.13 2.64
N CYS A 679 18.32 21.60 3.68
CA CYS A 679 16.87 21.47 3.73
C CYS A 679 16.22 22.20 2.57
N SER A 680 15.29 21.53 1.91
CA SER A 680 14.63 22.09 0.74
C SER A 680 13.44 22.95 1.16
N ALA A 681 12.75 23.51 0.17
CA ALA A 681 11.60 24.37 0.45
C ALA A 681 10.46 23.57 1.09
N GLN A 682 10.20 22.37 0.58
CA GLN A 682 9.11 21.56 1.10
C GLN A 682 9.36 21.16 2.55
N VAL A 683 10.59 20.75 2.88
CA VAL A 683 10.91 20.36 4.25
C VAL A 683 10.83 21.56 5.18
N VAL A 684 11.27 22.73 4.72
CA VAL A 684 11.17 23.94 5.54
C VAL A 684 9.72 24.29 5.80
N SER A 685 8.88 24.20 4.76
CA SER A 685 7.46 24.47 4.94
C SER A 685 6.81 23.48 5.91
N ASP A 686 7.18 22.19 5.80
CA ASP A 686 6.62 21.19 6.70
C ASP A 686 7.06 21.44 8.14
N LEU A 687 8.31 21.87 8.33
CA LEU A 687 8.77 22.22 9.67
C LEU A 687 8.06 23.44 10.20
N THR A 688 7.77 24.41 9.33
CA THR A 688 7.12 25.65 9.79
C THR A 688 5.65 25.40 10.15
N GLN A 689 4.95 24.59 9.36
CA GLN A 689 3.53 24.35 9.61
C GLN A 689 3.31 23.71 10.98
N ASN A 690 4.10 22.69 11.30
CA ASN A 690 4.09 22.16 12.65
C ASN A 690 4.86 23.11 13.57
N GLN A 691 4.55 23.03 14.86
CA GLN A 691 5.15 23.95 15.84
C GLN A 691 6.59 23.55 16.09
N PHE A 692 7.47 23.99 15.18
CA PHE A 692 8.90 23.77 15.30
C PHE A 692 9.69 25.06 15.37
N PHE A 693 9.41 26.01 14.48
CA PHE A 693 10.15 27.28 14.44
C PHE A 693 9.50 28.29 15.37
N GLU A 694 9.54 27.97 16.66
CA GLU A 694 9.20 28.95 17.69
C GLU A 694 10.29 30.00 17.84
N ASN A 695 11.46 29.75 17.25
CA ASN A 695 12.59 30.67 17.14
C ASN A 695 13.08 31.23 18.47
N PRO A 696 13.43 30.41 19.47
CA PRO A 696 14.39 30.89 20.47
C PRO A 696 15.75 31.10 19.81
N ALA A 697 16.24 30.04 19.17
CA ALA A 697 17.38 30.12 18.26
C ALA A 697 17.28 29.14 17.10
N LEU A 698 16.16 28.41 16.96
CA LEU A 698 16.10 27.29 16.03
C LEU A 698 16.12 27.72 14.57
N LEU A 699 15.89 29.00 14.28
CA LEU A 699 15.91 29.43 12.89
C LEU A 699 17.34 29.56 12.35
N ASP A 700 18.33 29.64 13.23
CA ASP A 700 19.73 29.76 12.83
C ASP A 700 20.43 28.43 12.64
N LEU A 701 19.76 27.32 12.93
CA LEU A 701 20.40 26.01 12.81
C LEU A 701 20.51 25.57 11.35
N LEU A 702 19.60 26.03 10.50
CA LEU A 702 19.58 25.57 9.12
C LEU A 702 20.77 26.12 8.34
N PHE A 703 21.24 25.34 7.36
CA PHE A 703 22.33 25.73 6.50
C PHE A 703 22.05 25.28 5.08
N HIS A 704 22.69 25.94 4.11
CA HIS A 704 22.43 25.67 2.71
C HIS A 704 23.18 24.46 2.18
N SER A 705 24.31 24.10 2.77
CA SER A 705 25.10 22.98 2.31
C SER A 705 25.95 22.45 3.46
N ILE A 706 26.50 21.25 3.26
CA ILE A 706 27.32 20.62 4.30
C ILE A 706 28.56 21.46 4.58
N HIS A 707 29.21 21.97 3.54
CA HIS A 707 30.41 22.77 3.72
C HIS A 707 30.10 24.04 4.49
N ASP A 708 28.95 24.66 4.21
CA ASP A 708 28.55 25.85 4.96
C ASP A 708 28.37 25.53 6.44
N ALA A 709 27.75 24.40 6.75
CA ALA A 709 27.58 24.01 8.15
C ALA A 709 28.92 23.76 8.82
N VAL A 710 29.84 23.09 8.11
CA VAL A 710 31.16 22.82 8.69
C VAL A 710 31.89 24.13 8.97
N LEU A 711 31.87 25.05 8.01
CA LEU A 711 32.56 26.33 8.21
C LEU A 711 31.93 27.13 9.33
N GLY A 712 30.60 27.13 9.42
CA GLY A 712 29.93 27.83 10.50
C GLY A 712 30.28 27.25 11.86
N SER A 713 30.31 25.92 11.97
CA SER A 713 30.71 25.29 13.22
C SER A 713 32.15 25.64 13.58
N GLN A 714 33.04 25.62 12.58
CA GLN A 714 34.45 25.91 12.86
C GLN A 714 34.63 27.36 13.31
N VAL A 715 33.95 28.31 12.66
CA VAL A 715 34.10 29.70 13.05
C VAL A 715 33.46 29.95 14.42
N ARG A 716 32.36 29.26 14.70
CA ARG A 716 31.74 29.39 16.02
C ARG A 716 32.65 28.85 17.11
N GLU A 717 33.31 27.72 16.86
CA GLU A 717 34.25 27.19 17.84
C GLU A 717 35.46 28.10 17.99
N ALA A 718 35.95 28.67 16.89
CA ALA A 718 37.09 29.58 16.96
C ALA A 718 36.76 30.85 17.73
N LEU A 719 35.53 31.35 17.59
CA LEU A 719 35.13 32.54 18.33
C LEU A 719 35.15 32.32 19.84
N ALA A 720 35.01 31.09 20.29
CA ALA A 720 35.11 30.76 21.70
C ALA A 720 36.50 30.23 22.01
N GLU A 721 36.94 30.43 23.25
CA GLU A 721 38.26 30.04 23.75
C GLU A 721 39.40 30.75 23.04
N GLN A 722 39.10 31.68 22.12
CA GLN A 722 40.12 32.47 21.44
C GLN A 722 39.73 33.94 21.36
N GLU A 723 38.63 34.34 21.98
CA GLU A 723 38.17 35.71 21.96
C GLU A 723 37.27 36.00 23.15
N THR B 13 31.89 38.01 2.03
CA THR B 13 32.66 37.51 0.90
C THR B 13 34.08 37.17 1.33
N GLN B 14 34.23 36.63 2.53
CA GLN B 14 35.53 36.32 3.10
C GLN B 14 35.78 34.83 3.25
N ARG B 15 34.76 34.05 3.60
CA ARG B 15 34.91 32.62 3.81
C ARG B 15 34.50 31.86 2.56
N TYR B 16 34.52 30.53 2.65
CA TYR B 16 34.10 29.63 1.59
C TYR B 16 34.92 29.86 0.31
N TYR B 17 36.21 29.55 0.42
CA TYR B 17 37.12 29.53 -0.72
C TYR B 17 37.38 28.08 -1.10
N VAL B 18 37.15 27.75 -2.37
CA VAL B 18 37.21 26.37 -2.85
C VAL B 18 38.39 26.14 -3.80
N GLU B 19 38.36 26.77 -4.98
CA GLU B 19 39.42 26.64 -5.98
C GLU B 19 39.76 25.17 -6.24
N ARG B 20 38.79 24.45 -6.80
CA ARG B 20 38.91 23.03 -7.04
C ARG B 20 38.62 22.71 -8.50
N PRO B 21 39.32 21.74 -9.10
CA PRO B 21 39.07 21.41 -10.50
C PRO B 21 37.71 20.76 -10.72
N ILE B 22 37.29 20.75 -11.98
CA ILE B 22 35.99 20.20 -12.34
C ILE B 22 35.99 18.69 -12.10
N PHE B 23 34.96 18.20 -11.40
CA PHE B 23 34.84 16.79 -11.06
C PHE B 23 33.62 16.22 -11.78
N SER B 24 33.82 15.78 -13.02
CA SER B 24 32.73 15.17 -13.77
C SER B 24 32.28 13.87 -13.11
N HIS B 25 33.13 12.85 -13.15
CA HIS B 25 32.89 11.56 -12.51
C HIS B 25 34.06 10.61 -12.79
N PRO B 26 34.48 10.40 -14.05
CA PRO B 26 35.72 9.65 -14.26
C PRO B 26 36.93 10.31 -13.62
N VAL B 27 36.97 11.64 -13.60
CA VAL B 27 38.06 12.36 -12.95
C VAL B 27 38.05 12.06 -11.45
N LEU B 28 36.88 12.13 -10.83
CA LEU B 28 36.77 11.81 -9.42
C LEU B 28 37.04 10.33 -9.17
N GLN B 29 36.66 9.46 -10.11
CA GLN B 29 36.90 8.04 -9.94
C GLN B 29 38.39 7.72 -9.95
N GLU B 30 39.14 8.31 -10.89
CA GLU B 30 40.59 8.09 -10.91
C GLU B 30 41.30 8.86 -9.81
N ARG B 31 40.68 9.89 -9.26
CA ARG B 31 41.27 10.60 -8.13
C ARG B 31 41.24 9.78 -6.84
N LEU B 32 40.31 8.83 -6.73
CA LEU B 32 40.09 8.09 -5.49
C LEU B 32 40.59 6.65 -5.63
N HIS B 33 40.38 5.88 -4.58
CA HIS B 33 40.75 4.47 -4.52
C HIS B 33 39.61 3.73 -3.83
N LYS B 34 39.87 2.47 -3.43
CA LYS B 34 38.84 1.63 -2.86
C LYS B 34 39.33 0.97 -1.58
N LYS B 35 38.38 0.64 -0.72
CA LYS B 35 38.59 -0.17 0.47
C LYS B 35 37.77 -1.44 0.36
N ASP B 36 38.03 -2.39 1.26
CA ASP B 36 37.34 -3.67 1.23
C ASP B 36 36.43 -3.86 2.44
N LYS B 37 36.99 -3.81 3.65
CA LYS B 37 36.25 -4.02 4.90
C LYS B 37 35.30 -5.22 4.78
N ILE B 38 35.87 -6.36 4.43
CA ILE B 38 35.10 -7.56 4.17
C ILE B 38 34.92 -8.33 5.47
N SER B 39 33.67 -8.62 5.82
CA SER B 39 33.38 -9.45 6.98
C SER B 39 33.64 -10.92 6.68
N GLU B 40 33.88 -11.68 7.73
CA GLU B 40 34.14 -13.10 7.64
C GLU B 40 33.07 -13.88 8.40
N SER B 41 32.89 -15.15 8.01
CA SER B 41 31.90 -16.04 8.62
C SER B 41 30.49 -15.46 8.49
N ILE B 42 30.14 -15.11 7.25
CA ILE B 42 28.82 -14.55 6.98
C ILE B 42 27.75 -15.60 7.22
N GLY B 43 26.69 -15.20 7.92
CA GLY B 43 25.62 -16.11 8.25
C GLY B 43 25.88 -17.03 9.42
N ASP B 44 27.05 -16.91 10.07
CA ASP B 44 27.40 -17.75 11.20
C ASP B 44 27.81 -16.93 12.41
N LYS B 45 27.48 -15.63 12.42
CA LYS B 45 27.82 -14.78 13.55
C LYS B 45 27.06 -15.17 14.82
N LEU B 46 25.91 -15.82 14.69
CA LEU B 46 25.12 -16.24 15.83
C LEU B 46 25.51 -17.62 16.34
N LYS B 47 26.44 -18.30 15.68
CA LYS B 47 26.90 -19.60 16.16
C LYS B 47 27.74 -19.51 17.43
N GLN B 48 28.19 -18.30 17.79
CA GLN B 48 28.92 -18.09 19.03
C GLN B 48 28.00 -17.78 20.20
N ALA B 49 26.69 -17.74 19.97
CA ALA B 49 25.72 -17.44 21.01
C ALA B 49 25.40 -18.72 21.80
N PHE B 50 24.45 -18.61 22.74
CA PHE B 50 24.06 -19.72 23.61
C PHE B 50 25.27 -20.28 24.35
N THR B 51 26.12 -19.38 24.82
CA THR B 51 27.33 -19.73 25.55
C THR B 51 27.08 -19.62 27.05
N CYS B 52 28.12 -19.90 27.83
CA CYS B 52 28.04 -19.88 29.28
C CYS B 52 28.39 -18.51 29.86
N THR B 53 28.22 -17.44 29.10
CA THR B 53 28.52 -16.10 29.59
C THR B 53 27.51 -15.69 30.65
N PRO B 54 27.93 -15.36 31.87
CA PRO B 54 26.95 -14.94 32.88
C PRO B 54 26.21 -13.67 32.50
N LYS B 55 26.89 -12.72 31.84
CA LYS B 55 26.24 -11.48 31.45
C LYS B 55 25.12 -11.73 30.45
N LYS B 56 25.36 -12.59 29.46
CA LYS B 56 24.34 -12.87 28.46
C LYS B 56 23.13 -13.55 29.06
N ILE B 57 23.36 -14.53 29.95
CA ILE B 57 22.25 -15.21 30.61
C ILE B 57 21.48 -14.26 31.50
N ARG B 58 22.19 -13.39 32.23
CA ARG B 58 21.52 -12.40 33.06
C ARG B 58 20.67 -11.46 32.22
N ASN B 59 21.19 -11.02 31.08
CA ASN B 59 20.43 -10.13 30.20
C ASN B 59 19.21 -10.83 29.63
N ILE B 60 19.33 -12.11 29.27
CA ILE B 60 18.18 -12.84 28.73
C ILE B 60 17.10 -12.99 29.80
N ILE B 61 17.51 -13.34 31.02
CA ILE B 61 16.54 -13.49 32.11
C ILE B 61 15.87 -12.15 32.41
N TYR B 62 16.64 -11.06 32.37
CA TYR B 62 16.06 -9.74 32.57
C TYR B 62 15.06 -9.40 31.48
N MET B 63 15.38 -9.75 30.22
CA MET B 63 14.49 -9.45 29.11
C MET B 63 13.19 -10.23 29.22
N PHE B 64 13.26 -11.51 29.56
CA PHE B 64 12.05 -12.33 29.62
C PHE B 64 11.32 -12.26 30.95
N LEU B 65 11.94 -11.72 31.99
CA LEU B 65 11.29 -11.51 33.28
C LEU B 65 11.50 -10.06 33.72
N PRO B 66 10.68 -9.13 33.20
CA PRO B 66 10.84 -7.72 33.59
C PRO B 66 10.79 -7.48 35.09
N ILE B 67 10.10 -8.33 35.86
CA ILE B 67 9.89 -8.05 37.28
C ILE B 67 11.20 -8.07 38.05
N THR B 68 12.22 -8.79 37.54
CA THR B 68 13.48 -8.88 38.28
C THR B 68 14.25 -7.57 38.23
N LYS B 69 14.34 -6.95 37.05
CA LYS B 69 15.16 -5.75 36.90
C LYS B 69 14.58 -4.58 37.68
N TRP B 70 13.29 -4.30 37.51
CA TRP B 70 12.65 -3.14 38.12
C TRP B 70 11.98 -3.60 39.42
N LEU B 71 12.76 -3.60 40.50
CA LEU B 71 12.28 -4.05 41.80
C LEU B 71 13.18 -3.56 42.94
N PRO B 72 14.52 -3.70 42.83
CA PRO B 72 15.36 -3.17 43.93
C PRO B 72 15.21 -1.68 44.16
N ALA B 73 14.97 -0.89 43.10
CA ALA B 73 14.78 0.55 43.24
C ALA B 73 13.48 0.80 43.98
N TYR B 74 13.59 1.21 45.24
CA TYR B 74 12.41 1.31 46.10
C TYR B 74 12.68 2.41 47.14
N ARG B 75 12.19 3.60 46.85
CA ARG B 75 12.27 4.73 47.77
C ARG B 75 10.95 4.89 48.53
N PHE B 76 10.98 5.75 49.55
CA PHE B 76 9.91 5.79 50.54
C PHE B 76 9.29 7.17 50.75
N LYS B 77 9.92 8.25 50.29
CA LYS B 77 9.41 9.58 50.60
C LYS B 77 8.03 9.82 50.01
N GLU B 78 7.93 9.79 48.68
CA GLU B 78 6.66 10.00 47.99
C GLU B 78 6.25 8.83 47.11
N TYR B 79 7.14 7.87 46.87
CA TYR B 79 6.83 6.71 46.04
C TYR B 79 5.69 5.89 46.64
N VAL B 80 5.78 5.60 47.94
CA VAL B 80 4.79 4.73 48.58
C VAL B 80 3.42 5.40 48.58
N LEU B 81 3.36 6.67 48.96
CA LEU B 81 2.08 7.37 49.00
C LEU B 81 1.44 7.48 47.62
N GLY B 82 2.24 7.84 46.61
CA GLY B 82 1.72 7.94 45.26
C GLY B 82 1.24 6.61 44.72
N ASP B 83 2.02 5.55 44.95
CA ASP B 83 1.60 4.22 44.49
C ASP B 83 0.32 3.78 45.19
N ILE B 84 0.21 4.04 46.50
CA ILE B 84 -0.97 3.62 47.24
C ILE B 84 -2.20 4.36 46.75
N VAL B 85 -2.10 5.68 46.57
CA VAL B 85 -3.26 6.45 46.14
C VAL B 85 -3.64 6.08 44.70
N SER B 86 -2.65 5.82 43.85
CA SER B 86 -2.94 5.36 42.50
C SER B 86 -3.65 4.02 42.51
N GLY B 87 -3.22 3.11 43.37
CA GLY B 87 -3.91 1.83 43.48
C GLY B 87 -5.34 1.97 43.97
N ILE B 88 -5.55 2.83 44.98
CA ILE B 88 -6.91 3.06 45.48
C ILE B 88 -7.79 3.58 44.35
N SER B 89 -7.33 4.61 43.65
CA SER B 89 -8.14 5.21 42.59
C SER B 89 -8.41 4.22 41.46
N THR B 90 -7.38 3.47 41.05
CA THR B 90 -7.57 2.56 39.92
C THR B 90 -8.48 1.39 40.29
N GLY B 91 -8.43 0.92 41.55
CA GLY B 91 -9.35 -0.13 41.96
C GLY B 91 -10.79 0.34 42.01
N VAL B 92 -11.01 1.51 42.62
CA VAL B 92 -12.37 2.03 42.71
C VAL B 92 -12.91 2.45 41.36
N LEU B 93 -12.03 2.73 40.39
CA LEU B 93 -12.49 2.95 39.03
C LEU B 93 -12.73 1.65 38.27
N GLN B 94 -11.94 0.62 38.56
CA GLN B 94 -12.03 -0.63 37.82
C GLN B 94 -13.27 -1.42 38.20
N LEU B 95 -13.70 -1.34 39.47
CA LEU B 95 -14.83 -2.16 39.91
C LEU B 95 -16.11 -1.88 39.13
N PRO B 96 -16.65 -0.65 39.11
CA PRO B 96 -17.98 -0.47 38.50
C PRO B 96 -17.98 -0.63 36.99
N GLN B 97 -17.03 -0.01 36.29
CA GLN B 97 -16.97 -0.20 34.84
C GLN B 97 -16.52 -1.59 34.46
N GLY B 98 -15.80 -2.30 35.34
CA GLY B 98 -15.59 -3.72 35.11
C GLY B 98 -16.88 -4.51 35.13
N LEU B 99 -17.74 -4.23 36.11
CA LEU B 99 -19.06 -4.84 36.13
C LEU B 99 -19.84 -4.50 34.87
N ALA B 100 -19.78 -3.23 34.45
CA ALA B 100 -20.51 -2.80 33.26
C ALA B 100 -20.00 -3.51 32.01
N PHE B 101 -18.69 -3.68 31.88
CA PHE B 101 -18.13 -4.36 30.72
C PHE B 101 -18.50 -5.83 30.70
N ALA B 102 -18.52 -6.47 31.88
CA ALA B 102 -19.00 -7.85 31.95
C ALA B 102 -20.47 -7.93 31.53
N MET B 103 -21.27 -6.99 32.00
CA MET B 103 -22.69 -6.96 31.68
C MET B 103 -22.95 -6.70 30.20
N LEU B 104 -22.07 -5.97 29.53
CA LEU B 104 -22.23 -5.71 28.10
C LEU B 104 -22.02 -6.94 27.24
N ALA B 105 -21.40 -7.99 27.78
CA ALA B 105 -21.05 -9.17 26.99
C ALA B 105 -22.01 -10.33 27.20
N ALA B 106 -23.21 -10.06 27.74
CA ALA B 106 -24.19 -11.10 28.05
C ALA B 106 -23.61 -12.16 28.97
N VAL B 107 -22.80 -11.72 29.93
CA VAL B 107 -22.15 -12.60 30.90
C VAL B 107 -22.37 -12.00 32.28
N PRO B 108 -22.60 -12.81 33.31
CA PRO B 108 -22.80 -12.25 34.64
C PRO B 108 -21.57 -11.50 35.11
N PRO B 109 -21.75 -10.48 35.96
CA PRO B 109 -20.62 -9.63 36.35
C PRO B 109 -19.53 -10.34 37.16
N VAL B 110 -19.80 -11.54 37.68
CA VAL B 110 -18.78 -12.27 38.41
C VAL B 110 -17.58 -12.53 37.52
N PHE B 111 -17.82 -12.82 36.25
CA PHE B 111 -16.71 -12.99 35.30
C PHE B 111 -15.99 -11.67 35.07
N GLY B 112 -16.70 -10.55 35.19
CA GLY B 112 -16.01 -9.26 35.14
C GLY B 112 -15.08 -9.06 36.31
N LEU B 113 -15.52 -9.47 37.51
CA LEU B 113 -14.63 -9.43 38.67
C LEU B 113 -13.42 -10.34 38.46
N TYR B 114 -13.65 -11.52 37.89
CA TYR B 114 -12.55 -12.43 37.60
C TYR B 114 -11.56 -11.80 36.61
N SER B 115 -12.08 -11.11 35.59
CA SER B 115 -11.21 -10.46 34.62
C SER B 115 -10.46 -9.29 35.25
N SER B 116 -11.08 -8.62 36.22
CA SER B 116 -10.39 -7.55 36.94
C SER B 116 -9.28 -8.10 37.83
N PHE B 117 -9.47 -9.30 38.37
CA PHE B 117 -8.52 -9.83 39.36
C PHE B 117 -7.38 -10.65 38.74
N TYR B 118 -7.72 -11.70 37.99
CA TYR B 118 -6.71 -12.69 37.61
C TYR B 118 -5.58 -12.12 36.76
N PRO B 119 -5.82 -11.57 35.56
CA PRO B 119 -4.69 -11.27 34.66
C PRO B 119 -3.84 -10.10 35.11
N VAL B 120 -4.32 -9.23 35.98
CA VAL B 120 -3.51 -8.11 36.45
C VAL B 120 -2.29 -8.60 37.21
N ILE B 121 -2.49 -9.62 38.06
CA ILE B 121 -1.37 -10.16 38.83
C ILE B 121 -0.30 -10.71 37.91
N MET B 122 -0.70 -11.44 36.86
CA MET B 122 0.27 -12.01 35.95
C MET B 122 0.95 -10.94 35.09
N TYR B 123 0.22 -9.91 34.68
CA TYR B 123 0.85 -8.84 33.93
C TYR B 123 1.83 -8.06 34.81
N CYS B 124 1.61 -8.07 36.13
CA CYS B 124 2.60 -7.50 37.03
C CYS B 124 3.93 -8.25 36.94
N PHE B 125 3.87 -9.58 36.84
CA PHE B 125 5.09 -10.38 36.70
C PHE B 125 5.66 -10.33 35.30
N PHE B 126 4.87 -9.97 34.29
CA PHE B 126 5.33 -9.91 32.91
C PHE B 126 4.80 -8.60 32.32
N GLY B 127 5.65 -7.58 32.27
CA GLY B 127 5.24 -6.31 31.71
C GLY B 127 6.36 -5.29 31.66
N THR B 128 6.51 -4.62 30.52
CA THR B 128 7.56 -3.62 30.35
C THR B 128 7.11 -2.24 30.79
N SER B 129 5.91 -1.83 30.35
CA SER B 129 5.39 -0.52 30.74
C SER B 129 5.08 -0.49 32.24
N ARG B 130 5.37 0.66 32.85
CA ARG B 130 5.20 0.83 34.28
C ARG B 130 4.08 1.80 34.64
N HIS B 131 3.25 2.19 33.66
CA HIS B 131 2.14 3.10 33.93
C HIS B 131 0.87 2.69 33.20
N ILE B 132 0.72 1.40 32.89
CA ILE B 132 -0.39 0.91 32.09
C ILE B 132 -1.35 0.14 32.98
N SER B 133 -2.64 0.35 32.80
CA SER B 133 -3.68 -0.37 33.53
C SER B 133 -4.18 -1.55 32.71
N ILE B 134 -4.62 -2.59 33.41
CA ILE B 134 -5.08 -3.82 32.79
C ILE B 134 -6.49 -4.13 33.28
N GLY B 135 -7.38 -4.46 32.37
CA GLY B 135 -8.75 -4.78 32.71
C GLY B 135 -9.57 -5.28 31.54
N PRO B 136 -10.89 -5.27 31.68
CA PRO B 136 -11.74 -5.87 30.64
C PRO B 136 -11.83 -5.05 29.37
N PHE B 137 -11.72 -3.73 29.47
CA PHE B 137 -11.84 -2.82 28.30
C PHE B 137 -13.28 -2.87 27.74
N ALA B 138 -13.54 -2.11 26.69
CA ALA B 138 -14.89 -1.96 26.15
C ALA B 138 -15.10 -2.64 24.81
N VAL B 139 -14.24 -2.33 23.84
CA VAL B 139 -14.38 -2.92 22.46
C VAL B 139 -14.30 -4.44 22.55
N ILE B 140 -13.35 -4.96 23.34
CA ILE B 140 -13.18 -6.40 23.48
C ILE B 140 -14.44 -7.03 24.06
N SER B 141 -15.02 -6.39 25.07
CA SER B 141 -16.25 -6.90 25.66
C SER B 141 -17.39 -6.92 24.64
N LEU B 142 -17.49 -5.86 23.83
CA LEU B 142 -18.53 -5.80 22.80
C LEU B 142 -18.38 -6.94 21.80
N MET B 143 -17.15 -7.19 21.35
CA MET B 143 -16.92 -8.24 20.37
C MET B 143 -17.19 -9.63 20.97
N ILE B 144 -16.78 -9.84 22.22
CA ILE B 144 -17.06 -11.10 22.89
C ILE B 144 -18.57 -11.32 23.02
N GLY B 145 -19.30 -10.28 23.42
CA GLY B 145 -20.74 -10.41 23.55
C GLY B 145 -21.42 -10.68 22.23
N GLY B 146 -20.98 -9.99 21.16
CA GLY B 146 -21.55 -10.25 19.85
C GLY B 146 -21.32 -11.68 19.38
N VAL B 147 -20.10 -12.19 19.59
CA VAL B 147 -19.80 -13.56 19.21
C VAL B 147 -20.66 -14.54 20.00
N ALA B 148 -20.77 -14.32 21.31
CA ALA B 148 -21.55 -15.23 22.15
C ALA B 148 -23.02 -15.21 21.76
N VAL B 149 -23.56 -14.03 21.47
CA VAL B 149 -24.97 -13.95 21.08
C VAL B 149 -25.19 -14.63 19.74
N ARG B 150 -24.31 -14.38 18.76
CA ARG B 150 -24.49 -14.96 17.43
C ARG B 150 -24.38 -16.48 17.47
N LEU B 151 -23.40 -17.02 18.20
CA LEU B 151 -23.19 -18.46 18.18
C LEU B 151 -24.24 -19.18 19.01
N VAL B 152 -24.66 -18.59 20.12
CA VAL B 152 -25.70 -19.15 20.98
C VAL B 152 -26.86 -18.16 21.01
N PRO B 153 -27.91 -18.38 20.22
CA PRO B 153 -29.04 -17.45 20.20
C PRO B 153 -29.87 -17.57 21.47
N ASP B 154 -30.77 -16.60 21.65
CA ASP B 154 -31.62 -16.53 22.82
C ASP B 154 -32.93 -17.29 22.64
N ASP B 155 -33.19 -17.87 21.47
CA ASP B 155 -34.43 -18.59 21.22
C ASP B 155 -34.27 -20.09 21.25
N ILE B 156 -33.07 -20.61 21.00
CA ILE B 156 -32.84 -22.05 20.96
C ILE B 156 -32.67 -22.56 22.39
N VAL B 157 -33.61 -23.36 22.85
CA VAL B 157 -33.57 -23.97 24.18
C VAL B 157 -33.80 -25.47 24.03
N ILE B 158 -32.96 -26.27 24.68
CA ILE B 158 -33.10 -27.72 24.68
C ILE B 158 -34.29 -28.08 25.56
N PRO B 159 -35.31 -28.77 25.03
CA PRO B 159 -36.49 -29.09 25.84
C PRO B 159 -36.21 -30.05 26.98
N GLY B 160 -35.10 -30.79 26.95
CA GLY B 160 -34.81 -31.75 27.99
C GLY B 160 -34.17 -31.14 29.22
N GLY B 161 -34.81 -30.11 29.77
CA GLY B 161 -34.30 -29.44 30.95
C GLY B 161 -35.29 -29.37 32.09
N VAL B 162 -35.52 -28.16 32.60
CA VAL B 162 -36.47 -27.97 33.71
C VAL B 162 -37.92 -27.94 33.25
N ASN B 163 -38.16 -27.75 31.94
CA ASN B 163 -39.52 -27.69 31.39
C ASN B 163 -40.37 -26.64 32.08
N ALA B 164 -39.75 -25.51 32.40
CA ALA B 164 -40.44 -24.38 33.02
C ALA B 164 -40.87 -23.39 31.95
N THR B 165 -41.56 -22.32 32.39
CA THR B 165 -41.98 -21.29 31.45
C THR B 165 -40.77 -20.57 30.86
N ASN B 166 -39.77 -20.27 31.67
CA ASN B 166 -38.56 -19.59 31.22
C ASN B 166 -37.36 -20.20 31.90
N SER B 167 -36.28 -20.38 31.12
CA SER B 167 -35.01 -20.89 31.64
C SER B 167 -33.88 -20.12 30.98
N THR B 168 -33.05 -19.47 31.81
CA THR B 168 -31.94 -18.67 31.33
C THR B 168 -30.63 -19.11 31.98
N GLU B 169 -30.46 -20.42 32.16
CA GLU B 169 -29.29 -20.98 32.81
C GLU B 169 -28.37 -21.73 31.85
N ALA B 170 -28.91 -22.65 31.05
CA ALA B 170 -28.09 -23.36 30.08
C ALA B 170 -27.54 -22.41 29.03
N ARG B 171 -28.33 -21.41 28.64
CA ARG B 171 -27.86 -20.42 27.68
C ARG B 171 -26.66 -19.66 28.24
N ASP B 172 -26.72 -19.28 29.52
CA ASP B 172 -25.59 -18.59 30.13
C ASP B 172 -24.35 -19.47 30.14
N ALA B 173 -24.50 -20.76 30.45
CA ALA B 173 -23.35 -21.66 30.43
C ALA B 173 -22.76 -21.78 29.04
N LEU B 174 -23.62 -21.87 28.02
CA LEU B 174 -23.12 -21.93 26.65
C LEU B 174 -22.37 -20.66 26.27
N ARG B 175 -22.89 -19.50 26.65
CA ARG B 175 -22.22 -18.25 26.36
C ARG B 175 -20.87 -18.18 27.07
N VAL B 176 -20.82 -18.63 28.32
CA VAL B 176 -19.55 -18.65 29.05
C VAL B 176 -18.54 -19.57 28.36
N LYS B 177 -18.99 -20.75 27.93
CA LYS B 177 -18.07 -21.68 27.25
C LYS B 177 -17.55 -21.09 25.96
N VAL B 178 -18.41 -20.42 25.19
CA VAL B 178 -17.98 -19.78 23.95
C VAL B 178 -16.96 -18.70 24.23
N ALA B 179 -17.22 -17.87 25.25
CA ALA B 179 -16.29 -16.81 25.61
C ALA B 179 -14.94 -17.39 26.04
N MET B 180 -14.97 -18.49 26.79
CA MET B 180 -13.72 -19.11 27.23
C MET B 180 -12.92 -19.65 26.06
N SER B 181 -13.60 -20.30 25.10
CA SER B 181 -12.90 -20.80 23.92
C SER B 181 -12.27 -19.64 23.13
N VAL B 182 -13.03 -18.56 22.94
CA VAL B 182 -12.50 -17.41 22.20
C VAL B 182 -11.30 -16.82 22.92
N THR B 183 -11.39 -16.69 24.24
CA THR B 183 -10.29 -16.12 25.01
C THR B 183 -9.03 -16.98 24.92
N LEU B 184 -9.20 -18.31 25.02
CA LEU B 184 -8.05 -19.20 24.91
C LEU B 184 -7.40 -19.08 23.53
N LEU B 185 -8.22 -19.04 22.48
CA LEU B 185 -7.67 -18.90 21.13
C LEU B 185 -6.92 -17.58 20.98
N THR B 186 -7.48 -16.48 21.51
CA THR B 186 -6.81 -15.19 21.43
C THR B 186 -5.47 -15.21 22.17
N GLY B 187 -5.45 -15.82 23.36
CA GLY B 187 -4.20 -15.89 24.09
C GLY B 187 -3.14 -16.71 23.37
N ILE B 188 -3.54 -17.84 22.80
CA ILE B 188 -2.60 -18.67 22.05
C ILE B 188 -2.06 -17.90 20.85
N ILE B 189 -2.93 -17.21 20.12
CA ILE B 189 -2.51 -16.46 18.95
C ILE B 189 -1.54 -15.34 19.34
N GLN B 190 -1.85 -14.63 20.43
CA GLN B 190 -0.98 -13.56 20.87
C GLN B 190 0.39 -14.09 21.28
N PHE B 191 0.42 -15.20 22.01
CA PHE B 191 1.71 -15.78 22.39
C PHE B 191 2.51 -16.20 21.16
N CYS B 192 1.85 -16.84 20.19
CA CYS B 192 2.54 -17.27 18.99
C CYS B 192 3.10 -16.08 18.21
N LEU B 193 2.33 -15.00 18.12
CA LEU B 193 2.82 -13.80 17.43
C LEU B 193 3.98 -13.18 18.18
N GLY B 194 3.91 -13.13 19.51
CA GLY B 194 4.98 -12.53 20.28
C GLY B 194 6.28 -13.30 20.18
N VAL B 195 6.21 -14.63 20.19
CA VAL B 195 7.42 -15.43 20.08
C VAL B 195 8.03 -15.30 18.69
N CYS B 196 7.20 -15.22 17.66
CA CYS B 196 7.65 -15.19 16.27
C CYS B 196 8.15 -13.80 15.85
N ARG B 197 8.38 -12.90 16.82
CA ARG B 197 8.89 -11.55 16.57
C ARG B 197 7.93 -10.75 15.69
N PHE B 198 6.63 -11.01 15.81
CA PHE B 198 5.61 -10.27 15.08
C PHE B 198 5.21 -8.98 15.78
N GLY B 199 5.78 -8.70 16.95
CA GLY B 199 5.46 -7.47 17.65
C GLY B 199 6.08 -6.23 17.04
N PHE B 200 6.92 -6.39 16.03
CA PHE B 200 7.52 -5.23 15.38
C PHE B 200 6.47 -4.37 14.68
N VAL B 201 5.38 -4.97 14.22
CA VAL B 201 4.42 -4.22 13.43
C VAL B 201 3.47 -3.47 14.36
N ALA B 202 3.95 -2.35 14.88
CA ALA B 202 3.13 -1.38 15.56
C ALA B 202 3.51 0.04 15.16
N ILE B 203 4.54 0.21 14.33
CA ILE B 203 4.95 1.52 13.84
C ILE B 203 4.02 2.06 12.77
N TYR B 204 3.14 1.21 12.22
CA TYR B 204 2.19 1.63 11.21
C TYR B 204 0.95 2.29 11.79
N LEU B 205 0.84 2.35 13.12
CA LEU B 205 -0.30 3.00 13.77
C LEU B 205 0.04 4.46 13.97
N THR B 206 -0.33 5.28 12.99
CA THR B 206 -0.07 6.71 13.05
C THR B 206 -0.99 7.34 14.10
N GLU B 207 -0.58 8.51 14.59
CA GLU B 207 -1.35 9.17 15.65
C GLU B 207 -2.77 9.52 15.23
N PRO B 208 -3.02 10.17 14.08
CA PRO B 208 -4.42 10.41 13.68
C PRO B 208 -5.22 9.14 13.50
N LEU B 209 -4.59 8.06 13.02
CA LEU B 209 -5.29 6.79 12.90
C LEU B 209 -5.79 6.31 14.27
N VAL B 210 -4.93 6.36 15.28
CA VAL B 210 -5.31 5.93 16.62
C VAL B 210 -6.40 6.85 17.17
N ARG B 211 -6.26 8.17 16.96
CA ARG B 211 -7.25 9.10 17.47
C ARG B 211 -8.63 8.83 16.87
N GLY B 212 -8.68 8.65 15.55
CA GLY B 212 -9.97 8.37 14.90
C GLY B 212 -10.56 7.04 15.34
N PHE B 213 -9.72 6.01 15.46
CA PHE B 213 -10.20 4.72 15.90
C PHE B 213 -10.79 4.79 17.30
N THR B 214 -10.09 5.49 18.21
CA THR B 214 -10.59 5.59 19.57
C THR B 214 -11.86 6.43 19.66
N THR B 215 -11.96 7.48 18.84
CA THR B 215 -13.19 8.25 18.83
C THR B 215 -14.37 7.43 18.32
N ALA B 216 -14.15 6.64 17.27
CA ALA B 216 -15.21 5.76 16.79
C ALA B 216 -15.60 4.73 17.84
N ALA B 217 -14.61 4.19 18.56
CA ALA B 217 -14.92 3.24 19.62
C ALA B 217 -15.74 3.89 20.73
N ALA B 218 -15.40 5.13 21.09
CA ALA B 218 -16.17 5.83 22.11
C ALA B 218 -17.61 6.06 21.65
N VAL B 219 -17.80 6.43 20.39
CA VAL B 219 -19.15 6.61 19.86
C VAL B 219 -19.93 5.29 19.92
N HIS B 220 -19.28 4.19 19.54
CA HIS B 220 -19.92 2.88 19.62
C HIS B 220 -20.35 2.57 21.05
N VAL B 221 -19.46 2.79 22.01
CA VAL B 221 -19.78 2.48 23.40
C VAL B 221 -20.94 3.32 23.90
N PHE B 222 -20.93 4.62 23.58
CA PHE B 222 -22.02 5.50 24.00
C PHE B 222 -23.35 5.04 23.41
N THR B 223 -23.37 4.74 22.11
CA THR B 223 -24.61 4.29 21.47
C THR B 223 -25.10 2.99 22.07
N SER B 224 -24.18 2.05 22.35
CA SER B 224 -24.56 0.78 22.93
C SER B 224 -25.13 0.94 24.33
N MET B 225 -24.54 1.81 25.15
CA MET B 225 -24.96 1.93 26.54
C MET B 225 -26.14 2.89 26.73
N LEU B 226 -26.52 3.64 25.70
CA LEU B 226 -27.69 4.49 25.80
C LEU B 226 -28.95 3.68 26.11
N LYS B 227 -29.11 2.52 25.48
CA LYS B 227 -30.32 1.73 25.69
C LYS B 227 -30.40 1.23 27.12
N TYR B 228 -29.26 0.86 27.73
CA TYR B 228 -29.27 0.49 29.14
C TYR B 228 -29.56 1.71 30.01
N LEU B 229 -29.09 2.88 29.59
CA LEU B 229 -29.39 4.10 30.35
C LEU B 229 -30.89 4.36 30.40
N PHE B 230 -31.57 4.25 29.26
CA PHE B 230 -33.01 4.46 29.24
C PHE B 230 -33.74 3.39 30.03
N GLY B 231 -33.33 2.13 29.89
CA GLY B 231 -33.98 1.03 30.55
C GLY B 231 -34.96 0.25 29.72
N VAL B 232 -34.74 0.13 28.41
CA VAL B 232 -35.64 -0.57 27.51
C VAL B 232 -34.90 -1.73 26.87
N LYS B 233 -35.53 -2.90 26.88
CA LYS B 233 -34.92 -4.10 26.32
C LYS B 233 -34.95 -4.03 24.79
N THR B 234 -33.82 -4.30 24.16
CA THR B 234 -33.70 -4.28 22.71
C THR B 234 -32.79 -5.41 22.26
N LYS B 235 -33.11 -6.01 21.11
CA LYS B 235 -32.28 -7.08 20.58
C LYS B 235 -30.92 -6.56 20.15
N ARG B 236 -29.89 -7.36 20.35
CA ARG B 236 -28.53 -6.96 20.02
C ARG B 236 -28.26 -7.14 18.53
N TYR B 237 -27.62 -6.14 17.94
CA TYR B 237 -27.21 -6.16 16.54
C TYR B 237 -25.69 -6.18 16.46
N SER B 238 -25.17 -6.92 15.48
CA SER B 238 -23.73 -7.00 15.27
C SER B 238 -23.47 -7.18 13.79
N GLY B 239 -22.49 -6.44 13.27
CA GLY B 239 -22.11 -6.53 11.88
C GLY B 239 -22.04 -5.16 11.25
N ILE B 240 -22.15 -5.14 9.92
CA ILE B 240 -22.06 -3.90 9.16
C ILE B 240 -23.29 -3.05 9.45
N PHE B 241 -23.09 -1.74 9.64
CA PHE B 241 -24.14 -0.80 10.05
C PHE B 241 -24.79 -1.22 11.36
N SER B 242 -23.95 -1.59 12.33
CA SER B 242 -24.47 -1.98 13.64
C SER B 242 -24.96 -0.78 14.43
N VAL B 243 -24.21 0.33 14.40
CA VAL B 243 -24.54 1.48 15.24
C VAL B 243 -25.86 2.11 14.79
N VAL B 244 -26.07 2.22 13.47
CA VAL B 244 -27.30 2.83 12.98
C VAL B 244 -28.51 1.96 13.31
N TYR B 245 -28.36 0.63 13.20
CA TYR B 245 -29.45 -0.26 13.57
C TYR B 245 -29.76 -0.14 15.05
N SER B 246 -28.74 -0.11 15.90
CA SER B 246 -28.97 0.01 17.33
C SER B 246 -29.66 1.32 17.68
N THR B 247 -29.21 2.43 17.07
CA THR B 247 -29.80 3.71 17.42
C THR B 247 -31.23 3.84 16.89
N VAL B 248 -31.51 3.31 15.69
CA VAL B 248 -32.88 3.39 15.20
C VAL B 248 -33.78 2.49 16.04
N ALA B 249 -33.27 1.35 16.50
CA ALA B 249 -34.06 0.48 17.35
C ALA B 249 -34.37 1.15 18.69
N VAL B 250 -33.39 1.79 19.30
CA VAL B 250 -33.64 2.41 20.60
C VAL B 250 -34.54 3.63 20.45
N LEU B 251 -34.40 4.39 19.35
CA LEU B 251 -35.27 5.54 19.15
C LEU B 251 -36.69 5.11 18.81
N GLN B 252 -36.85 3.97 18.14
CA GLN B 252 -38.18 3.47 17.84
C GLN B 252 -38.93 3.08 19.11
N ASN B 253 -38.20 2.67 20.15
CA ASN B 253 -38.79 2.21 21.41
C ASN B 253 -38.50 3.17 22.57
N VAL B 254 -38.50 4.48 22.29
CA VAL B 254 -38.31 5.43 23.37
C VAL B 254 -39.50 5.42 24.33
N LYS B 255 -40.70 5.13 23.83
CA LYS B 255 -41.87 5.08 24.70
C LYS B 255 -41.79 3.89 25.65
N ASN B 256 -42.78 3.79 26.53
CA ASN B 256 -42.86 2.81 27.61
C ASN B 256 -41.53 2.64 28.33
N LEU B 257 -40.79 3.74 28.51
CA LEU B 257 -39.52 3.70 29.22
C LEU B 257 -39.75 3.68 30.72
N ASN B 258 -38.66 3.54 31.47
CA ASN B 258 -38.69 3.56 32.93
C ASN B 258 -38.23 4.94 33.41
N VAL B 259 -39.12 5.63 34.12
CA VAL B 259 -38.81 6.98 34.58
C VAL B 259 -37.80 6.96 35.72
N CYS B 260 -37.88 5.99 36.62
CA CYS B 260 -37.01 5.99 37.80
C CYS B 260 -35.55 5.78 37.41
N SER B 261 -35.29 4.83 36.52
CA SER B 261 -33.92 4.57 36.08
C SER B 261 -33.35 5.79 35.37
N LEU B 262 -34.16 6.42 34.52
CA LEU B 262 -33.71 7.62 33.82
C LEU B 262 -33.38 8.73 34.81
N GLY B 263 -34.24 8.94 35.79
CA GLY B 263 -34.01 9.97 36.78
C GLY B 263 -32.73 9.75 37.57
N VAL B 264 -32.53 8.54 38.08
CA VAL B 264 -31.33 8.27 38.87
C VAL B 264 -30.09 8.36 37.99
N GLY B 265 -30.20 7.92 36.73
CA GLY B 265 -29.08 8.00 35.81
C GLY B 265 -28.64 9.41 35.52
N LEU B 266 -29.59 10.31 35.21
CA LEU B 266 -29.21 11.70 35.02
C LEU B 266 -28.73 12.35 36.32
N MET B 267 -29.29 11.94 37.46
CA MET B 267 -28.81 12.49 38.73
C MET B 267 -27.33 12.17 38.93
N VAL B 268 -26.96 10.90 38.80
CA VAL B 268 -25.57 10.53 39.01
C VAL B 268 -24.68 11.08 37.90
N PHE B 269 -25.21 11.18 36.67
CA PHE B 269 -24.44 11.76 35.57
C PHE B 269 -24.07 13.21 35.87
N GLY B 270 -25.06 14.01 36.29
CA GLY B 270 -24.78 15.39 36.64
C GLY B 270 -23.85 15.50 37.83
N LEU B 271 -24.03 14.62 38.82
CA LEU B 271 -23.14 14.65 39.99
C LEU B 271 -21.69 14.40 39.56
N LEU B 272 -21.48 13.39 38.70
CA LEU B 272 -20.12 13.09 38.24
C LEU B 272 -19.54 14.23 37.43
N LEU B 273 -20.31 14.82 36.53
CA LEU B 273 -19.79 15.91 35.72
C LEU B 273 -19.41 17.10 36.58
N GLY B 274 -20.31 17.48 37.49
CA GLY B 274 -20.03 18.60 38.38
C GLY B 274 -18.84 18.33 39.28
N GLY B 275 -18.74 17.11 39.82
CA GLY B 275 -17.62 16.77 40.66
C GLY B 275 -16.30 16.80 39.93
N LYS B 276 -16.27 16.28 38.70
CA LYS B 276 -15.03 16.29 37.93
C LYS B 276 -14.60 17.71 37.59
N GLU B 277 -15.55 18.56 37.16
CA GLU B 277 -15.18 19.94 36.87
C GLU B 277 -14.73 20.68 38.12
N PHE B 278 -15.41 20.43 39.26
CA PHE B 278 -15.01 21.06 40.52
C PHE B 278 -13.62 20.62 40.93
N ASN B 279 -13.32 19.32 40.82
CA ASN B 279 -12.00 18.82 41.19
C ASN B 279 -10.93 19.39 40.28
N GLU B 280 -11.23 19.53 38.99
CA GLU B 280 -10.29 20.16 38.08
C GLU B 280 -10.03 21.61 38.49
N ARG B 281 -11.08 22.32 38.88
CA ARG B 281 -10.93 23.69 39.36
C ARG B 281 -10.41 23.77 40.80
N PHE B 282 -10.76 22.82 41.66
CA PHE B 282 -10.39 22.89 43.07
C PHE B 282 -8.89 22.60 43.23
N LYS B 283 -8.28 23.22 44.24
CA LYS B 283 -6.85 23.10 44.50
C LYS B 283 -6.52 21.78 45.20
N GLU B 284 -6.73 20.68 44.47
CA GLU B 284 -6.43 19.34 44.95
C GLU B 284 -5.04 18.89 44.52
N LYS B 285 -4.14 19.85 44.28
CA LYS B 285 -2.78 19.51 43.90
C LYS B 285 -2.02 18.85 45.06
N LEU B 286 -2.08 19.49 46.23
CA LEU B 286 -1.40 18.96 47.44
C LEU B 286 -2.18 17.75 47.97
N PRO B 287 -3.53 17.75 48.09
CA PRO B 287 -4.24 16.56 48.59
C PRO B 287 -4.36 15.50 47.51
N ALA B 288 -5.11 14.44 47.81
CA ALA B 288 -5.35 13.36 46.86
C ALA B 288 -6.77 13.49 46.31
N PRO B 289 -6.94 13.33 44.99
CA PRO B 289 -8.29 13.41 44.41
C PRO B 289 -9.24 12.37 45.00
N ILE B 290 -10.48 12.77 45.25
CA ILE B 290 -11.44 11.87 45.90
C ILE B 290 -11.99 10.88 44.87
N PRO B 291 -12.34 9.66 45.27
CA PRO B 291 -12.93 8.70 44.32
C PRO B 291 -14.36 9.01 43.96
N LEU B 292 -14.56 9.85 42.93
CA LEU B 292 -15.91 10.21 42.51
C LEU B 292 -16.76 8.98 42.21
N GLU B 293 -16.19 8.02 41.47
CA GLU B 293 -16.96 6.86 41.04
C GLU B 293 -17.36 5.98 42.22
N PHE B 294 -16.45 5.81 43.18
CA PHE B 294 -16.77 5.01 44.37
C PHE B 294 -17.91 5.65 45.16
N PHE B 295 -17.86 6.96 45.35
CA PHE B 295 -18.96 7.65 46.02
C PHE B 295 -20.26 7.50 45.24
N ALA B 296 -20.18 7.59 43.91
CA ALA B 296 -21.38 7.48 43.08
C ALA B 296 -22.02 6.11 43.24
N VAL B 297 -21.21 5.05 43.17
CA VAL B 297 -21.78 3.70 43.26
C VAL B 297 -22.32 3.45 44.67
N VAL B 298 -21.63 3.97 45.69
CA VAL B 298 -22.11 3.80 47.06
C VAL B 298 -23.46 4.50 47.24
N MET B 299 -23.58 5.74 46.75
CA MET B 299 -24.83 6.46 46.87
C MET B 299 -25.95 5.76 46.10
N GLY B 300 -25.65 5.28 44.89
CA GLY B 300 -26.64 4.61 44.09
C GLY B 300 -27.16 3.35 44.75
N THR B 301 -26.25 2.50 45.25
CA THR B 301 -26.70 1.27 45.90
C THR B 301 -27.44 1.58 47.19
N GLY B 302 -27.01 2.61 47.93
CA GLY B 302 -27.71 2.96 49.15
C GLY B 302 -29.13 3.44 48.89
N ILE B 303 -29.31 4.29 47.88
CA ILE B 303 -30.65 4.78 47.54
C ILE B 303 -31.53 3.64 47.06
N SER B 304 -30.98 2.77 46.20
CA SER B 304 -31.77 1.66 45.69
C SER B 304 -32.19 0.71 46.81
N ALA B 305 -31.29 0.42 47.75
CA ALA B 305 -31.64 -0.43 48.87
C ALA B 305 -32.66 0.23 49.78
N GLY B 306 -32.49 1.53 50.05
CA GLY B 306 -33.38 2.22 50.97
C GLY B 306 -34.76 2.51 50.42
N PHE B 307 -34.92 2.53 49.09
CA PHE B 307 -36.21 2.76 48.48
C PHE B 307 -36.83 1.52 47.87
N SER B 308 -36.14 0.39 47.90
CA SER B 308 -36.64 -0.88 47.37
C SER B 308 -37.12 -0.71 45.92
N LEU B 309 -36.24 -0.12 45.10
CA LEU B 309 -36.61 0.25 43.73
C LEU B 309 -36.78 -0.95 42.81
N HIS B 310 -36.35 -2.14 43.23
CA HIS B 310 -36.49 -3.31 42.37
C HIS B 310 -37.96 -3.66 42.15
N GLU B 311 -38.77 -3.56 43.20
CA GLU B 311 -40.19 -3.88 43.10
C GLU B 311 -41.10 -2.66 43.18
N SER B 312 -40.64 -1.55 43.76
CA SER B 312 -41.46 -0.34 43.83
C SER B 312 -41.72 0.22 42.44
N TYR B 313 -40.72 0.19 41.56
CA TYR B 313 -40.86 0.74 40.21
C TYR B 313 -40.34 -0.19 39.13
N ASN B 314 -39.90 -1.39 39.47
CA ASN B 314 -39.42 -2.39 38.51
C ASN B 314 -38.25 -1.85 37.69
N VAL B 315 -37.17 -1.50 38.38
CA VAL B 315 -35.95 -1.05 37.75
C VAL B 315 -34.98 -2.23 37.63
N ASP B 316 -34.11 -2.16 36.64
CA ASP B 316 -33.14 -3.22 36.44
C ASP B 316 -32.05 -3.16 37.51
N VAL B 317 -31.54 -4.33 37.88
CA VAL B 317 -30.55 -4.44 38.95
C VAL B 317 -29.41 -5.32 38.46
N VAL B 318 -28.27 -5.22 39.13
CA VAL B 318 -27.11 -6.03 38.77
C VAL B 318 -27.38 -7.50 38.98
N GLY B 319 -28.16 -7.85 40.00
CA GLY B 319 -28.53 -9.22 40.26
C GLY B 319 -27.71 -9.86 41.36
N THR B 320 -27.96 -11.15 41.54
CA THR B 320 -27.26 -11.91 42.59
C THR B 320 -25.79 -12.06 42.26
N LEU B 321 -24.95 -11.93 43.29
CA LEU B 321 -23.50 -12.00 43.14
C LEU B 321 -22.95 -13.11 44.02
N PRO B 322 -22.62 -14.27 43.45
CA PRO B 322 -22.07 -15.36 44.27
C PRO B 322 -20.78 -14.95 44.96
N LEU B 323 -20.60 -15.44 46.17
CA LEU B 323 -19.50 -15.06 47.05
C LEU B 323 -18.57 -16.25 47.24
N GLY B 324 -17.35 -16.14 46.73
CA GLY B 324 -16.36 -17.18 46.90
C GLY B 324 -15.41 -17.22 45.73
N LEU B 325 -14.69 -18.34 45.62
CA LEU B 325 -13.71 -18.55 44.58
C LEU B 325 -13.97 -19.89 43.91
N LEU B 326 -13.61 -19.99 42.63
CA LEU B 326 -13.95 -21.15 41.84
C LEU B 326 -12.71 -21.86 41.30
N PRO B 327 -12.65 -23.18 41.39
CA PRO B 327 -11.44 -23.91 41.02
C PRO B 327 -11.19 -23.86 39.52
N PRO B 328 -9.95 -24.02 39.08
CA PRO B 328 -9.65 -23.97 37.65
C PRO B 328 -10.32 -25.10 36.88
N ALA B 329 -10.68 -24.81 35.64
CA ALA B 329 -11.34 -25.76 34.76
C ALA B 329 -10.67 -25.73 33.39
N ASN B 330 -10.77 -26.86 32.69
CA ASN B 330 -10.21 -26.99 31.35
C ASN B 330 -11.28 -26.59 30.34
N PRO B 331 -11.03 -25.62 29.48
CA PRO B 331 -12.07 -25.18 28.54
C PRO B 331 -12.16 -26.06 27.31
N ASP B 332 -13.32 -25.99 26.66
CA ASP B 332 -13.55 -26.78 25.46
C ASP B 332 -12.63 -26.33 24.33
N THR B 333 -12.08 -27.31 23.61
CA THR B 333 -11.20 -27.05 22.48
C THR B 333 -11.78 -27.62 21.19
N SER B 334 -13.10 -27.79 21.15
CA SER B 334 -13.77 -28.34 19.97
C SER B 334 -14.53 -27.29 19.18
N LEU B 335 -14.64 -26.07 19.67
CA LEU B 335 -15.34 -24.99 18.97
C LEU B 335 -14.41 -24.12 18.15
N PHE B 336 -13.12 -24.44 18.10
CA PHE B 336 -12.14 -23.57 17.46
C PHE B 336 -12.41 -23.40 15.97
N HIS B 337 -13.10 -24.35 15.34
CA HIS B 337 -13.37 -24.28 13.91
C HIS B 337 -14.59 -23.43 13.56
N LEU B 338 -15.05 -22.58 14.48
CA LEU B 338 -16.00 -21.52 14.18
C LEU B 338 -15.59 -20.16 14.70
N VAL B 339 -14.63 -20.08 15.62
CA VAL B 339 -14.30 -18.83 16.31
C VAL B 339 -12.84 -18.46 16.09
N TYR B 340 -12.31 -18.77 14.92
CA TYR B 340 -10.90 -18.48 14.66
C TYR B 340 -10.68 -17.08 14.09
N VAL B 341 -11.57 -16.58 13.24
CA VAL B 341 -11.38 -15.27 12.63
C VAL B 341 -11.56 -14.17 13.68
N ASP B 342 -12.65 -14.26 14.46
CA ASP B 342 -12.93 -13.24 15.45
C ASP B 342 -11.86 -13.22 16.55
N ALA B 343 -11.27 -14.38 16.85
CA ALA B 343 -10.15 -14.41 17.79
C ALA B 343 -8.98 -13.61 17.26
N ILE B 344 -8.68 -13.76 15.96
CA ILE B 344 -7.61 -12.96 15.34
C ILE B 344 -7.94 -11.47 15.44
N ALA B 345 -9.20 -11.11 15.17
CA ALA B 345 -9.60 -9.71 15.25
C ALA B 345 -9.40 -9.16 16.66
N ILE B 346 -9.82 -9.93 17.67
CA ILE B 346 -9.68 -9.49 19.06
C ILE B 346 -8.22 -9.32 19.41
N ALA B 347 -7.38 -10.29 19.03
CA ALA B 347 -5.96 -10.21 19.36
C ALA B 347 -5.33 -8.97 18.73
N ILE B 348 -5.63 -8.73 17.44
CA ILE B 348 -5.03 -7.60 16.73
C ILE B 348 -5.48 -6.29 17.38
N VAL B 349 -6.78 -6.15 17.65
CA VAL B 349 -7.29 -4.90 18.19
C VAL B 349 -6.71 -4.64 19.58
N GLY B 350 -6.69 -5.67 20.43
CA GLY B 350 -6.15 -5.50 21.77
C GLY B 350 -4.68 -5.15 21.76
N PHE B 351 -3.89 -5.84 20.93
CA PHE B 351 -2.47 -5.53 20.85
C PHE B 351 -2.25 -4.10 20.36
N SER B 352 -2.99 -3.69 19.33
CA SER B 352 -2.81 -2.34 18.80
C SER B 352 -3.13 -1.29 19.86
N VAL B 353 -4.25 -1.46 20.55
CA VAL B 353 -4.64 -0.47 21.55
C VAL B 353 -3.62 -0.41 22.68
N THR B 354 -3.21 -1.57 23.20
CA THR B 354 -2.31 -1.56 24.34
C THR B 354 -0.93 -1.02 23.96
N ILE B 355 -0.43 -1.37 22.76
CA ILE B 355 0.88 -0.88 22.36
C ILE B 355 0.82 0.62 22.10
N SER B 356 -0.29 1.12 21.53
CA SER B 356 -0.40 2.55 21.32
C SER B 356 -0.39 3.31 22.64
N MET B 357 -1.17 2.84 23.62
CA MET B 357 -1.20 3.52 24.91
C MET B 357 0.16 3.44 25.61
N ALA B 358 0.80 2.27 25.57
CA ALA B 358 2.10 2.11 26.23
C ALA B 358 3.15 3.00 25.59
N LYS B 359 3.17 3.08 24.26
CA LYS B 359 4.15 3.92 23.57
C LYS B 359 3.89 5.40 23.81
N THR B 360 2.62 5.80 23.87
CA THR B 360 2.30 7.19 24.16
C THR B 360 2.76 7.58 25.56
N LEU B 361 2.50 6.70 26.54
CA LEU B 361 2.89 7.02 27.92
C LEU B 361 4.38 6.89 28.15
N ALA B 362 5.06 6.02 27.40
CA ALA B 362 6.48 5.78 27.65
C ALA B 362 7.34 6.96 27.25
N ASN B 363 7.07 7.56 26.09
CA ASN B 363 7.85 8.69 25.62
C ASN B 363 7.73 9.91 26.52
N LYS B 364 6.74 9.94 27.42
CA LYS B 364 6.53 11.11 28.25
C LYS B 364 7.60 11.24 29.32
N HIS B 365 7.70 10.25 30.22
CA HIS B 365 8.52 10.45 31.42
C HIS B 365 10.00 10.17 31.18
N GLY B 366 10.36 8.89 31.01
CA GLY B 366 11.78 8.60 30.97
C GLY B 366 12.32 7.47 30.10
N TYR B 367 11.47 6.67 29.48
CA TYR B 367 11.93 5.38 28.97
C TYR B 367 11.16 4.99 27.71
N GLN B 368 11.43 3.77 27.25
CA GLN B 368 10.78 3.18 26.09
C GLN B 368 10.38 1.75 26.40
N VAL B 369 9.27 1.31 25.82
CA VAL B 369 8.72 -0.02 26.08
C VAL B 369 9.02 -0.94 24.91
N ASP B 370 9.21 -2.22 25.20
CA ASP B 370 9.38 -3.23 24.18
C ASP B 370 8.03 -3.59 23.56
N GLY B 371 8.09 -4.12 22.33
CA GLY B 371 6.88 -4.47 21.61
C GLY B 371 6.51 -5.93 21.73
N ASN B 372 7.48 -6.81 21.52
CA ASN B 372 7.20 -8.25 21.55
C ASN B 372 6.95 -8.73 22.97
N GLN B 373 7.64 -8.15 23.95
CA GLN B 373 7.45 -8.57 25.34
C GLN B 373 6.04 -8.29 25.82
N GLU B 374 5.49 -7.13 25.44
CA GLU B 374 4.10 -6.83 25.80
C GLU B 374 3.14 -7.82 25.17
N LEU B 375 3.40 -8.19 23.91
CA LEU B 375 2.54 -9.17 23.24
C LEU B 375 2.60 -10.52 23.93
N ILE B 376 3.80 -10.97 24.31
CA ILE B 376 3.92 -12.26 24.99
C ILE B 376 3.22 -12.22 26.34
N ALA B 377 3.41 -11.13 27.10
CA ALA B 377 2.75 -11.02 28.39
C ALA B 377 1.24 -11.02 28.25
N LEU B 378 0.71 -10.28 27.27
CA LEU B 378 -0.72 -10.23 27.05
C LEU B 378 -1.26 -11.60 26.67
N GLY B 379 -0.55 -12.33 25.81
CA GLY B 379 -0.98 -13.66 25.44
C GLY B 379 -1.00 -14.62 26.62
N LEU B 380 0.05 -14.58 27.45
CA LEU B 380 0.08 -15.41 28.64
C LEU B 380 -1.07 -15.09 29.57
N CYS B 381 -1.33 -13.80 29.80
CA CYS B 381 -2.42 -13.40 30.67
C CYS B 381 -3.77 -13.88 30.12
N ASN B 382 -3.99 -13.71 28.81
CA ASN B 382 -5.24 -14.13 28.21
C ASN B 382 -5.44 -15.64 28.33
N SER B 383 -4.40 -16.42 28.02
CA SER B 383 -4.54 -17.87 28.07
C SER B 383 -4.79 -18.34 29.50
N THR B 384 -4.01 -17.86 30.45
CA THR B 384 -4.19 -18.33 31.83
C THR B 384 -5.53 -17.86 32.40
N GLY B 385 -5.98 -16.67 32.01
CA GLY B 385 -7.32 -16.25 32.43
C GLY B 385 -8.39 -17.14 31.86
N SER B 386 -8.27 -17.50 30.58
CA SER B 386 -9.21 -18.46 30.00
C SER B 386 -9.17 -19.79 30.74
N LEU B 387 -8.02 -20.13 31.33
CA LEU B 387 -7.95 -21.35 32.14
C LEU B 387 -8.73 -21.19 33.44
N PHE B 388 -8.80 -19.98 33.98
CA PHE B 388 -9.47 -19.72 35.26
C PHE B 388 -10.80 -18.99 35.09
N GLN B 389 -11.53 -19.26 34.01
CA GLN B 389 -12.84 -18.66 33.75
C GLN B 389 -12.77 -17.13 33.71
N THR B 390 -12.05 -16.63 32.70
CA THR B 390 -11.86 -15.20 32.49
C THR B 390 -11.88 -14.90 31.00
N PHE B 391 -12.65 -13.89 30.61
CA PHE B 391 -12.70 -13.51 29.21
C PHE B 391 -11.56 -12.57 28.87
N ALA B 392 -11.52 -12.14 27.61
CA ALA B 392 -10.35 -11.44 27.09
C ALA B 392 -10.17 -10.08 27.76
N ILE B 393 -8.91 -9.63 27.80
CA ILE B 393 -8.53 -8.39 28.45
C ILE B 393 -7.74 -7.54 27.45
N SER B 394 -7.55 -6.28 27.82
CA SER B 394 -6.72 -5.36 27.05
C SER B 394 -6.39 -4.16 27.94
N CYS B 395 -5.81 -3.12 27.36
CA CYS B 395 -5.49 -1.90 28.07
C CYS B 395 -6.66 -0.92 27.97
N SER B 396 -7.09 -0.40 29.11
CA SER B 396 -8.16 0.59 29.15
C SER B 396 -7.54 1.99 29.24
N LEU B 397 -7.98 2.88 28.35
CA LEU B 397 -7.36 4.19 28.25
C LEU B 397 -7.68 5.05 29.47
N SER B 398 -8.93 5.04 29.93
CA SER B 398 -9.32 5.90 31.05
C SER B 398 -8.60 5.50 32.33
N ARG B 399 -8.53 4.20 32.61
CA ARG B 399 -7.84 3.74 33.81
C ARG B 399 -6.35 4.06 33.73
N SER B 400 -5.75 3.91 32.54
CA SER B 400 -4.33 4.23 32.39
C SER B 400 -4.07 5.70 32.65
N LEU B 401 -4.93 6.56 32.10
CA LEU B 401 -4.76 8.01 32.33
C LEU B 401 -4.95 8.35 33.80
N VAL B 402 -5.91 7.71 34.47
CA VAL B 402 -6.13 7.97 35.90
C VAL B 402 -4.92 7.53 36.71
N GLN B 403 -4.38 6.34 36.42
CA GLN B 403 -3.21 5.86 37.14
C GLN B 403 -2.00 6.76 36.90
N GLU B 404 -1.79 7.19 35.66
CA GLU B 404 -0.69 8.11 35.38
C GLU B 404 -0.93 9.47 36.02
N GLY B 405 -2.17 9.94 36.00
CA GLY B 405 -2.52 11.24 36.51
C GLY B 405 -2.68 11.31 38.02
N THR B 406 -2.37 10.23 38.74
CA THR B 406 -2.47 10.21 40.19
C THR B 406 -1.13 10.14 40.89
N GLY B 407 -0.14 9.46 40.30
CA GLY B 407 1.17 9.37 40.91
C GLY B 407 1.79 7.99 40.86
N GLY B 408 1.18 7.09 40.08
CA GLY B 408 1.72 5.76 39.92
C GLY B 408 3.12 5.75 39.35
N LYS B 409 4.00 4.90 39.87
CA LYS B 409 5.38 4.83 39.43
C LYS B 409 5.80 3.44 38.99
N THR B 410 4.95 2.43 39.11
CA THR B 410 5.26 1.07 38.69
C THR B 410 3.96 0.30 38.57
N GLN B 411 4.06 -1.01 38.43
CA GLN B 411 2.90 -1.88 38.31
C GLN B 411 2.36 -2.33 39.67
N LEU B 412 2.96 -1.88 40.77
CA LEU B 412 2.45 -2.24 42.10
C LEU B 412 1.06 -1.68 42.35
N ALA B 413 0.69 -0.59 41.66
CA ALA B 413 -0.69 -0.10 41.75
C ALA B 413 -1.66 -1.15 41.22
N GLY B 414 -1.25 -1.89 40.18
CA GLY B 414 -2.07 -3.01 39.73
C GLY B 414 -2.21 -4.08 40.79
N CYS B 415 -1.13 -4.35 41.54
CA CYS B 415 -1.22 -5.30 42.63
C CYS B 415 -2.19 -4.83 43.71
N LEU B 416 -2.13 -3.53 44.05
CA LEU B 416 -3.06 -3.01 45.05
C LEU B 416 -4.50 -3.10 44.55
N ALA B 417 -4.73 -2.83 43.26
CA ALA B 417 -6.06 -2.99 42.70
C ALA B 417 -6.51 -4.44 42.75
N SER B 418 -5.59 -5.38 42.52
CA SER B 418 -5.92 -6.80 42.61
C SER B 418 -6.32 -7.18 44.04
N LEU B 419 -5.59 -6.68 45.03
CA LEU B 419 -5.98 -6.93 46.41
C LEU B 419 -7.34 -6.31 46.73
N MET B 420 -7.60 -5.10 46.22
CA MET B 420 -8.90 -4.48 46.43
C MET B 420 -10.03 -5.32 45.84
N ILE B 421 -9.85 -5.80 44.61
CA ILE B 421 -10.91 -6.56 43.97
C ILE B 421 -11.06 -7.93 44.63
N LEU B 422 -9.97 -8.50 45.14
CA LEU B 422 -10.07 -9.72 45.93
C LEU B 422 -10.89 -9.48 47.19
N LEU B 423 -10.65 -8.35 47.87
CA LEU B 423 -11.43 -8.01 49.04
C LEU B 423 -12.90 -7.86 48.69
N VAL B 424 -13.19 -7.22 47.56
CA VAL B 424 -14.57 -7.05 47.13
C VAL B 424 -15.23 -8.39 46.87
N ILE B 425 -14.52 -9.29 46.17
CA ILE B 425 -15.13 -10.55 45.74
C ILE B 425 -15.12 -11.63 46.81
N LEU B 426 -14.36 -11.47 47.89
CA LEU B 426 -14.44 -12.40 49.01
C LEU B 426 -15.11 -11.83 50.26
N ALA B 427 -15.39 -10.53 50.30
CA ALA B 427 -15.88 -9.92 51.53
C ALA B 427 -17.29 -9.35 51.42
N THR B 428 -17.54 -8.48 50.45
CA THR B 428 -18.82 -7.79 50.38
C THR B 428 -19.95 -8.75 50.04
N GLY B 429 -19.90 -9.35 48.84
CA GLY B 429 -20.86 -10.37 48.48
C GLY B 429 -22.26 -9.82 48.28
N PHE B 430 -22.87 -9.38 49.38
CA PHE B 430 -24.24 -8.87 49.35
C PHE B 430 -24.32 -7.35 49.31
N LEU B 431 -23.21 -6.65 49.53
CA LEU B 431 -23.26 -5.19 49.58
C LEU B 431 -23.65 -4.59 48.24
N PHE B 432 -23.02 -5.06 47.16
CA PHE B 432 -23.32 -4.57 45.82
C PHE B 432 -24.36 -5.45 45.13
N GLU B 433 -25.50 -5.65 45.79
CA GLU B 433 -26.58 -6.47 45.25
C GLU B 433 -27.69 -5.62 44.63
N SER B 434 -28.14 -4.57 45.31
CA SER B 434 -29.17 -3.68 44.80
C SER B 434 -28.49 -2.48 44.17
N LEU B 435 -28.03 -2.66 42.94
CA LEU B 435 -27.33 -1.62 42.19
C LEU B 435 -27.97 -1.47 40.82
N PRO B 436 -28.66 -0.36 40.54
CA PRO B 436 -29.23 -0.18 39.21
C PRO B 436 -28.15 -0.02 38.15
N GLN B 437 -28.47 -0.45 36.93
CA GLN B 437 -27.54 -0.32 35.82
C GLN B 437 -27.44 1.11 35.31
N ALA B 438 -28.38 1.98 35.68
CA ALA B 438 -28.34 3.37 35.21
C ALA B 438 -27.11 4.09 35.72
N VAL B 439 -26.71 3.83 36.96
CA VAL B 439 -25.51 4.49 37.50
C VAL B 439 -24.26 4.00 36.77
N LEU B 440 -24.21 2.71 36.41
CA LEU B 440 -23.10 2.21 35.63
C LEU B 440 -23.04 2.86 34.26
N SER B 441 -24.21 3.00 33.61
CA SER B 441 -24.26 3.66 32.30
C SER B 441 -23.78 5.10 32.41
N ALA B 442 -24.23 5.81 33.44
CA ALA B 442 -23.79 7.19 33.62
C ALA B 442 -22.29 7.28 33.87
N ILE B 443 -21.75 6.34 34.66
CA ILE B 443 -20.32 6.35 34.94
C ILE B 443 -19.52 6.17 33.65
N VAL B 444 -19.91 5.18 32.83
CA VAL B 444 -19.19 4.93 31.59
C VAL B 444 -19.32 6.13 30.65
N ILE B 445 -20.52 6.71 30.56
CA ILE B 445 -20.73 7.83 29.65
C ILE B 445 -19.89 9.03 30.09
N VAL B 446 -19.83 9.29 31.40
CA VAL B 446 -18.98 10.37 31.91
C VAL B 446 -17.52 10.11 31.59
N ASN B 447 -17.07 8.86 31.78
CA ASN B 447 -15.68 8.53 31.48
C ASN B 447 -15.37 8.69 29.99
N LEU B 448 -16.39 8.58 29.13
CA LEU B 448 -16.18 8.73 27.69
C LEU B 448 -15.83 10.15 27.27
N LYS B 449 -15.93 11.13 28.18
CA LYS B 449 -15.73 12.52 27.80
C LYS B 449 -14.33 12.80 27.28
N GLY B 450 -13.32 12.17 27.89
CA GLY B 450 -11.95 12.39 27.44
C GLY B 450 -11.74 12.01 25.99
N MET B 451 -12.30 10.86 25.58
CA MET B 451 -12.20 10.45 24.19
C MET B 451 -13.13 11.24 23.28
N PHE B 452 -14.26 11.73 23.82
CA PHE B 452 -15.13 12.56 23.01
C PHE B 452 -14.49 13.90 22.67
N MET B 453 -13.66 14.44 23.57
CA MET B 453 -13.03 15.73 23.32
C MET B 453 -11.96 15.66 22.23
N GLN B 454 -11.61 14.45 21.75
CA GLN B 454 -10.59 14.32 20.71
C GLN B 454 -11.03 14.82 19.35
N PHE B 455 -12.24 15.40 19.24
CA PHE B 455 -12.71 15.95 17.97
C PHE B 455 -12.03 17.27 17.62
N SER B 456 -11.25 17.84 18.53
CA SER B 456 -10.60 19.12 18.29
C SER B 456 -9.48 19.04 17.26
N ASP B 457 -9.11 17.85 16.81
CA ASP B 457 -8.05 17.69 15.82
C ASP B 457 -8.49 18.04 14.41
N LEU B 458 -9.80 18.22 14.17
CA LEU B 458 -10.25 18.53 12.82
C LEU B 458 -9.74 19.89 12.34
N PRO B 459 -9.93 20.99 13.07
CA PRO B 459 -9.39 22.27 12.58
C PRO B 459 -7.87 22.31 12.53
N PHE B 460 -7.20 21.68 13.50
CA PHE B 460 -5.74 21.70 13.51
C PHE B 460 -5.18 20.98 12.30
N PHE B 461 -5.75 19.82 11.95
CA PHE B 461 -5.27 19.10 10.78
C PHE B 461 -5.70 19.78 9.49
N TRP B 462 -6.85 20.46 9.49
CA TRP B 462 -7.24 21.23 8.32
C TRP B 462 -6.26 22.37 8.06
N ARG B 463 -5.80 23.03 9.12
CA ARG B 463 -4.86 24.12 8.96
C ARG B 463 -3.45 23.63 8.62
N THR B 464 -3.01 22.54 9.25
CA THR B 464 -1.62 22.11 9.11
C THR B 464 -1.39 21.37 7.79
N SER B 465 -2.08 20.24 7.59
CA SER B 465 -1.86 19.43 6.40
C SER B 465 -3.09 18.57 6.16
N LYS B 466 -3.61 18.61 4.92
CA LYS B 466 -4.82 17.89 4.59
C LYS B 466 -4.62 16.38 4.53
N ILE B 467 -3.39 15.89 4.46
CA ILE B 467 -3.16 14.45 4.43
C ILE B 467 -3.55 13.81 5.76
N GLU B 468 -3.11 14.40 6.87
CA GLU B 468 -3.47 13.88 8.18
C GLU B 468 -4.97 13.98 8.40
N LEU B 469 -5.59 15.06 7.93
CA LEU B 469 -7.03 15.20 8.03
C LEU B 469 -7.75 14.10 7.25
N THR B 470 -7.26 13.79 6.04
CA THR B 470 -7.86 12.73 5.25
C THR B 470 -7.74 11.39 5.96
N ILE B 471 -6.57 11.11 6.54
CA ILE B 471 -6.40 9.85 7.28
C ILE B 471 -7.36 9.78 8.45
N TRP B 472 -7.46 10.87 9.21
CA TRP B 472 -8.36 10.92 10.35
C TRP B 472 -9.80 10.66 9.94
N LEU B 473 -10.28 11.39 8.91
CA LEU B 473 -11.66 11.25 8.48
C LEU B 473 -11.94 9.85 7.94
N THR B 474 -11.02 9.31 7.15
CA THR B 474 -11.23 7.98 6.59
C THR B 474 -11.28 6.93 7.70
N THR B 475 -10.38 7.02 8.68
CA THR B 475 -10.43 6.08 9.79
C THR B 475 -11.73 6.19 10.56
N PHE B 476 -12.16 7.42 10.86
CA PHE B 476 -13.39 7.61 11.61
C PHE B 476 -14.59 7.04 10.87
N VAL B 477 -14.69 7.33 9.57
CA VAL B 477 -15.83 6.87 8.80
C VAL B 477 -15.81 5.35 8.67
N SER B 478 -14.65 4.77 8.35
CA SER B 478 -14.58 3.33 8.14
C SER B 478 -14.71 2.55 9.44
N SER B 479 -14.47 3.18 10.59
CA SER B 479 -14.63 2.48 11.86
C SER B 479 -15.98 2.75 12.51
N LEU B 480 -16.70 3.78 12.10
CA LEU B 480 -17.99 4.09 12.71
C LEU B 480 -19.13 3.35 12.02
N PHE B 481 -19.33 3.61 10.72
CA PHE B 481 -20.44 2.99 10.01
C PHE B 481 -20.15 1.52 9.72
N LEU B 482 -18.94 1.21 9.25
CA LEU B 482 -18.56 -0.16 8.93
C LEU B 482 -18.15 -0.86 10.23
N GLY B 483 -17.55 -2.04 10.13
CA GLY B 483 -17.11 -2.76 11.30
C GLY B 483 -15.86 -2.13 11.89
N LEU B 484 -15.43 -2.71 13.01
CA LEU B 484 -14.24 -2.22 13.70
C LEU B 484 -12.96 -2.85 13.16
N ASP B 485 -12.95 -4.17 12.99
CA ASP B 485 -11.77 -4.83 12.42
C ASP B 485 -11.56 -4.40 10.98
N TYR B 486 -12.63 -4.43 10.17
CA TYR B 486 -12.53 -3.99 8.78
C TYR B 486 -12.10 -2.53 8.71
N GLY B 487 -12.65 -1.69 9.59
CA GLY B 487 -12.26 -0.30 9.62
C GLY B 487 -10.78 -0.12 9.89
N LEU B 488 -10.26 -0.85 10.88
CA LEU B 488 -8.85 -0.74 11.22
C LEU B 488 -7.97 -1.20 10.07
N ILE B 489 -8.30 -2.33 9.45
CA ILE B 489 -7.46 -2.86 8.36
C ILE B 489 -7.48 -1.91 7.16
N THR B 490 -8.67 -1.44 6.79
CA THR B 490 -8.77 -0.52 5.67
C THR B 490 -8.06 0.80 5.95
N ALA B 491 -8.14 1.28 7.20
CA ALA B 491 -7.45 2.50 7.55
C ALA B 491 -5.94 2.35 7.45
N VAL B 492 -5.42 1.20 7.91
CA VAL B 492 -3.98 0.96 7.79
C VAL B 492 -3.57 0.91 6.32
N ILE B 493 -4.35 0.21 5.49
CA ILE B 493 -4.02 0.11 4.07
C ILE B 493 -4.03 1.49 3.41
N ILE B 494 -5.03 2.30 3.77
CA ILE B 494 -5.11 3.68 3.19
C ILE B 494 -3.95 4.52 3.76
N ALA B 495 -3.62 4.36 5.04
CA ALA B 495 -2.47 5.10 5.63
C ALA B 495 -1.18 4.69 4.94
N LEU B 496 -1.16 3.54 4.26
CA LEU B 496 0.00 3.12 3.49
C LEU B 496 -0.02 3.67 2.07
N MET B 497 -1.19 3.64 1.42
CA MET B 497 -1.29 4.18 0.06
C MET B 497 -1.15 5.70 0.00
N THR B 498 -1.32 6.36 1.15
CA THR B 498 -1.14 7.83 1.21
C THR B 498 0.28 8.17 0.76
N VAL B 499 1.26 7.37 1.18
CA VAL B 499 2.69 7.62 0.80
C VAL B 499 2.84 7.48 -0.72
N ILE B 500 2.22 6.46 -1.32
CA ILE B 500 2.29 6.29 -2.77
C ILE B 500 1.70 7.50 -3.47
N TYR B 501 0.56 7.99 -2.99
CA TYR B 501 -0.01 9.20 -3.57
C TYR B 501 0.95 10.37 -3.43
N ARG B 502 1.56 10.53 -2.26
CA ARG B 502 2.43 11.66 -2.00
C ARG B 502 3.65 11.64 -2.92
N THR B 503 4.22 10.46 -3.16
CA THR B 503 5.35 10.36 -4.06
C THR B 503 4.94 10.30 -5.53
N GLN B 504 3.63 10.19 -5.82
CA GLN B 504 3.15 10.21 -7.20
C GLN B 504 2.87 11.62 -7.72
N SER B 505 2.86 12.63 -6.86
CA SER B 505 2.59 14.01 -7.25
C SER B 505 3.65 14.93 -6.63
N PRO B 506 4.87 14.89 -7.16
CA PRO B 506 5.93 15.75 -6.62
C PRO B 506 5.82 17.17 -7.13
N SER B 507 6.79 18.01 -6.79
CA SER B 507 6.81 19.41 -7.23
C SER B 507 7.94 19.57 -8.24
N TYR B 508 7.58 19.76 -9.50
CA TYR B 508 8.56 19.99 -10.56
C TYR B 508 8.90 21.48 -10.61
N ILE B 509 10.18 21.81 -10.52
CA ILE B 509 10.62 23.19 -10.56
C ILE B 509 11.76 23.34 -11.56
N VAL B 510 11.91 24.55 -12.07
CA VAL B 510 12.99 24.94 -12.97
C VAL B 510 13.91 25.87 -12.21
N LEU B 511 15.19 25.53 -12.16
CA LEU B 511 16.14 26.23 -11.32
C LEU B 511 16.78 27.41 -12.06
N GLY B 512 17.27 28.36 -11.27
CA GLY B 512 18.00 29.49 -11.79
C GLY B 512 19.12 29.87 -10.84
N GLN B 513 20.17 30.44 -11.41
CA GLN B 513 21.41 30.67 -10.68
C GLN B 513 21.41 32.06 -10.05
N LEU B 514 21.78 32.11 -8.77
CA LEU B 514 22.03 33.40 -8.13
C LEU B 514 23.27 34.04 -8.75
N PRO B 515 23.29 35.36 -8.89
CA PRO B 515 24.44 36.00 -9.57
C PRO B 515 25.75 35.70 -8.86
N ASP B 516 26.80 35.52 -9.68
CA ASP B 516 28.20 35.31 -9.30
C ASP B 516 28.38 34.45 -8.05
N THR B 517 27.59 33.38 -7.94
CA THR B 517 27.70 32.41 -6.85
C THR B 517 27.44 31.03 -7.43
N ASP B 518 27.25 30.06 -6.55
CA ASP B 518 26.94 28.68 -6.96
C ASP B 518 25.62 28.21 -6.37
N VAL B 519 24.73 29.14 -6.01
CA VAL B 519 23.45 28.79 -5.41
C VAL B 519 22.38 28.81 -6.50
N TYR B 520 21.69 27.69 -6.67
CA TYR B 520 20.63 27.55 -7.65
C TYR B 520 19.31 27.30 -6.92
N ILE B 521 18.31 28.14 -7.20
CA ILE B 521 17.04 28.12 -6.48
C ILE B 521 15.90 28.31 -7.47
N ASP B 522 14.68 28.25 -6.95
CA ASP B 522 13.49 28.35 -7.81
C ASP B 522 13.48 29.68 -8.56
N ILE B 523 13.19 29.60 -9.87
CA ILE B 523 13.29 30.78 -10.72
C ILE B 523 12.19 31.78 -10.41
N ASP B 524 10.96 31.31 -10.28
CA ASP B 524 9.82 32.21 -10.02
C ASP B 524 9.50 32.29 -8.54
N ALA B 525 10.51 32.57 -7.72
CA ALA B 525 10.28 32.68 -6.28
C ALA B 525 10.98 33.85 -5.60
N TYR B 526 12.05 34.42 -6.18
CA TYR B 526 12.83 35.41 -5.44
C TYR B 526 13.26 36.63 -6.23
N GLU B 527 12.92 36.72 -7.53
CA GLU B 527 12.96 37.96 -8.30
C GLU B 527 14.37 38.44 -8.66
N GLU B 528 15.42 37.79 -8.17
CA GLU B 528 16.78 38.12 -8.60
C GLU B 528 17.59 36.87 -8.86
N VAL B 529 17.00 35.92 -9.59
CA VAL B 529 17.71 34.76 -10.12
C VAL B 529 17.42 34.68 -11.61
N LYS B 530 18.46 34.43 -12.40
CA LYS B 530 18.38 34.47 -13.85
C LYS B 530 18.79 33.13 -14.44
N GLU B 531 18.17 32.76 -15.56
CA GLU B 531 18.57 31.57 -16.27
C GLU B 531 19.96 31.74 -16.85
N VAL B 532 20.77 30.69 -16.78
CA VAL B 532 22.04 30.68 -17.50
C VAL B 532 21.74 30.63 -19.00
N PRO B 533 22.33 31.51 -19.81
CA PRO B 533 21.97 31.56 -21.24
C PRO B 533 22.28 30.25 -21.95
N GLY B 534 21.25 29.66 -22.54
CA GLY B 534 21.40 28.42 -23.27
C GLY B 534 21.33 27.16 -22.43
N ILE B 535 20.96 27.26 -21.17
CA ILE B 535 20.92 26.12 -20.26
C ILE B 535 19.61 26.15 -19.49
N LYS B 536 18.95 24.99 -19.40
CA LYS B 536 17.73 24.82 -18.62
C LYS B 536 17.94 23.72 -17.59
N ILE B 537 17.45 23.96 -16.37
CA ILE B 537 17.66 23.05 -15.25
C ILE B 537 16.30 22.61 -14.72
N PHE B 538 16.16 21.31 -14.46
CA PHE B 538 14.92 20.71 -14.00
C PHE B 538 15.17 19.94 -12.70
N GLN B 539 14.23 20.01 -11.76
CA GLN B 539 14.39 19.32 -10.49
C GLN B 539 13.10 18.62 -10.10
N ILE B 540 13.22 17.38 -9.65
CA ILE B 540 12.10 16.60 -9.12
C ILE B 540 12.50 16.04 -7.76
N ASN B 541 11.66 16.25 -6.76
CA ASN B 541 11.92 15.74 -5.42
C ASN B 541 11.11 14.47 -5.13
N ALA B 542 11.41 13.42 -5.89
CA ALA B 542 10.73 12.15 -5.72
C ALA B 542 11.54 11.06 -6.41
N PRO B 543 11.45 9.81 -5.94
CA PRO B 543 12.08 8.71 -6.67
C PRO B 543 11.44 8.50 -8.02
N ILE B 544 12.22 7.98 -8.96
CA ILE B 544 11.76 7.71 -10.32
C ILE B 544 11.60 6.21 -10.45
N TYR B 545 10.36 5.73 -10.27
CA TYR B 545 10.08 4.30 -10.36
C TYR B 545 8.87 4.07 -11.27
N TYR B 546 8.32 2.86 -11.24
CA TYR B 546 7.32 2.48 -12.24
C TYR B 546 6.07 3.34 -12.15
N ALA B 547 5.61 3.66 -10.94
CA ALA B 547 4.39 4.44 -10.80
C ALA B 547 4.57 5.90 -11.17
N ASN B 548 5.80 6.40 -11.15
CA ASN B 548 6.11 7.78 -11.53
C ASN B 548 7.27 7.75 -12.52
N SER B 549 6.97 7.49 -13.78
CA SER B 549 7.98 7.57 -14.83
C SER B 549 7.50 8.35 -16.04
N ASP B 550 6.24 8.21 -16.42
CA ASP B 550 5.69 8.97 -17.54
C ASP B 550 5.38 10.41 -17.13
N LEU B 551 4.91 10.59 -15.90
CA LEU B 551 4.62 11.94 -15.42
C LEU B 551 5.88 12.80 -15.39
N TYR B 552 7.01 12.22 -14.96
CA TYR B 552 8.26 12.96 -14.95
C TYR B 552 8.68 13.38 -16.35
N SER B 553 8.57 12.47 -17.32
CA SER B 553 8.94 12.80 -18.69
C SER B 553 8.04 13.88 -19.26
N SER B 554 6.72 13.77 -19.02
CA SER B 554 5.79 14.78 -19.52
C SER B 554 6.08 16.14 -18.88
N ALA B 555 6.34 16.17 -17.58
CA ALA B 555 6.64 17.44 -16.92
C ALA B 555 7.94 18.03 -17.43
N LEU B 556 8.95 17.20 -17.69
CA LEU B 556 10.20 17.68 -18.24
C LEU B 556 9.99 18.28 -19.63
N LYS B 557 9.17 17.63 -20.45
CA LYS B 557 8.95 18.13 -21.81
C LYS B 557 8.07 19.38 -21.82
N ARG B 558 7.20 19.54 -20.83
CA ARG B 558 6.27 20.66 -20.83
C ARG B 558 6.81 21.89 -20.10
N LYS B 559 7.26 21.72 -18.85
CA LYS B 559 7.65 22.85 -18.03
C LYS B 559 8.86 23.58 -18.61
N THR B 560 9.85 22.83 -19.11
CA THR B 560 11.02 23.47 -19.70
C THR B 560 10.67 24.16 -21.02
N GLY B 561 9.69 23.65 -21.74
CA GLY B 561 9.28 24.25 -22.99
C GLY B 561 10.04 23.77 -24.21
N VAL B 562 10.74 22.64 -24.11
CA VAL B 562 11.49 22.08 -25.24
C VAL B 562 10.90 20.71 -25.51
N ASN B 563 10.15 20.59 -26.60
CA ASN B 563 9.51 19.33 -26.98
C ASN B 563 10.17 18.76 -28.22
N PRO B 564 10.87 17.62 -28.12
CA PRO B 564 11.60 17.10 -29.28
C PRO B 564 10.71 16.79 -30.48
N ALA B 565 9.50 16.28 -30.25
CA ALA B 565 8.61 15.95 -31.35
C ALA B 565 8.20 17.19 -32.14
N PHE B 566 7.91 18.28 -31.43
CA PHE B 566 7.56 19.53 -32.11
C PHE B 566 8.72 20.04 -32.95
N ILE B 567 9.95 19.96 -32.42
CA ILE B 567 11.12 20.40 -33.16
C ILE B 567 11.29 19.57 -34.42
N LEU B 568 11.16 18.25 -34.29
CA LEU B 568 11.31 17.37 -35.45
C LEU B 568 10.25 17.67 -36.50
N GLY B 569 9.00 17.86 -36.07
CA GLY B 569 7.94 18.17 -37.02
C GLY B 569 8.17 19.49 -37.72
N ALA B 570 8.57 20.52 -36.97
CA ALA B 570 8.83 21.82 -37.59
C ALA B 570 9.98 21.75 -38.59
N ARG B 571 11.05 21.03 -38.24
CA ARG B 571 12.17 20.92 -39.17
C ARG B 571 11.78 20.14 -40.42
N ARG B 572 11.00 19.06 -40.25
CA ARG B 572 10.55 18.31 -41.42
C ARG B 572 9.67 19.16 -42.32
N LYS B 573 8.78 19.96 -41.72
CA LYS B 573 7.95 20.86 -42.51
C LYS B 573 8.80 21.89 -43.25
N ALA B 574 9.83 22.42 -42.59
CA ALA B 574 10.71 23.38 -43.23
C ALA B 574 11.43 22.77 -44.42
N MET B 575 11.96 21.55 -44.26
CA MET B 575 12.61 20.88 -45.38
C MET B 575 11.63 20.61 -46.51
N LYS B 576 10.41 20.19 -46.19
CA LYS B 576 9.42 19.91 -47.22
C LYS B 576 9.05 21.17 -47.99
N LYS B 577 8.89 22.29 -47.28
CA LYS B 577 8.47 23.52 -47.94
C LYS B 577 9.61 24.19 -48.69
N TYR B 578 10.86 23.99 -48.25
CA TYR B 578 11.99 24.63 -48.93
C TYR B 578 12.14 24.10 -50.35
N ALA B 579 11.98 22.79 -50.54
CA ALA B 579 12.21 22.17 -51.84
C ALA B 579 11.05 22.52 -52.78
N LYS B 580 11.16 23.69 -53.40
CA LYS B 580 10.14 24.16 -54.34
C LYS B 580 10.50 23.83 -55.79
N GLU B 581 11.77 23.66 -56.10
CA GLU B 581 12.20 23.35 -57.46
C GLU B 581 13.16 22.16 -57.47
N PRO B 618 31.97 1.93 -32.28
CA PRO B 618 30.86 1.20 -32.91
C PRO B 618 29.50 1.80 -32.58
N ILE B 619 29.47 2.82 -31.73
CA ILE B 619 28.24 3.48 -31.32
C ILE B 619 28.48 4.99 -31.34
N VAL B 620 27.51 5.74 -31.86
CA VAL B 620 27.52 7.19 -31.84
C VAL B 620 26.32 7.68 -31.04
N THR B 621 26.59 8.55 -30.06
CA THR B 621 25.57 8.97 -29.12
C THR B 621 24.96 10.32 -29.42
N LYS B 622 25.68 11.20 -30.12
CA LYS B 622 25.21 12.55 -30.37
C LYS B 622 25.42 12.92 -31.83
N SER B 623 24.36 13.46 -32.46
CA SER B 623 24.40 13.86 -33.86
C SER B 623 23.85 15.26 -34.00
N THR B 624 24.55 16.09 -34.77
CA THR B 624 24.12 17.45 -35.02
C THR B 624 22.95 17.47 -36.00
N LEU B 625 22.16 18.55 -35.92
CA LEU B 625 21.00 18.70 -36.79
C LEU B 625 21.38 19.49 -38.03
N PRO B 626 21.36 18.90 -39.22
CA PRO B 626 21.65 19.66 -40.43
C PRO B 626 20.50 20.60 -40.78
N GLU B 627 20.85 21.83 -41.16
CA GLU B 627 19.85 22.84 -41.46
C GLU B 627 20.45 23.86 -42.41
N GLU B 628 19.64 24.34 -43.35
CA GLU B 628 20.07 25.41 -44.24
C GLU B 628 20.32 26.70 -43.47
N LEU B 629 19.47 27.01 -42.49
CA LEU B 629 19.70 28.08 -41.51
C LEU B 629 19.80 29.45 -42.18
N GLN B 630 18.71 29.85 -42.85
CA GLN B 630 18.60 31.22 -43.34
C GLN B 630 17.47 31.99 -42.68
N ARG B 631 16.23 31.52 -42.81
CA ARG B 631 15.11 32.28 -42.26
C ARG B 631 13.99 31.43 -41.68
N PHE B 632 14.11 30.11 -41.64
CA PHE B 632 13.00 29.25 -41.20
C PHE B 632 13.06 28.89 -39.72
N MET B 633 14.07 29.37 -39.00
CA MET B 633 14.14 29.08 -37.57
C MET B 633 13.06 29.87 -36.83
N PRO B 634 12.22 29.22 -36.04
CA PRO B 634 11.18 29.94 -35.30
C PRO B 634 11.77 30.87 -34.27
N PRO B 635 11.16 32.03 -34.04
CA PRO B 635 11.67 32.94 -33.01
C PRO B 635 11.39 32.44 -31.61
N GLY B 636 12.43 32.01 -30.89
CA GLY B 636 12.26 31.49 -29.55
C GLY B 636 13.55 31.33 -28.79
N ASP B 637 13.61 30.34 -27.91
CA ASP B 637 14.80 30.09 -27.12
C ASP B 637 15.90 29.45 -27.97
N ASN B 638 17.10 29.39 -27.41
CA ASN B 638 18.26 28.81 -28.06
C ASN B 638 18.99 27.88 -27.13
N VAL B 639 18.23 27.06 -26.38
CA VAL B 639 18.83 26.15 -25.42
C VAL B 639 19.64 25.07 -26.15
N HIS B 640 20.82 24.77 -25.63
CA HIS B 640 21.69 23.77 -26.23
C HIS B 640 21.96 22.57 -25.35
N THR B 641 21.70 22.65 -24.05
CA THR B 641 21.88 21.52 -23.15
C THR B 641 20.87 21.60 -22.02
N ILE B 642 20.56 20.44 -21.44
CA ILE B 642 19.63 20.34 -20.33
C ILE B 642 20.32 19.60 -19.20
N ILE B 643 20.23 20.17 -18.00
CA ILE B 643 20.86 19.60 -16.81
C ILE B 643 19.75 19.09 -15.89
N LEU B 644 19.84 17.83 -15.51
CA LEU B 644 18.86 17.21 -14.62
C LEU B 644 19.43 17.09 -13.22
N ASP B 645 18.65 17.53 -12.24
CA ASP B 645 19.03 17.43 -10.84
C ASP B 645 18.62 16.08 -10.30
N PHE B 646 19.55 15.39 -9.63
CA PHE B 646 19.30 14.05 -9.11
C PHE B 646 19.69 13.92 -7.65
N THR B 647 19.84 15.03 -6.92
CA THR B 647 20.18 14.93 -5.51
C THR B 647 19.01 14.41 -4.68
N GLN B 648 17.78 14.74 -5.08
CA GLN B 648 16.59 14.35 -4.32
C GLN B 648 16.06 12.97 -4.68
N VAL B 649 16.65 12.31 -5.67
CA VAL B 649 16.18 10.99 -6.09
C VAL B 649 16.80 9.94 -5.18
N ASN B 650 15.94 9.11 -4.56
CA ASN B 650 16.41 8.12 -3.60
C ASN B 650 16.73 6.78 -4.24
N PHE B 651 15.91 6.33 -5.20
CA PHE B 651 16.13 5.04 -5.84
C PHE B 651 15.51 5.05 -7.22
N MET B 652 15.87 4.05 -8.02
CA MET B 652 15.32 3.87 -9.35
C MET B 652 15.19 2.39 -9.66
N ASP B 653 14.28 2.06 -10.58
CA ASP B 653 14.10 0.69 -11.02
C ASP B 653 14.20 0.57 -12.53
N SER B 654 13.82 -0.59 -13.08
CA SER B 654 14.00 -0.84 -14.51
C SER B 654 13.22 0.16 -15.36
N VAL B 655 12.00 0.49 -14.95
CA VAL B 655 11.18 1.42 -15.72
C VAL B 655 11.81 2.81 -15.75
N GLY B 656 12.34 3.26 -14.61
CA GLY B 656 13.00 4.55 -14.58
C GLY B 656 14.24 4.59 -15.42
N VAL B 657 15.04 3.52 -15.40
CA VAL B 657 16.22 3.45 -16.25
C VAL B 657 15.82 3.49 -17.72
N LYS B 658 14.76 2.75 -18.07
CA LYS B 658 14.29 2.75 -19.46
C LYS B 658 13.84 4.14 -19.89
N THR B 659 13.11 4.85 -19.03
CA THR B 659 12.62 6.16 -19.43
C THR B 659 13.75 7.18 -19.50
N LEU B 660 14.75 7.10 -18.62
CA LEU B 660 15.90 7.98 -18.77
C LEU B 660 16.68 7.68 -20.04
N ALA B 661 16.83 6.40 -20.39
CA ALA B 661 17.51 6.06 -21.63
C ALA B 661 16.75 6.62 -22.83
N GLY B 662 15.42 6.51 -22.80
CA GLY B 662 14.63 7.07 -23.89
C GLY B 662 14.76 8.58 -23.98
N ILE B 663 14.73 9.27 -22.84
CA ILE B 663 14.89 10.72 -22.83
C ILE B 663 16.24 11.13 -23.41
N VAL B 664 17.31 10.46 -22.97
CA VAL B 664 18.64 10.79 -23.45
C VAL B 664 18.75 10.54 -24.94
N LYS B 665 18.23 9.40 -25.42
CA LYS B 665 18.30 9.09 -26.83
C LYS B 665 17.53 10.10 -27.67
N GLU B 666 16.33 10.48 -27.23
CA GLU B 666 15.53 11.43 -28.00
C GLU B 666 16.21 12.79 -28.05
N TYR B 667 16.70 13.27 -26.91
CA TYR B 667 17.31 14.60 -26.91
C TYR B 667 18.64 14.61 -27.66
N GLY B 668 19.37 13.50 -27.64
CA GLY B 668 20.57 13.42 -28.48
C GLY B 668 20.23 13.39 -29.96
N ASP B 669 19.13 12.72 -30.32
CA ASP B 669 18.71 12.70 -31.72
C ASP B 669 18.32 14.09 -32.20
N VAL B 670 17.62 14.86 -31.35
CA VAL B 670 17.24 16.21 -31.75
C VAL B 670 18.47 17.11 -31.84
N GLY B 671 19.40 16.97 -30.91
CA GLY B 671 20.60 17.79 -30.93
C GLY B 671 20.85 18.58 -29.66
N ILE B 672 20.38 18.06 -28.53
CA ILE B 672 20.53 18.72 -27.23
C ILE B 672 21.24 17.75 -26.28
N TYR B 673 22.31 18.23 -25.64
CA TYR B 673 23.00 17.42 -24.64
C TYR B 673 22.16 17.31 -23.38
N VAL B 674 22.33 16.19 -22.67
CA VAL B 674 21.65 15.93 -21.41
C VAL B 674 22.68 15.50 -20.39
N TYR B 675 22.71 16.18 -19.25
CA TYR B 675 23.64 15.88 -18.16
C TYR B 675 22.86 15.56 -16.89
N LEU B 676 23.45 14.72 -16.04
CA LEU B 676 22.88 14.38 -14.75
C LEU B 676 23.82 14.86 -13.66
N ALA B 677 23.27 15.56 -12.67
CA ALA B 677 24.06 16.19 -11.62
C ALA B 677 23.64 15.67 -10.26
N GLY B 678 24.62 15.30 -9.43
CA GLY B 678 24.36 14.92 -8.07
C GLY B 678 23.89 13.49 -7.84
N CYS B 679 24.06 12.61 -8.82
CA CYS B 679 23.63 11.23 -8.65
C CYS B 679 24.38 10.58 -7.50
N SER B 680 23.64 9.90 -6.63
CA SER B 680 24.22 9.27 -5.45
C SER B 680 24.76 7.89 -5.79
N ALA B 681 25.31 7.21 -4.78
CA ALA B 681 25.87 5.88 -4.99
C ALA B 681 24.78 4.87 -5.36
N GLN B 682 23.63 4.94 -4.68
CA GLN B 682 22.55 4.00 -4.95
C GLN B 682 22.00 4.16 -6.36
N VAL B 683 21.81 5.41 -6.80
CA VAL B 683 21.29 5.64 -8.15
C VAL B 683 22.30 5.18 -9.19
N VAL B 684 23.59 5.42 -8.95
CA VAL B 684 24.62 4.96 -9.89
C VAL B 684 24.64 3.44 -9.96
N SER B 685 24.52 2.77 -8.82
CA SER B 685 24.48 1.31 -8.82
C SER B 685 23.25 0.80 -9.55
N ASP B 686 22.10 1.44 -9.34
CA ASP B 686 20.89 1.01 -10.04
C ASP B 686 21.00 1.22 -11.55
N LEU B 687 21.64 2.31 -11.96
CA LEU B 687 21.88 2.53 -13.39
C LEU B 687 22.84 1.50 -13.96
N THR B 688 23.85 1.12 -13.18
CA THR B 688 24.84 0.15 -13.66
C THR B 688 24.26 -1.24 -13.78
N GLN B 689 23.45 -1.66 -12.80
CA GLN B 689 22.90 -3.01 -12.81
C GLN B 689 22.04 -3.24 -14.05
N ASN B 690 21.16 -2.30 -14.36
CA ASN B 690 20.46 -2.35 -15.63
C ASN B 690 21.40 -1.92 -16.75
N GLN B 691 21.06 -2.34 -17.97
CA GLN B 691 21.93 -2.09 -19.13
C GLN B 691 21.80 -0.63 -19.54
N PHE B 692 22.52 0.23 -18.82
CA PHE B 692 22.59 1.65 -19.12
C PHE B 692 23.99 2.12 -19.46
N PHE B 693 24.98 1.75 -18.65
CA PHE B 693 26.36 2.19 -18.86
C PHE B 693 27.08 1.23 -19.81
N GLU B 694 26.58 1.19 -21.05
CA GLU B 694 27.32 0.52 -22.11
C GLU B 694 28.53 1.34 -22.55
N ASN B 695 28.62 2.59 -22.10
CA ASN B 695 29.74 3.50 -22.28
C ASN B 695 30.20 3.70 -23.72
N PRO B 696 29.32 4.10 -24.65
CA PRO B 696 29.83 4.81 -25.83
C PRO B 696 30.40 6.16 -25.41
N ALA B 697 29.57 6.94 -24.72
CA ALA B 697 30.00 8.13 -24.00
C ALA B 697 29.21 8.38 -22.73
N LEU B 698 28.30 7.48 -22.36
CA LEU B 698 27.32 7.77 -21.30
C LEU B 698 27.96 7.87 -19.92
N LEU B 699 29.20 7.41 -19.74
CA LEU B 699 29.83 7.49 -18.44
C LEU B 699 30.31 8.91 -18.13
N ASP B 700 30.46 9.75 -19.15
CA ASP B 700 30.93 11.13 -18.96
C ASP B 700 29.80 12.11 -18.73
N LEU B 701 28.53 11.67 -18.79
CA LEU B 701 27.42 12.60 -18.61
C LEU B 701 27.23 12.97 -17.15
N LEU B 702 27.61 12.09 -16.23
CA LEU B 702 27.37 12.33 -14.82
C LEU B 702 28.25 13.45 -14.28
N PHE B 703 27.72 14.19 -13.29
CA PHE B 703 28.46 15.27 -12.67
C PHE B 703 28.16 15.26 -11.17
N HIS B 704 29.07 15.86 -10.40
CA HIS B 704 28.96 15.83 -8.95
C HIS B 704 28.02 16.87 -8.39
N SER B 705 27.81 17.98 -9.10
CA SER B 705 26.95 19.04 -8.61
C SER B 705 26.45 19.84 -9.80
N ILE B 706 25.42 20.67 -9.55
CA ILE B 706 24.83 21.47 -10.62
C ILE B 706 25.84 22.46 -11.18
N HIS B 707 26.61 23.11 -10.30
CA HIS B 707 27.60 24.07 -10.76
C HIS B 707 28.67 23.40 -11.62
N ASP B 708 29.08 22.18 -11.25
CA ASP B 708 30.04 21.45 -12.06
C ASP B 708 29.48 21.17 -13.45
N ALA B 709 28.21 20.78 -13.54
CA ALA B 709 27.60 20.54 -14.84
C ALA B 709 27.52 21.81 -15.67
N VAL B 710 27.16 22.93 -15.03
CA VAL B 710 27.09 24.20 -15.74
C VAL B 710 28.45 24.59 -16.29
N LEU B 711 29.49 24.48 -15.46
CA LEU B 711 30.83 24.84 -15.89
C LEU B 711 31.33 23.93 -16.99
N GLY B 712 31.03 22.62 -16.89
CA GLY B 712 31.43 21.70 -17.95
C GLY B 712 30.74 22.01 -19.26
N SER B 713 29.44 22.32 -19.21
CA SER B 713 28.73 22.69 -20.43
C SER B 713 29.31 23.97 -21.02
N GLN B 714 29.60 24.96 -20.18
CA GLN B 714 30.14 26.22 -20.68
C GLN B 714 31.49 26.03 -21.33
N VAL B 715 32.38 25.25 -20.70
CA VAL B 715 33.70 25.04 -21.27
C VAL B 715 33.62 24.20 -22.55
N ARG B 716 32.69 23.24 -22.60
CA ARG B 716 32.49 22.46 -23.81
C ARG B 716 32.01 23.34 -24.95
N GLU B 717 31.08 24.25 -24.67
CA GLU B 717 30.60 25.17 -25.71
C GLU B 717 31.71 26.13 -26.14
N ALA B 718 32.51 26.60 -25.19
CA ALA B 718 33.62 27.50 -25.53
C ALA B 718 34.67 26.80 -26.39
N LEU B 719 34.93 25.52 -26.14
CA LEU B 719 35.90 24.78 -26.94
C LEU B 719 35.47 24.69 -28.40
N ALA B 720 34.17 24.77 -28.68
CA ALA B 720 33.66 24.76 -30.05
C ALA B 720 33.39 26.20 -30.49
N GLU B 721 33.49 26.44 -31.79
CA GLU B 721 33.30 27.73 -32.43
C GLU B 721 34.33 28.77 -31.97
N GLN B 722 35.30 28.39 -31.15
CA GLN B 722 36.37 29.27 -30.73
C GLN B 722 37.73 28.59 -30.75
N GLU B 723 37.79 27.36 -31.25
CA GLU B 723 39.05 26.63 -31.33
C GLU B 723 38.97 25.54 -32.40
C1' SAL C . -3.76 -17.42 -25.68
O1' SAL C . -4.15 -18.60 -25.76
O2' SAL C . -3.81 -16.60 -26.61
C1 SAL C . -3.17 -16.97 -24.37
C2 SAL C . -2.11 -16.06 -24.32
C3 SAL C . -1.59 -15.66 -23.10
C4 SAL C . -2.13 -16.14 -21.93
C5 SAL C . -3.18 -17.02 -21.96
C6 SAL C . -3.69 -17.43 -23.16
O2 SAL C . -1.54 -15.56 -25.45
C1' SAL D . -13.89 3.16 27.81
O1' SAL D . -15.10 3.05 28.09
O2' SAL D . -12.97 3.04 28.64
C1 SAL D . -13.53 3.47 26.39
C2 SAL D . -12.44 4.30 26.09
C3 SAL D . -12.13 4.58 24.76
C4 SAL D . -12.87 4.03 23.74
C5 SAL D . -13.94 3.21 24.02
C6 SAL D . -14.26 2.94 25.33
O2 SAL D . -11.68 4.88 27.05
#